data_9UG5
#
_entry.id   9UG5
#
_cell.length_a   81.974
_cell.length_b   144.091
_cell.length_c   158.032
_cell.angle_alpha   90.00
_cell.angle_beta   90.00
_cell.angle_gamma   90.00
#
_symmetry.space_group_name_H-M   'P 21 21 21'
#
loop_
_entity.id
_entity.type
_entity.pdbx_description
1 polymer HA3
2 branched 'N-acetyl-alpha-neuraminic acid-(2-3)-beta-D-galactopyranose-(1-4)-alpha-D-glucopyranose'
3 water water
#
_entity_poly.entity_id   1
_entity_poly.type   'polypeptide(L)'
_entity_poly.pdbx_seq_one_letter_code
;MASWSHPQFEKGALEVLFQGPGYQYSDTIDLADGNYVVSRGDGWILSRQNQILGGSVISNGSTGIVGDLRVNDNAIPYYY
PTPSFNEEYIKNNIQTVFANFTEANQIPIGFEFSKTAPSNKNLYMYLQYTYIRYEIIKVLQHEIIERAVLYVPSLGYVKS
IEFNPGEKINKDFYFLTNDKCILNEQFLYKKILETTKNIPTNNIFNSKVSSTQRVLPYSNGLYVINKGDGYIRTNDKDLI
GTLLIEAGSSGSIIQPRLRNTTRPLFTTSNDAKFSQQYTEERLKDAFNVQLFNTSTSLFKFVEEAPSNKNICIKAYNTYE
KYELIDYQNGSIVNKAEYYLPSLGYCEVTNAPSPESEVVKTQVAEDGFIQNGPEEEIVVGVIDPSENIQEINTAISDNYT
YNIPGIVNNNPFYILFTVNTTGIYKINAQNNLPSLKIYEAIGSGNRNFQSGNLCDDDIKAINYITGFDSPNAKSYLVVLL
NKDKNYYIRVPQTSSNIENQIKFKREEGDLRNLMNSSVNIIDNLNSTGAHYYTRQSPDVHDYISYEFTIPGNFNNKDTSN
IRLYTSYNQGIGTLFRVTETIDGYNLINIQQNLNLLNSTKSIRLLNGAIYILKVEVTELNNYNIKLHIDITN
;
_entity_poly.pdbx_strand_id   A,B,C
#
loop_
_chem_comp.id
_chem_comp.type
_chem_comp.name
_chem_comp.formula
GAL D-saccharide, beta linking beta-D-galactopyranose 'C6 H12 O6'
GLC D-saccharide, alpha linking alpha-D-glucopyranose 'C6 H12 O6'
SIA D-saccharide, alpha linking 'N-acetyl-alpha-neuraminic acid' 'C11 H19 N O9'
#
# COMPACT_ATOMS: atom_id res chain seq x y z
N ILE A 29 81.10 -27.32 -7.75
CA ILE A 29 81.02 -26.45 -8.96
C ILE A 29 79.70 -25.68 -8.94
N ASP A 30 79.72 -24.36 -8.70
CA ASP A 30 78.47 -23.62 -8.58
C ASP A 30 78.55 -22.23 -9.23
N LEU A 31 78.87 -21.16 -8.48
CA LEU A 31 78.79 -19.80 -8.97
C LEU A 31 79.04 -18.80 -7.83
N ALA A 32 79.99 -17.85 -8.05
CA ALA A 32 80.17 -16.61 -7.31
C ALA A 32 81.09 -16.80 -6.10
N ASP A 33 82.03 -15.87 -5.88
CA ASP A 33 83.11 -16.08 -4.91
C ASP A 33 82.78 -15.42 -3.57
N GLY A 34 83.14 -16.13 -2.48
CA GLY A 34 82.86 -15.70 -1.12
C GLY A 34 82.42 -16.88 -0.23
N ASN A 35 81.99 -16.60 1.00
CA ASN A 35 81.46 -17.61 1.91
C ASN A 35 79.93 -17.57 1.89
N TYR A 36 79.29 -18.74 1.98
CA TYR A 36 77.84 -18.84 1.90
C TYR A 36 77.30 -19.76 2.99
N VAL A 37 76.16 -19.38 3.59
CA VAL A 37 75.45 -20.26 4.51
C VAL A 37 74.30 -20.89 3.71
N VAL A 38 74.15 -22.22 3.81
CA VAL A 38 73.27 -22.97 2.92
C VAL A 38 72.37 -23.91 3.73
N SER A 39 71.09 -23.98 3.37
CA SER A 39 70.17 -24.98 3.89
C SER A 39 69.95 -25.99 2.77
N ARG A 40 70.41 -27.23 2.99
CA ARG A 40 70.28 -28.29 2.01
C ARG A 40 68.91 -28.96 2.15
N GLY A 41 68.15 -28.59 3.18
CA GLY A 41 66.78 -29.03 3.33
C GLY A 41 66.59 -29.97 4.50
N ASP A 42 65.34 -30.40 4.69
CA ASP A 42 64.98 -31.37 5.72
C ASP A 42 64.94 -32.75 5.06
N GLY A 43 64.82 -33.79 5.88
CA GLY A 43 64.65 -35.14 5.37
C GLY A 43 65.97 -35.87 5.20
N TRP A 44 67.02 -35.38 5.85
CA TRP A 44 68.31 -36.04 5.82
C TRP A 44 68.37 -37.13 6.90
N ILE A 45 68.57 -38.37 6.47
CA ILE A 45 68.89 -39.47 7.38
C ILE A 45 70.40 -39.70 7.37
N LEU A 46 70.93 -40.07 8.53
CA LEU A 46 72.36 -40.24 8.69
C LEU A 46 72.76 -41.70 8.49
N SER A 47 74.02 -41.92 8.13
CA SER A 47 74.56 -43.24 7.87
C SER A 47 74.77 -43.97 9.19
N ARG A 48 74.50 -45.30 9.16
CA ARG A 48 74.80 -46.23 10.24
C ARG A 48 73.71 -46.29 11.32
N GLN A 49 72.91 -45.23 11.47
CA GLN A 49 72.08 -45.04 12.65
C GLN A 49 70.61 -45.37 12.37
N ASN A 50 70.35 -46.36 11.51
CA ASN A 50 69.04 -46.51 10.87
C ASN A 50 68.06 -47.23 11.78
N GLN A 51 68.49 -48.35 12.39
CA GLN A 51 67.62 -49.20 13.18
C GLN A 51 67.86 -49.02 14.68
N ILE A 52 68.38 -47.86 15.05
CA ILE A 52 68.98 -47.62 16.34
C ILE A 52 67.92 -47.50 17.44
N LEU A 53 66.63 -47.48 17.06
CA LEU A 53 65.57 -47.36 18.04
C LEU A 53 64.41 -48.32 17.75
N GLY A 54 64.66 -49.29 16.87
CA GLY A 54 63.81 -50.47 16.79
C GLY A 54 62.84 -50.40 15.62
N GLY A 55 62.04 -51.45 15.48
CA GLY A 55 61.04 -51.55 14.44
C GLY A 55 59.91 -52.52 14.85
N SER A 56 58.83 -52.54 14.08
CA SER A 56 57.71 -53.43 14.37
C SER A 56 57.48 -54.38 13.21
N VAL A 57 57.05 -55.61 13.53
CA VAL A 57 56.59 -56.55 12.53
C VAL A 57 55.08 -56.69 12.66
N ILE A 58 54.37 -56.54 11.53
CA ILE A 58 52.92 -56.66 11.54
C ILE A 58 52.51 -57.58 10.40
N SER A 59 51.44 -58.36 10.63
CA SER A 59 51.24 -59.60 9.91
C SER A 59 50.17 -59.47 8.83
N ASN A 60 48.91 -59.45 9.22
CA ASN A 60 47.85 -59.75 8.29
C ASN A 60 46.76 -58.70 8.46
N GLY A 61 46.95 -57.56 7.79
CA GLY A 61 45.93 -56.52 7.78
C GLY A 61 45.99 -55.66 9.03
N SER A 62 46.75 -56.10 10.05
CA SER A 62 47.01 -55.28 11.23
C SER A 62 47.70 -53.99 10.82
N THR A 63 47.43 -52.95 11.61
CA THR A 63 48.07 -51.66 11.44
C THR A 63 49.07 -51.47 12.58
N GLY A 64 50.29 -51.08 12.22
CA GLY A 64 51.29 -50.70 13.20
C GLY A 64 51.40 -49.18 13.25
N ILE A 65 51.47 -48.62 14.46
CA ILE A 65 51.69 -47.20 14.62
C ILE A 65 52.95 -47.00 15.47
N VAL A 66 53.95 -46.35 14.87
CA VAL A 66 55.21 -46.13 15.54
C VAL A 66 55.44 -44.63 15.56
N GLY A 67 56.03 -44.15 16.65
CA GLY A 67 56.21 -42.71 16.81
C GLY A 67 57.25 -42.45 17.90
N ASP A 68 57.67 -41.19 18.00
CA ASP A 68 58.68 -40.79 18.96
C ASP A 68 58.36 -39.36 19.39
N LEU A 69 59.17 -38.82 20.31
CA LEU A 69 59.03 -37.43 20.70
C LEU A 69 60.42 -36.82 20.87
N ARG A 70 60.73 -35.88 19.96
CA ARG A 70 61.96 -35.10 20.02
C ARG A 70 61.95 -34.24 21.29
N VAL A 71 62.97 -34.38 22.12
CA VAL A 71 63.06 -33.67 23.39
C VAL A 71 64.54 -33.49 23.71
N ASN A 72 64.82 -32.60 24.67
CA ASN A 72 66.17 -32.21 25.07
C ASN A 72 67.21 -33.28 24.70
N ASP A 73 67.06 -34.48 25.25
CA ASP A 73 68.10 -35.50 25.25
C ASP A 73 68.32 -36.09 23.85
N ASN A 74 67.25 -36.41 23.12
CA ASN A 74 67.38 -37.13 21.87
C ASN A 74 67.58 -36.17 20.70
N ALA A 75 67.58 -34.87 20.95
CA ALA A 75 67.67 -33.88 19.87
C ALA A 75 69.07 -33.28 19.76
N ILE A 76 70.05 -34.15 19.48
CA ILE A 76 71.46 -33.80 19.47
C ILE A 76 71.87 -33.34 18.08
N PRO A 77 72.32 -32.07 17.90
CA PRO A 77 72.85 -31.63 16.60
C PRO A 77 74.28 -32.09 16.38
N TYR A 78 74.63 -32.38 15.13
CA TYR A 78 75.93 -32.96 14.80
C TYR A 78 76.72 -31.93 13.99
N TYR A 79 77.79 -31.39 14.58
CA TYR A 79 78.66 -30.41 13.92
C TYR A 79 79.80 -31.13 13.20
N TYR A 80 80.06 -30.76 11.95
CA TYR A 80 81.20 -31.27 11.20
C TYR A 80 81.99 -30.08 10.67
N PRO A 81 82.86 -29.48 11.51
CA PRO A 81 83.49 -28.21 11.17
C PRO A 81 84.65 -28.35 10.19
N THR A 82 85.18 -27.19 9.75
CA THR A 82 86.43 -27.10 9.01
C THR A 82 87.26 -25.97 9.63
N PRO A 83 88.58 -25.88 9.37
CA PRO A 83 89.43 -24.84 9.95
C PRO A 83 88.93 -23.41 9.79
N SER A 84 88.35 -23.10 8.62
CA SER A 84 87.78 -21.76 8.39
C SER A 84 86.48 -21.57 9.16
N PHE A 85 85.76 -22.67 9.42
CA PHE A 85 84.39 -22.64 9.89
C PHE A 85 84.24 -23.48 11.15
N ASN A 86 84.40 -22.81 12.29
CA ASN A 86 84.28 -23.33 13.64
C ASN A 86 82.81 -23.64 13.93
N GLU A 87 82.56 -24.43 14.97
CA GLU A 87 81.20 -24.72 15.44
C GLU A 87 80.45 -23.40 15.68
N GLU A 88 81.06 -22.48 16.43
CA GLU A 88 80.45 -21.20 16.75
C GLU A 88 80.06 -20.45 15.49
N TYR A 89 80.96 -20.40 14.51
CA TYR A 89 80.71 -19.68 13.27
C TYR A 89 79.53 -20.32 12.55
N ILE A 90 79.49 -21.65 12.54
CA ILE A 90 78.44 -22.41 11.86
C ILE A 90 77.09 -22.13 12.54
N LYS A 91 77.05 -22.28 13.86
CA LYS A 91 75.86 -22.02 14.67
C LYS A 91 75.36 -20.61 14.36
N ASN A 92 76.18 -19.60 14.67
CA ASN A 92 75.75 -18.21 14.64
C ASN A 92 75.20 -17.83 13.28
N ASN A 93 75.86 -18.27 12.20
CA ASN A 93 75.47 -17.89 10.85
C ASN A 93 74.18 -18.59 10.42
N ILE A 94 73.98 -19.83 10.89
CA ILE A 94 72.79 -20.58 10.55
C ILE A 94 71.61 -20.06 11.35
N GLN A 95 71.83 -19.69 12.62
CA GLN A 95 70.76 -19.22 13.49
C GLN A 95 70.42 -17.74 13.23
N THR A 96 71.32 -17.02 12.55
CA THR A 96 71.02 -15.66 12.12
C THR A 96 69.97 -15.69 11.00
N VAL A 97 70.13 -16.60 10.03
CA VAL A 97 69.29 -16.62 8.83
C VAL A 97 68.11 -17.58 9.04
N PHE A 98 68.38 -18.72 9.68
CA PHE A 98 67.46 -19.84 9.73
C PHE A 98 67.04 -20.11 11.18
N ALA A 99 66.24 -21.17 11.36
CA ALA A 99 65.70 -21.58 12.65
C ALA A 99 66.77 -21.47 13.74
N ASN A 100 66.41 -20.87 14.87
CA ASN A 100 67.18 -21.07 16.07
C ASN A 100 66.80 -22.42 16.68
N PHE A 101 67.70 -23.39 16.53
CA PHE A 101 67.46 -24.76 16.98
C PHE A 101 67.90 -24.96 18.43
N THR A 102 68.45 -23.92 19.08
CA THR A 102 68.87 -24.03 20.47
C THR A 102 67.70 -23.64 21.39
N GLU A 103 66.72 -22.90 20.87
CA GLU A 103 65.53 -22.57 21.64
C GLU A 103 64.41 -23.57 21.33
N ALA A 104 64.44 -24.15 20.12
CA ALA A 104 63.39 -25.04 19.63
C ALA A 104 63.53 -26.46 20.23
N ASN A 105 64.74 -26.85 20.62
CA ASN A 105 65.00 -28.23 21.05
C ASN A 105 64.57 -28.46 22.49
N GLN A 106 63.96 -27.43 23.12
CA GLN A 106 63.45 -27.53 24.48
C GLN A 106 61.99 -28.01 24.46
N ILE A 107 61.21 -27.49 23.51
CA ILE A 107 59.79 -27.76 23.42
C ILE A 107 59.54 -29.12 22.77
N PRO A 108 59.04 -30.13 23.52
CA PRO A 108 58.86 -31.48 22.99
C PRO A 108 57.76 -31.63 21.95
N ILE A 109 58.14 -32.20 20.81
CA ILE A 109 57.31 -32.34 19.63
C ILE A 109 57.27 -33.81 19.23
N GLY A 110 56.07 -34.28 18.91
CA GLY A 110 55.84 -35.67 18.57
C GLY A 110 55.52 -35.86 17.08
N PHE A 111 55.75 -37.09 16.62
CA PHE A 111 55.35 -37.52 15.30
C PHE A 111 55.15 -39.02 15.33
N GLU A 112 54.29 -39.50 14.45
CA GLU A 112 53.99 -40.92 14.37
C GLU A 112 53.70 -41.29 12.92
N PHE A 113 53.90 -42.56 12.63
CA PHE A 113 53.58 -43.12 11.33
C PHE A 113 52.69 -44.35 11.52
N SER A 114 51.84 -44.59 10.54
CA SER A 114 50.91 -45.71 10.62
C SER A 114 50.90 -46.42 9.29
N LYS A 115 51.35 -47.69 9.29
CA LYS A 115 51.39 -48.50 8.08
C LYS A 115 50.58 -49.77 8.33
N THR A 116 49.82 -50.18 7.30
CA THR A 116 48.91 -51.30 7.41
C THR A 116 49.45 -52.43 6.53
N ALA A 117 49.85 -53.55 7.18
CA ALA A 117 50.32 -54.73 6.46
C ALA A 117 49.18 -55.27 5.60
N PRO A 118 49.47 -55.81 4.38
CA PRO A 118 48.46 -56.52 3.60
C PRO A 118 48.15 -57.90 4.19
N SER A 119 47.19 -58.63 3.61
CA SER A 119 46.87 -59.96 4.10
C SER A 119 47.91 -61.00 3.65
N ASN A 120 48.39 -60.92 2.42
CA ASN A 120 49.24 -61.96 1.86
C ASN A 120 50.73 -61.70 2.14
N LYS A 121 51.07 -60.89 3.15
CA LYS A 121 52.46 -60.64 3.51
C LYS A 121 52.55 -60.26 4.98
N ASN A 122 53.75 -60.39 5.56
CA ASN A 122 54.15 -59.66 6.75
C ASN A 122 54.76 -58.32 6.36
N LEU A 123 55.02 -57.47 7.34
CA LEU A 123 55.58 -56.16 7.08
C LEU A 123 56.45 -55.69 8.25
N TYR A 124 57.66 -55.24 7.90
CA TYR A 124 58.66 -54.78 8.85
C TYR A 124 58.93 -53.30 8.61
N MET A 125 58.64 -52.46 9.62
CA MET A 125 58.87 -51.03 9.55
C MET A 125 59.80 -50.63 10.70
N TYR A 126 60.73 -49.71 10.42
CA TYR A 126 61.65 -49.24 11.43
C TYR A 126 61.77 -47.72 11.30
N LEU A 127 62.15 -47.10 12.42
CA LEU A 127 62.04 -45.66 12.61
C LEU A 127 63.43 -45.05 12.79
N GLN A 128 63.60 -43.84 12.27
CA GLN A 128 64.90 -43.19 12.10
C GLN A 128 64.71 -41.69 12.21
N TYR A 129 65.63 -40.99 12.89
CA TYR A 129 65.53 -39.53 13.00
C TYR A 129 65.91 -38.90 11.67
N THR A 130 65.19 -37.81 11.31
CA THR A 130 65.57 -36.97 10.19
C THR A 130 66.25 -35.70 10.70
N TYR A 131 67.03 -35.07 9.81
CA TYR A 131 67.77 -33.87 10.14
C TYR A 131 67.62 -32.86 9.00
N ILE A 132 67.73 -31.57 9.36
CA ILE A 132 67.93 -30.53 8.39
C ILE A 132 69.44 -30.40 8.24
N ARG A 133 69.90 -30.34 6.99
CA ARG A 133 71.33 -30.29 6.72
C ARG A 133 71.69 -28.87 6.30
N TYR A 134 72.35 -28.14 7.22
CA TYR A 134 72.90 -26.84 6.90
C TYR A 134 74.37 -27.00 6.51
N GLU A 135 74.92 -26.06 5.75
CA GLU A 135 76.32 -26.08 5.36
C GLU A 135 76.87 -24.65 5.30
N ILE A 136 78.18 -24.53 5.57
CA ILE A 136 78.95 -23.31 5.33
C ILE A 136 79.97 -23.65 4.25
N ILE A 137 79.97 -22.92 3.13
CA ILE A 137 80.87 -23.23 2.03
C ILE A 137 81.72 -22.00 1.70
N LYS A 138 82.98 -22.27 1.33
CA LYS A 138 83.89 -21.27 0.79
C LYS A 138 84.01 -21.49 -0.71
N VAL A 139 83.82 -20.43 -1.50
CA VAL A 139 83.78 -20.57 -2.96
C VAL A 139 84.87 -19.70 -3.55
N LEU A 140 85.67 -20.29 -4.46
CA LEU A 140 86.78 -19.61 -5.11
C LEU A 140 86.91 -20.15 -6.52
N GLN A 141 86.73 -19.25 -7.52
CA GLN A 141 86.85 -19.60 -8.92
C GLN A 141 85.75 -20.60 -9.29
N HIS A 142 84.52 -20.37 -8.80
CA HIS A 142 83.33 -21.15 -9.15
C HIS A 142 83.44 -22.59 -8.63
N GLU A 143 84.13 -22.76 -7.50
CA GLU A 143 84.41 -24.09 -6.95
C GLU A 143 84.30 -24.05 -5.43
N ILE A 144 83.76 -25.11 -4.82
CA ILE A 144 83.70 -25.21 -3.37
C ILE A 144 85.02 -25.79 -2.84
N ILE A 145 85.74 -24.97 -2.06
CA ILE A 145 87.06 -25.26 -1.53
C ILE A 145 86.97 -25.82 -0.12
N GLU A 146 85.85 -25.56 0.55
CA GLU A 146 85.73 -25.91 1.96
C GLU A 146 84.24 -25.96 2.30
N ARG A 147 83.86 -26.98 3.08
CA ARG A 147 82.47 -27.21 3.45
C ARG A 147 82.43 -27.70 4.90
N ALA A 148 81.86 -26.88 5.79
CA ALA A 148 81.45 -27.36 7.10
C ALA A 148 79.96 -27.72 7.03
N VAL A 149 79.55 -28.71 7.82
CA VAL A 149 78.17 -29.20 7.82
C VAL A 149 77.62 -29.22 9.23
N LEU A 150 76.31 -28.92 9.35
CA LEU A 150 75.59 -29.04 10.61
C LEU A 150 74.25 -29.74 10.38
N TYR A 151 74.07 -30.86 11.08
CA TYR A 151 72.81 -31.59 11.09
C TYR A 151 72.00 -31.19 12.32
N VAL A 152 70.87 -30.53 12.08
CA VAL A 152 69.95 -30.16 13.14
C VAL A 152 68.78 -31.16 13.16
N PRO A 153 68.45 -31.76 14.32
CA PRO A 153 67.35 -32.72 14.40
C PRO A 153 66.00 -32.13 14.03
N SER A 154 65.25 -32.89 13.23
CA SER A 154 63.95 -32.46 12.74
C SER A 154 62.86 -33.36 13.32
N LEU A 155 62.48 -34.42 12.60
CA LEU A 155 61.47 -35.37 13.05
C LEU A 155 61.96 -36.80 12.82
N GLY A 156 61.35 -37.50 11.85
CA GLY A 156 61.66 -38.90 11.65
C GLY A 156 61.07 -39.46 10.37
N TYR A 157 61.52 -40.67 10.03
CA TYR A 157 61.22 -41.36 8.79
C TYR A 157 61.02 -42.83 9.12
N VAL A 158 59.97 -43.44 8.56
CA VAL A 158 59.84 -44.90 8.68
C VAL A 158 60.10 -45.51 7.31
N LYS A 159 60.83 -46.62 7.36
CA LYS A 159 61.13 -47.43 6.20
C LYS A 159 60.51 -48.80 6.45
N SER A 160 59.74 -49.30 5.48
CA SER A 160 59.05 -50.55 5.64
C SER A 160 59.30 -51.45 4.44
N ILE A 161 59.22 -52.76 4.69
CA ILE A 161 59.41 -53.76 3.66
C ILE A 161 58.44 -54.90 3.96
N GLU A 162 57.97 -55.53 2.88
CA GLU A 162 57.18 -56.75 2.97
C GLU A 162 58.14 -57.92 2.88
N PHE A 163 57.88 -58.98 3.66
CA PHE A 163 58.77 -60.13 3.65
C PHE A 163 58.01 -61.40 3.97
N ASN A 164 58.57 -62.51 3.47
CA ASN A 164 58.20 -63.86 3.87
C ASN A 164 59.38 -64.46 4.60
N PRO A 165 59.17 -65.53 5.41
CA PRO A 165 60.28 -66.29 5.96
C PRO A 165 61.28 -66.70 4.89
N GLU A 167 64.24 -65.69 3.94
CA GLU A 167 64.51 -64.82 2.77
C GLU A 167 65.63 -63.86 3.11
N LYS A 168 66.50 -63.61 2.13
CA LYS A 168 67.55 -62.60 2.25
C LYS A 168 66.95 -61.26 1.85
N ILE A 169 67.13 -60.26 2.72
CA ILE A 169 66.81 -58.87 2.40
C ILE A 169 68.10 -58.13 2.12
N ASN A 170 68.02 -57.17 1.20
CA ASN A 170 69.18 -56.43 0.75
C ASN A 170 69.78 -55.67 1.93
N LYS A 171 71.12 -55.74 2.03
CA LYS A 171 71.89 -55.01 3.03
C LYS A 171 71.46 -53.54 3.09
N ASP A 172 71.19 -52.96 1.91
CA ASP A 172 70.95 -51.53 1.78
C ASP A 172 69.65 -51.11 2.45
N PHE A 173 68.71 -52.05 2.62
CA PHE A 173 67.45 -51.73 3.24
C PHE A 173 67.68 -51.36 4.70
N TYR A 174 68.61 -52.08 5.35
CA TYR A 174 68.78 -51.97 6.79
C TYR A 174 69.80 -50.91 7.15
N PHE A 175 70.71 -50.63 6.22
CA PHE A 175 71.95 -49.95 6.58
C PHE A 175 72.34 -48.94 5.51
N LEU A 176 72.51 -47.69 5.96
CA LEU A 176 72.91 -46.60 5.10
C LEU A 176 74.38 -46.28 5.36
N THR A 177 75.19 -46.26 4.27
CA THR A 177 76.64 -46.11 4.38
C THR A 177 77.02 -44.63 4.18
N ASN A 178 76.15 -43.84 3.53
CA ASN A 178 76.35 -42.42 3.36
C ASN A 178 75.05 -41.64 3.57
N ASP A 179 75.21 -40.47 4.18
CA ASP A 179 74.13 -39.52 4.42
C ASP A 179 73.35 -39.27 3.14
N LYS A 180 72.03 -39.11 3.28
CA LYS A 180 71.08 -39.13 2.18
C LYS A 180 69.81 -38.37 2.58
N CYS A 181 69.22 -37.63 1.64
CA CYS A 181 67.95 -36.96 1.84
C CYS A 181 66.84 -37.83 1.24
N ILE A 182 65.79 -38.06 2.04
CA ILE A 182 64.66 -38.88 1.62
C ILE A 182 63.66 -38.02 0.86
N LEU A 183 63.72 -36.71 1.12
CA LEU A 183 63.05 -35.72 0.31
C LEU A 183 64.04 -35.26 -0.76
N ASN A 184 63.56 -34.38 -1.64
CA ASN A 184 64.41 -33.68 -2.58
C ASN A 184 65.22 -32.65 -1.81
N GLU A 185 66.47 -32.47 -2.23
CA GLU A 185 67.38 -31.58 -1.56
C GLU A 185 67.08 -30.16 -1.99
N GLN A 186 67.63 -29.21 -1.24
CA GLN A 186 67.42 -27.79 -1.48
C GLN A 186 68.78 -27.10 -1.39
N PHE A 187 68.89 -25.90 -1.98
CA PHE A 187 70.08 -25.08 -1.83
C PHE A 187 69.66 -23.63 -1.64
N LEU A 188 69.38 -23.30 -0.38
CA LEU A 188 68.98 -21.97 0.03
C LEU A 188 70.19 -21.29 0.67
N TYR A 189 70.74 -20.25 0.03
CA TYR A 189 72.01 -19.68 0.45
C TYR A 189 71.91 -18.19 0.80
N LYS A 190 72.96 -17.68 1.48
CA LYS A 190 73.17 -16.25 1.65
C LYS A 190 74.66 -15.99 1.82
N LYS A 191 75.21 -14.99 1.10
CA LYS A 191 76.62 -14.64 1.26
C LYS A 191 76.83 -14.11 2.67
N ILE A 192 77.93 -14.53 3.32
CA ILE A 192 78.24 -14.18 4.69
C ILE A 192 79.19 -12.99 4.69
N LEU A 193 78.66 -11.77 4.90
CA LEU A 193 79.48 -10.57 4.84
C LEU A 193 80.11 -10.29 6.21
N GLU A 194 81.40 -9.90 6.20
CA GLU A 194 82.16 -9.60 7.41
C GLU A 194 82.22 -10.84 8.33
N ARG A 214 46.82 4.86 5.76
CA ARG A 214 45.59 5.65 5.49
C ARG A 214 45.29 6.46 6.76
N VAL A 215 44.15 7.18 6.74
CA VAL A 215 43.77 8.04 7.85
C VAL A 215 42.98 7.21 8.85
N LEU A 216 43.47 7.16 10.11
CA LEU A 216 42.81 6.44 11.16
C LEU A 216 42.03 7.42 12.02
N PRO A 217 40.69 7.49 11.91
CA PRO A 217 39.88 8.45 12.66
C PRO A 217 39.61 8.01 14.09
N TYR A 218 40.68 7.79 14.87
CA TYR A 218 40.54 7.26 16.22
C TYR A 218 40.73 8.38 17.23
N SER A 219 39.91 8.32 18.28
CA SER A 219 40.05 9.22 19.41
C SER A 219 41.40 8.97 20.06
N ASN A 220 41.90 9.97 20.80
CA ASN A 220 43.15 9.80 21.52
C ASN A 220 42.95 8.72 22.57
N GLY A 221 43.98 7.90 22.76
CA GLY A 221 43.96 6.85 23.76
C GLY A 221 44.74 5.63 23.29
N LEU A 222 44.60 4.52 24.01
CA LEU A 222 45.30 3.28 23.70
C LEU A 222 44.37 2.37 22.89
N TYR A 223 44.96 1.68 21.91
CA TYR A 223 44.27 0.68 21.11
C TYR A 223 45.10 -0.60 21.15
N VAL A 224 44.40 -1.75 21.18
CA VAL A 224 45.03 -3.05 21.01
C VAL A 224 44.41 -3.64 19.75
N ILE A 225 45.26 -3.90 18.73
CA ILE A 225 44.78 -4.39 17.45
C ILE A 225 45.24 -5.84 17.26
N ASN A 226 44.29 -6.69 16.87
CA ASN A 226 44.59 -8.03 16.43
C ASN A 226 44.92 -7.98 14.94
N LYS A 227 46.19 -8.18 14.57
CA LYS A 227 46.61 -8.15 13.18
C LYS A 227 46.58 -9.53 12.53
N GLY A 228 46.22 -10.56 13.31
CA GLY A 228 45.82 -11.83 12.74
C GLY A 228 46.71 -13.01 13.14
N ASP A 229 46.38 -14.18 12.59
CA ASP A 229 46.92 -15.45 13.04
C ASP A 229 47.66 -16.10 11.88
N GLY A 230 48.55 -17.04 12.20
CA GLY A 230 49.28 -17.81 11.21
C GLY A 230 50.58 -17.13 10.79
N TYR A 231 51.16 -16.36 11.72
CA TYR A 231 52.39 -15.62 11.46
C TYR A 231 53.60 -16.51 11.77
N ILE A 232 54.41 -16.76 10.74
CA ILE A 232 55.68 -17.47 10.84
C ILE A 232 56.79 -16.50 10.47
N ARG A 233 57.98 -16.76 10.99
CA ARG A 233 59.17 -16.03 10.55
C ARG A 233 59.68 -16.65 9.26
N THR A 234 60.57 -15.93 8.56
CA THR A 234 60.97 -16.29 7.20
C THR A 234 62.05 -17.34 7.24
N ASN A 235 62.22 -18.05 6.12
CA ASN A 235 63.22 -19.10 5.99
C ASN A 235 63.10 -20.14 7.12
N ASP A 236 61.88 -20.56 7.41
CA ASP A 236 61.67 -21.71 8.28
C ASP A 236 62.32 -21.46 9.64
N LYS A 237 62.22 -20.22 10.15
CA LYS A 237 62.77 -19.91 11.46
C LYS A 237 61.84 -20.44 12.56
N ASP A 238 60.63 -20.86 12.14
CA ASP A 238 59.61 -21.41 13.03
C ASP A 238 59.13 -22.76 12.51
N LEU A 239 59.97 -23.44 11.71
CA LEU A 239 59.64 -24.75 11.19
C LEU A 239 59.77 -25.78 12.30
N ILE A 240 58.77 -26.65 12.40
CA ILE A 240 58.77 -27.76 13.33
C ILE A 240 59.49 -28.94 12.69
N GLY A 241 59.05 -29.31 11.49
CA GLY A 241 59.74 -30.32 10.69
C GLY A 241 58.89 -30.81 9.52
N THR A 242 59.41 -31.80 8.79
CA THR A 242 58.71 -32.38 7.64
C THR A 242 58.63 -33.90 7.82
N LEU A 243 57.47 -34.46 7.44
CA LEU A 243 57.29 -35.89 7.31
C LEU A 243 57.06 -36.25 5.85
N LEU A 244 57.84 -37.22 5.40
CA LEU A 244 57.49 -37.96 4.20
C LEU A 244 56.49 -39.03 4.58
N ILE A 245 55.34 -38.99 3.91
CA ILE A 245 54.29 -39.97 4.11
C ILE A 245 54.18 -40.79 2.83
N GLU A 246 54.66 -42.04 2.86
CA GLU A 246 54.62 -42.86 1.66
C GLU A 246 53.16 -43.20 1.38
N ALA A 247 52.87 -43.43 0.11
CA ALA A 247 51.50 -43.69 -0.35
C ALA A 247 50.95 -44.90 0.38
N GLY A 248 49.71 -44.80 0.87
CA GLY A 248 49.06 -45.90 1.57
C GLY A 248 49.34 -45.86 3.07
N SER A 249 50.36 -45.09 3.49
CA SER A 249 50.67 -44.94 4.90
C SER A 249 50.08 -43.63 5.42
N SER A 250 50.37 -43.34 6.68
CA SER A 250 49.78 -42.22 7.39
C SER A 250 50.84 -41.60 8.29
N GLY A 251 50.65 -40.29 8.60
CA GLY A 251 51.69 -39.52 9.26
C GLY A 251 51.12 -38.36 10.06
N SER A 252 51.62 -38.15 11.28
CA SER A 252 51.17 -37.03 12.10
C SER A 252 52.34 -36.27 12.70
N ILE A 253 52.10 -34.98 12.94
CA ILE A 253 53.00 -34.11 13.68
C ILE A 253 52.21 -33.51 14.84
N ILE A 254 52.74 -33.65 16.05
CA ILE A 254 51.96 -33.46 17.25
C ILE A 254 52.64 -32.44 18.14
N GLN A 255 51.82 -31.53 18.67
CA GLN A 255 52.17 -30.73 19.84
C GLN A 255 51.29 -31.22 20.99
N PRO A 256 51.83 -32.08 21.89
CA PRO A 256 51.08 -32.63 23.01
C PRO A 256 51.11 -31.78 24.28
N ARG A 257 51.91 -30.71 24.28
CA ARG A 257 52.07 -29.87 25.45
C ARG A 257 52.52 -30.70 26.64
N LEU A 258 53.51 -31.57 26.42
CA LEU A 258 54.22 -32.26 27.49
C LEU A 258 55.00 -31.24 28.33
N ARG A 259 55.41 -30.13 27.70
CA ARG A 259 55.79 -28.92 28.41
C ARG A 259 54.76 -27.86 28.00
N ASN A 260 54.49 -26.91 28.92
CA ASN A 260 53.48 -25.90 28.69
C ASN A 260 54.06 -24.60 28.14
N THR A 261 55.39 -24.42 28.21
CA THR A 261 56.01 -23.16 27.88
C THR A 261 55.79 -22.85 26.41
N THR A 262 55.58 -21.57 26.13
CA THR A 262 55.57 -21.02 24.78
C THR A 262 56.47 -19.79 24.78
N ARG A 263 57.01 -19.43 23.62
CA ARG A 263 57.99 -18.35 23.54
C ARG A 263 57.42 -17.19 22.71
N PRO A 264 56.63 -16.26 23.32
CA PRO A 264 56.12 -15.10 22.61
C PRO A 264 57.25 -14.17 22.16
N LEU A 265 56.98 -13.40 21.10
CA LEU A 265 57.96 -12.46 20.53
C LEU A 265 57.46 -11.02 20.75
N PHE A 266 58.31 -10.16 21.35
CA PHE A 266 57.90 -8.83 21.79
C PHE A 266 58.87 -7.76 21.29
N THR A 267 58.33 -6.75 20.58
CA THR A 267 59.08 -5.52 20.26
C THR A 267 58.35 -4.35 20.92
N THR A 268 59.10 -3.30 21.30
CA THR A 268 58.48 -2.07 21.77
C THR A 268 59.31 -0.86 21.35
N SER A 269 58.63 0.28 21.17
CA SER A 269 59.28 1.54 20.86
C SER A 269 59.67 2.26 22.14
N ASN A 270 59.10 1.87 23.28
CA ASN A 270 59.44 2.46 24.55
C ASN A 270 59.18 1.45 25.67
N ASP A 271 60.23 0.79 26.16
CA ASP A 271 60.09 -0.23 27.19
C ASP A 271 59.70 0.42 28.52
N ALA A 272 59.85 1.74 28.63
CA ALA A 272 59.39 2.47 29.80
C ALA A 272 57.86 2.51 29.86
N LYS A 273 57.23 3.03 28.79
CA LYS A 273 55.78 3.11 28.70
C LYS A 273 55.20 1.73 28.37
N PHE A 274 55.53 1.19 27.18
CA PHE A 274 55.03 -0.11 26.73
C PHE A 274 56.07 -1.20 26.99
N SER A 275 56.21 -1.61 28.25
CA SER A 275 56.95 -2.81 28.59
C SER A 275 56.10 -4.02 28.22
N GLN A 276 56.73 -5.21 28.24
CA GLN A 276 56.04 -6.45 27.92
C GLN A 276 54.88 -6.68 28.88
N GLN A 277 55.17 -6.54 30.19
CA GLN A 277 54.17 -6.74 31.23
C GLN A 277 52.96 -5.84 30.98
N TYR A 278 53.24 -4.57 30.65
CA TYR A 278 52.19 -3.59 30.41
C TYR A 278 51.35 -3.99 29.20
N THR A 279 52.03 -4.45 28.12
CA THR A 279 51.35 -4.84 26.90
C THR A 279 50.43 -6.03 27.20
N GLU A 280 50.92 -6.98 28.01
CA GLU A 280 50.14 -8.14 28.39
C GLU A 280 48.85 -7.71 29.10
N GLU A 281 48.95 -6.69 29.96
CA GLU A 281 47.79 -6.15 30.64
C GLU A 281 46.82 -5.58 29.60
N ARG A 282 47.33 -4.81 28.64
CA ARG A 282 46.48 -4.23 27.61
C ARG A 282 45.83 -5.36 26.81
N LEU A 283 46.59 -6.45 26.58
CA LEU A 283 46.02 -7.59 25.87
C LEU A 283 44.89 -8.17 26.70
N LYS A 284 45.09 -8.24 28.02
CA LYS A 284 44.07 -8.73 28.94
C LYS A 284 42.85 -7.83 28.85
N ASP A 285 43.09 -6.51 28.92
CA ASP A 285 42.02 -5.53 28.89
C ASP A 285 41.23 -5.69 27.59
N ALA A 286 41.96 -5.88 26.47
CA ALA A 286 41.36 -5.80 25.16
C ALA A 286 40.53 -7.04 24.83
N PHE A 287 41.15 -8.22 25.02
CA PHE A 287 40.57 -9.48 24.55
C PHE A 287 40.54 -10.54 25.65
N ASN A 288 41.13 -10.24 26.80
CA ASN A 288 41.04 -11.11 27.96
C ASN A 288 42.03 -12.26 27.84
N VAL A 289 43.16 -12.01 27.17
CA VAL A 289 44.25 -12.98 27.10
C VAL A 289 44.77 -13.22 28.51
N GLN A 290 44.95 -14.50 28.88
CA GLN A 290 45.30 -14.86 30.25
C GLN A 290 46.71 -15.45 30.28
N LEU A 291 46.92 -16.53 29.53
CA LEU A 291 48.22 -17.17 29.49
C LEU A 291 49.00 -16.59 28.32
N PHE A 292 50.25 -16.21 28.60
CA PHE A 292 51.13 -15.55 27.63
C PHE A 292 52.35 -16.42 27.33
N ASN A 293 52.89 -17.04 28.38
CA ASN A 293 54.06 -17.90 28.32
C ASN A 293 53.67 -19.37 28.49
N THR A 294 52.36 -19.68 28.48
CA THR A 294 51.89 -21.05 28.67
C THR A 294 50.68 -21.33 27.77
N SER A 295 50.39 -22.63 27.61
CA SER A 295 49.26 -23.13 26.84
C SER A 295 49.03 -24.60 27.20
N THR A 296 47.75 -24.98 27.27
CA THR A 296 47.34 -26.36 27.47
C THR A 296 46.70 -26.87 26.18
N SER A 297 46.78 -26.05 25.12
CA SER A 297 46.03 -26.26 23.90
C SER A 297 46.86 -27.07 22.90
N LEU A 298 46.26 -28.16 22.42
CA LEU A 298 46.95 -29.16 21.61
C LEU A 298 46.67 -28.89 20.14
N PHE A 299 47.69 -29.13 19.31
CA PHE A 299 47.47 -29.18 17.87
C PHE A 299 48.24 -30.39 17.31
N LYS A 300 47.58 -31.08 16.39
CA LYS A 300 48.16 -32.20 15.67
C LYS A 300 47.81 -31.98 14.21
N PHE A 301 48.73 -32.37 13.32
CA PHE A 301 48.46 -32.39 11.89
C PHE A 301 48.58 -33.84 11.42
N VAL A 302 47.62 -34.25 10.60
CA VAL A 302 47.47 -35.64 10.23
C VAL A 302 47.13 -35.70 8.74
N GLU A 303 47.85 -36.58 8.04
CA GLU A 303 47.58 -36.87 6.64
C GLU A 303 47.60 -38.38 6.46
N GLU A 304 46.59 -38.91 5.77
CA GLU A 304 46.67 -40.25 5.21
C GLU A 304 46.89 -40.12 3.70
N ALA A 305 48.08 -40.51 3.24
CA ALA A 305 48.42 -40.46 1.82
C ALA A 305 47.61 -41.50 1.06
N PRO A 306 46.99 -41.14 -0.10
CA PRO A 306 46.35 -42.13 -0.96
C PRO A 306 47.31 -43.21 -1.45
N SER A 307 46.76 -44.22 -2.14
CA SER A 307 47.56 -45.22 -2.83
C SER A 307 48.33 -44.60 -3.99
N ASN A 308 47.81 -43.48 -4.50
CA ASN A 308 48.38 -42.89 -5.73
C ASN A 308 49.44 -41.84 -5.44
N LYS A 309 49.47 -41.29 -4.23
CA LYS A 309 50.42 -40.17 -4.03
C LYS A 309 51.24 -40.30 -2.75
N ASN A 310 52.54 -40.08 -2.88
CA ASN A 310 53.41 -40.01 -1.69
C ASN A 310 53.22 -38.56 -1.26
N ILE A 311 53.01 -38.28 0.03
CA ILE A 311 52.68 -36.88 0.42
C ILE A 311 53.74 -36.34 1.39
N CYS A 312 53.96 -35.02 1.35
CA CYS A 312 54.91 -34.38 2.24
C CYS A 312 54.20 -33.26 2.98
N ILE A 313 54.42 -33.18 4.31
CA ILE A 313 53.68 -32.29 5.17
C ILE A 313 54.67 -31.56 6.09
N LYS A 314 54.63 -30.22 6.07
CA LYS A 314 55.57 -29.39 6.81
C LYS A 314 54.80 -28.60 7.86
N ALA A 315 55.26 -28.69 9.11
CA ALA A 315 54.56 -28.04 10.20
C ALA A 315 55.40 -26.87 10.69
N TYR A 316 54.72 -25.76 11.01
CA TYR A 316 55.36 -24.58 11.57
C TYR A 316 54.66 -24.22 12.89
N ASN A 317 55.42 -23.66 13.83
CA ASN A 317 54.79 -22.88 14.88
C ASN A 317 54.33 -21.56 14.27
N THR A 318 53.17 -21.06 14.71
CA THR A 318 52.68 -19.77 14.26
C THR A 318 52.49 -18.84 15.45
N TYR A 319 52.23 -17.58 15.14
CA TYR A 319 51.90 -16.58 16.13
C TYR A 319 50.63 -15.83 15.72
N GLU A 320 49.94 -15.29 16.72
CA GLU A 320 48.87 -14.33 16.51
C GLU A 320 49.44 -12.96 16.85
N LYS A 321 49.37 -12.04 15.88
CA LYS A 321 50.03 -10.74 15.98
C LYS A 321 49.08 -9.72 16.62
N TYR A 322 49.49 -9.19 17.78
CA TYR A 322 48.79 -8.08 18.42
C TYR A 322 49.65 -6.82 18.37
N GLU A 323 49.01 -5.65 18.24
CA GLU A 323 49.68 -4.36 18.29
C GLU A 323 49.02 -3.50 19.38
N LEU A 324 49.84 -2.92 20.24
CA LEU A 324 49.41 -1.91 21.19
C LEU A 324 49.98 -0.57 20.75
N ILE A 325 49.09 0.40 20.46
CA ILE A 325 49.50 1.73 20.04
C ILE A 325 48.96 2.76 21.04
N ASP A 326 49.69 3.89 21.13
CA ASP A 326 49.21 5.13 21.73
C ASP A 326 48.93 6.13 20.62
N TYR A 327 47.66 6.41 20.34
CA TYR A 327 47.27 7.24 19.21
C TYR A 327 46.88 8.61 19.74
N GLN A 328 47.51 9.67 19.18
CA GLN A 328 47.26 11.04 19.59
C GLN A 328 47.26 11.97 18.39
N ASN A 329 46.08 12.52 18.11
CA ASN A 329 45.91 13.56 17.11
C ASN A 329 46.46 13.09 15.77
N GLY A 330 46.12 11.85 15.41
CA GLY A 330 46.44 11.32 14.09
C GLY A 330 47.79 10.60 14.03
N SER A 331 48.44 10.37 15.18
CA SER A 331 49.83 9.93 15.21
C SER A 331 50.05 8.81 16.22
N ILE A 332 50.87 7.82 15.84
CA ILE A 332 51.26 6.74 16.71
C ILE A 332 52.45 7.19 17.55
N VAL A 333 52.18 7.60 18.78
CA VAL A 333 53.19 8.14 19.68
C VAL A 333 54.04 7.01 20.24
N ASN A 334 53.44 5.85 20.44
CA ASN A 334 54.15 4.67 20.90
C ASN A 334 53.46 3.41 20.37
N LYS A 335 54.26 2.34 20.20
CA LYS A 335 53.79 1.11 19.59
C LYS A 335 54.61 -0.07 20.08
N ALA A 336 53.93 -1.09 20.61
CA ALA A 336 54.55 -2.38 20.84
C ALA A 336 53.89 -3.42 19.93
N GLU A 337 54.62 -4.52 19.67
CA GLU A 337 54.09 -5.68 18.99
C GLU A 337 54.21 -6.89 19.92
N TYR A 338 53.15 -7.69 20.03
CA TYR A 338 53.17 -8.92 20.80
C TYR A 338 52.73 -10.05 19.86
N TYR A 339 53.65 -11.00 19.64
CA TYR A 339 53.37 -12.18 18.84
C TYR A 339 53.06 -13.32 19.79
N LEU A 340 51.77 -13.59 19.99
CA LEU A 340 51.30 -14.58 20.95
C LEU A 340 51.39 -15.96 20.31
N PRO A 341 52.10 -16.94 20.93
CA PRO A 341 52.19 -18.29 20.38
C PRO A 341 50.83 -18.88 20.05
N SER A 342 50.66 -19.31 18.80
CA SER A 342 49.39 -19.82 18.33
C SER A 342 49.45 -21.34 18.16
N LEU A 343 48.64 -21.88 17.23
CA LEU A 343 48.46 -23.32 17.11
C LEU A 343 48.82 -23.82 15.70
N GLY A 344 49.60 -23.04 14.95
CA GLY A 344 50.43 -23.62 13.91
C GLY A 344 49.87 -23.54 12.49
N TYR A 345 50.74 -23.92 11.56
CA TYR A 345 50.48 -23.88 10.13
C TYR A 345 51.05 -25.15 9.50
N CYS A 346 50.31 -25.68 8.52
CA CYS A 346 50.58 -26.99 7.97
C CYS A 346 50.51 -26.93 6.45
N GLU A 347 51.66 -27.15 5.81
CA GLU A 347 51.82 -27.00 4.38
C GLU A 347 51.95 -28.40 3.78
N VAL A 348 51.03 -28.75 2.88
CA VAL A 348 51.01 -30.06 2.26
C VAL A 348 51.38 -29.91 0.80
N THR A 349 52.52 -30.52 0.41
CA THR A 349 52.92 -30.60 -0.97
C THR A 349 52.90 -32.06 -1.41
N ASN A 350 52.71 -32.26 -2.72
CA ASN A 350 52.97 -33.53 -3.36
C ASN A 350 54.47 -33.81 -3.20
N ALA A 351 54.83 -35.08 -2.93
CA ALA A 351 56.18 -35.40 -2.49
C ALA A 351 57.08 -35.48 -3.72
N PRO A 352 58.16 -34.69 -3.80
CA PRO A 352 59.00 -34.68 -5.00
C PRO A 352 60.04 -35.79 -5.00
N SER A 353 60.22 -36.43 -6.16
CA SER A 353 61.25 -37.45 -6.32
C SER A 353 62.51 -37.03 -5.56
N PRO A 354 63.05 -37.88 -4.64
CA PRO A 354 64.25 -37.55 -3.90
C PRO A 354 65.47 -37.29 -4.79
N GLU A 355 65.39 -37.80 -6.03
CA GLU A 355 66.39 -37.58 -7.06
C GLU A 355 65.88 -36.54 -8.07
N SER A 356 65.53 -35.34 -7.57
CA SER A 356 65.00 -34.25 -8.39
C SER A 356 66.09 -33.21 -8.67
N GLU A 357 65.75 -32.20 -9.47
CA GLU A 357 66.67 -31.13 -9.82
C GLU A 357 66.83 -30.17 -8.65
N VAL A 358 68.08 -29.89 -8.25
CA VAL A 358 68.37 -28.91 -7.21
C VAL A 358 68.41 -27.52 -7.82
N VAL A 359 67.43 -26.67 -7.47
CA VAL A 359 67.42 -25.28 -7.90
C VAL A 359 67.90 -24.40 -6.74
N LYS A 360 68.96 -23.63 -7.00
CA LYS A 360 69.59 -22.80 -5.99
C LYS A 360 68.73 -21.56 -5.83
N THR A 361 68.47 -21.15 -4.58
CA THR A 361 67.62 -20.00 -4.30
C THR A 361 68.24 -19.17 -3.19
N GLN A 362 68.12 -17.85 -3.31
CA GLN A 362 68.62 -16.96 -2.28
C GLN A 362 67.52 -16.83 -1.21
N VAL A 363 67.95 -16.67 0.05
CA VAL A 363 67.02 -16.55 1.17
C VAL A 363 66.19 -15.28 1.02
N ALA A 364 65.05 -15.23 1.70
CA ALA A 364 64.26 -14.01 1.85
C ALA A 364 64.87 -13.13 2.97
N GLU A 365 64.33 -11.92 3.13
CA GLU A 365 64.81 -11.00 4.15
C GLU A 365 64.21 -11.44 5.48
N ASP A 366 64.95 -11.30 6.59
CA ASP A 366 64.38 -11.45 7.91
C ASP A 366 63.00 -10.76 7.97
N GLY A 367 62.07 -11.38 8.68
CA GLY A 367 60.73 -10.83 8.86
C GLY A 367 59.69 -11.89 9.14
N PHE A 368 58.42 -11.54 8.93
CA PHE A 368 57.30 -12.42 9.16
C PHE A 368 56.58 -12.68 7.84
N ILE A 369 55.80 -13.76 7.81
CA ILE A 369 54.79 -13.96 6.79
C ILE A 369 53.51 -14.33 7.52
N GLN A 370 52.37 -13.73 7.14
CA GLN A 370 51.10 -14.23 7.59
C GLN A 370 50.64 -15.31 6.60
N ASN A 371 50.46 -16.53 7.11
CA ASN A 371 49.92 -17.64 6.33
C ASN A 371 48.47 -17.89 6.71
N GLY A 372 48.01 -17.26 7.80
CA GLY A 372 46.61 -17.28 8.15
C GLY A 372 45.88 -16.15 7.45
N PRO A 373 44.53 -16.09 7.56
CA PRO A 373 43.78 -15.04 6.90
C PRO A 373 44.00 -13.70 7.60
N GLU A 374 43.94 -12.63 6.81
CA GLU A 374 44.19 -11.29 7.32
C GLU A 374 42.99 -10.82 8.15
N GLU A 375 43.36 -10.05 9.16
CA GLU A 375 42.45 -9.71 10.24
C GLU A 375 42.86 -8.37 10.82
N GLU A 376 41.86 -7.52 11.11
CA GLU A 376 42.12 -6.32 11.88
C GLU A 376 40.97 -6.12 12.86
N ILE A 377 41.28 -6.29 14.14
CA ILE A 377 40.31 -6.04 15.20
C ILE A 377 40.86 -4.92 16.07
N VAL A 378 40.28 -3.73 15.94
CA VAL A 378 40.71 -2.58 16.73
C VAL A 378 39.85 -2.46 17.99
N VAL A 379 40.51 -2.43 19.15
CA VAL A 379 39.79 -2.43 20.42
C VAL A 379 40.43 -1.43 21.36
N GLY A 380 39.68 -0.37 21.69
CA GLY A 380 40.15 0.64 22.62
C GLY A 380 40.27 0.07 24.02
N VAL A 381 41.12 0.64 24.86
CA VAL A 381 41.24 0.17 26.23
C VAL A 381 41.36 1.35 27.16
N ILE A 382 40.65 1.26 28.29
CA ILE A 382 40.78 2.22 29.38
C ILE A 382 42.25 2.43 29.67
N ASP A 383 42.67 3.70 29.62
CA ASP A 383 43.98 4.07 30.10
C ASP A 383 44.03 3.75 31.59
N PRO A 384 44.96 2.89 32.04
CA PRO A 384 45.09 2.57 33.46
C PRO A 384 45.69 3.69 34.31
N SER A 385 46.13 4.78 33.66
CA SER A 385 46.61 5.93 34.39
C SER A 385 45.45 6.86 34.78
N GLU A 386 44.20 6.42 34.58
CA GLU A 386 43.03 7.28 34.58
C GLU A 386 41.90 6.62 35.37
N ASN A 387 41.53 7.20 36.52
CA ASN A 387 40.65 6.55 37.47
C ASN A 387 39.24 6.42 36.92
N ILE A 388 38.49 5.44 37.46
CA ILE A 388 37.13 5.19 37.03
C ILE A 388 36.17 5.48 38.19
N GLN A 389 35.32 6.50 38.01
CA GLN A 389 34.29 6.86 38.97
C GLN A 389 32.99 6.25 38.46
N GLU A 390 31.99 6.15 39.35
CA GLU A 390 30.79 5.38 39.07
C GLU A 390 29.54 6.18 39.41
N ILE A 391 28.53 6.06 38.53
CA ILE A 391 27.18 6.50 38.82
C ILE A 391 26.33 5.25 39.04
N ASN A 392 26.05 4.97 40.33
CA ASN A 392 25.49 3.71 40.78
C ASN A 392 24.00 3.66 40.56
N THR A 393 23.39 4.80 40.25
CA THR A 393 21.97 4.83 39.93
C THR A 393 21.81 4.88 38.42
N ALA A 394 20.84 4.13 37.88
CA ALA A 394 20.53 4.21 36.47
C ALA A 394 19.92 5.57 36.18
N ILE A 395 20.42 6.23 35.14
CA ILE A 395 19.96 7.56 34.77
C ILE A 395 18.52 7.46 34.30
N SER A 396 17.69 8.34 34.86
CA SER A 396 16.27 8.47 34.54
C SER A 396 16.08 9.47 33.40
N ASP A 397 15.25 10.51 33.63
CA ASP A 397 15.05 11.56 32.65
C ASP A 397 16.10 12.64 32.86
N ASN A 398 16.59 12.77 34.11
CA ASN A 398 17.49 13.84 34.50
C ASN A 398 18.44 13.35 35.59
N TYR A 399 19.73 13.66 35.44
CA TYR A 399 20.71 13.38 36.47
C TYR A 399 21.83 14.42 36.40
N THR A 400 22.36 14.78 37.57
CA THR A 400 23.46 15.74 37.66
C THR A 400 24.57 15.15 38.52
N TYR A 401 25.73 14.89 37.90
CA TYR A 401 26.87 14.33 38.61
C TYR A 401 27.85 15.46 38.91
N ASN A 402 28.12 15.65 40.21
CA ASN A 402 28.96 16.72 40.70
C ASN A 402 30.39 16.20 40.72
N ILE A 403 31.35 17.02 40.27
CA ILE A 403 32.75 16.63 40.29
C ILE A 403 33.62 17.64 41.05
N PRO A 404 34.48 17.16 41.98
CA PRO A 404 35.22 18.06 42.86
C PRO A 404 36.21 19.00 42.18
N VAL A 407 43.05 20.46 41.12
CA VAL A 407 43.05 21.64 40.20
C VAL A 407 43.13 21.12 38.78
N ASN A 408 44.21 20.39 38.46
CA ASN A 408 44.42 19.86 37.13
C ASN A 408 43.51 18.64 36.90
N ASN A 409 42.85 18.17 37.97
CA ASN A 409 41.78 17.19 37.85
C ASN A 409 42.10 16.24 36.70
N ASN A 410 43.25 15.58 36.81
CA ASN A 410 43.71 14.59 35.85
C ASN A 410 42.52 13.86 35.24
N PRO A 411 42.61 13.43 33.95
CA PRO A 411 41.43 12.91 33.26
C PRO A 411 40.89 11.66 33.95
N PHE A 412 39.60 11.40 33.77
CA PHE A 412 38.99 10.23 34.40
C PHE A 412 37.74 9.83 33.61
N TYR A 413 37.35 8.58 33.82
CA TYR A 413 36.19 8.00 33.19
C TYR A 413 35.05 8.00 34.22
N ILE A 414 33.80 8.01 33.73
CA ILE A 414 32.64 7.84 34.59
C ILE A 414 31.78 6.71 34.03
N LEU A 415 31.64 5.63 34.81
CA LEU A 415 30.84 4.48 34.40
C LEU A 415 29.40 4.69 34.84
N PHE A 416 28.44 4.45 33.92
CA PHE A 416 27.04 4.67 34.22
C PHE A 416 26.17 3.95 33.21
N THR A 417 24.89 3.72 33.53
CA THR A 417 23.90 3.26 32.55
C THR A 417 22.61 4.05 32.71
N VAL A 418 21.71 3.89 31.72
CA VAL A 418 20.40 4.51 31.73
C VAL A 418 19.35 3.45 32.06
N ASN A 419 18.15 3.92 32.42
CA ASN A 419 17.06 3.07 32.83
C ASN A 419 16.18 2.75 31.62
N THR A 420 16.31 3.56 30.56
CA THR A 420 15.44 3.43 29.39
C THR A 420 16.22 3.81 28.14
N THR A 421 16.10 2.98 27.10
CA THR A 421 16.78 3.24 25.84
C THR A 421 16.22 4.53 25.25
N GLY A 422 17.11 5.48 24.90
CA GLY A 422 16.68 6.80 24.48
C GLY A 422 17.84 7.74 24.18
N ILE A 423 17.48 8.91 23.65
CA ILE A 423 18.46 9.94 23.29
C ILE A 423 18.76 10.77 24.53
N TYR A 424 20.03 10.92 24.88
CA TYR A 424 20.43 11.70 26.04
C TYR A 424 21.35 12.84 25.58
N LYS A 425 21.12 14.03 26.13
CA LYS A 425 22.05 15.14 26.04
C LYS A 425 22.93 15.12 27.28
N ILE A 426 24.24 15.17 27.06
CA ILE A 426 25.21 15.10 28.14
C ILE A 426 26.23 16.22 27.95
N ASN A 427 26.54 16.94 29.04
CA ASN A 427 27.46 18.06 29.00
C ASN A 427 27.90 18.44 30.42
N ALA A 428 29.04 19.14 30.50
CA ALA A 428 29.50 19.77 31.73
C ALA A 428 28.95 21.21 31.80
N GLN A 429 29.25 21.91 32.90
CA GLN A 429 28.66 23.23 33.13
C GLN A 429 29.22 24.19 32.09
N ASN A 430 28.33 24.92 31.42
CA ASN A 430 28.68 25.86 30.37
C ASN A 430 29.28 25.12 29.16
N ASN A 431 29.02 23.81 29.08
CA ASN A 431 29.53 22.96 28.00
C ASN A 431 31.06 22.93 27.98
N LEU A 432 31.71 23.24 29.12
CA LEU A 432 33.16 23.13 29.26
C LEU A 432 33.45 22.30 30.51
N PRO A 433 34.32 21.25 30.47
CA PRO A 433 35.06 20.87 29.27
C PRO A 433 34.26 20.03 28.27
N SER A 434 34.85 19.81 27.09
CA SER A 434 34.31 18.88 26.12
C SER A 434 34.48 17.46 26.65
N LEU A 435 33.44 16.64 26.41
CA LEU A 435 33.40 15.28 26.89
C LEU A 435 33.53 14.29 25.74
N LYS A 436 33.92 13.06 26.10
CA LYS A 436 33.81 11.92 25.21
C LYS A 436 32.99 10.82 25.90
N ILE A 437 32.25 10.06 25.07
CA ILE A 437 31.50 8.92 25.57
C ILE A 437 31.93 7.68 24.79
N TYR A 438 32.22 6.62 25.56
CA TYR A 438 32.56 5.32 25.02
C TYR A 438 31.52 4.31 25.51
N GLU A 439 31.35 3.24 24.72
CA GLU A 439 30.57 2.08 25.10
C GLU A 439 31.50 0.98 25.57
N ALA A 440 31.24 0.42 26.75
CA ALA A 440 31.95 -0.77 27.19
C ALA A 440 31.46 -1.96 26.36
N ILE A 441 32.38 -2.76 25.82
CA ILE A 441 32.06 -3.67 24.74
C ILE A 441 31.49 -4.97 25.32
N GLY A 442 30.25 -5.28 24.94
CA GLY A 442 29.59 -6.48 25.42
C GLY A 442 29.15 -6.34 26.88
N SER A 443 28.75 -5.13 27.24
CA SER A 443 28.39 -4.84 28.61
C SER A 443 26.92 -5.17 28.79
N GLY A 444 26.57 -5.63 30.00
CA GLY A 444 25.18 -5.68 30.45
C GLY A 444 24.38 -6.75 29.73
N ASN A 445 25.05 -7.87 29.40
CA ASN A 445 24.37 -9.11 29.10
C ASN A 445 24.51 -10.04 30.30
N ARG A 446 25.03 -9.50 31.40
CA ARG A 446 25.39 -10.31 32.54
C ARG A 446 24.52 -9.88 33.71
N ASN A 447 25.17 -9.42 34.79
CA ASN A 447 24.46 -9.01 36.00
C ASN A 447 23.62 -7.77 35.69
N PHE A 448 22.38 -7.79 36.18
CA PHE A 448 21.45 -6.68 36.05
C PHE A 448 20.81 -6.45 37.43
N GLN A 449 20.54 -5.17 37.74
CA GLN A 449 19.70 -4.85 38.87
C GLN A 449 18.83 -3.65 38.50
N SER A 450 17.51 -3.81 38.62
CA SER A 450 16.61 -2.77 38.13
C SER A 450 17.03 -1.40 38.68
N GLY A 451 17.32 -0.50 37.74
CA GLY A 451 17.57 0.90 38.06
C GLY A 451 18.92 1.14 38.71
N ASN A 452 19.84 0.16 38.61
CA ASN A 452 21.17 0.33 39.14
C ASN A 452 22.20 -0.12 38.11
N LEU A 453 23.43 0.37 38.30
CA LEU A 453 24.57 -0.05 37.51
C LEU A 453 25.14 -1.33 38.11
N CYS A 454 25.42 -2.29 37.24
CA CYS A 454 26.33 -3.39 37.57
C CYS A 454 27.61 -3.24 36.77
N ASP A 455 28.76 -3.25 37.45
CA ASP A 455 30.06 -3.22 36.80
C ASP A 455 30.39 -4.63 36.30
N ASP A 456 30.57 -4.77 34.97
CA ASP A 456 31.00 -6.02 34.36
C ASP A 456 32.53 -6.14 34.34
N ASP A 457 33.22 -5.07 34.78
CA ASP A 457 34.67 -5.01 34.75
C ASP A 457 35.20 -5.21 33.32
N ILE A 458 34.65 -4.43 32.38
CA ILE A 458 35.07 -4.43 31.00
C ILE A 458 35.87 -3.15 30.78
N LYS A 459 37.17 -3.30 30.48
CA LYS A 459 38.05 -2.19 30.20
C LYS A 459 38.12 -1.94 28.69
N ALA A 460 37.46 -2.80 27.90
CA ALA A 460 37.42 -2.68 26.46
C ALA A 460 36.32 -1.71 26.05
N ILE A 461 36.72 -0.61 25.41
CA ILE A 461 35.85 0.55 25.22
C ILE A 461 35.76 0.86 23.73
N ASN A 462 34.60 1.35 23.32
CA ASN A 462 34.29 1.57 21.92
C ASN A 462 33.81 3.02 21.76
N TYR A 463 34.69 3.90 21.26
CA TYR A 463 34.41 5.33 21.21
C TYR A 463 33.15 5.56 20.36
N ILE A 464 32.29 6.45 20.84
CA ILE A 464 31.06 6.79 20.14
C ILE A 464 31.22 8.19 19.53
N THR A 465 31.38 9.20 20.39
CA THR A 465 31.52 10.58 19.95
C THR A 465 32.13 11.40 21.10
N GLY A 466 32.66 12.57 20.74
CA GLY A 466 33.36 13.42 21.70
C GLY A 466 34.66 13.93 21.09
N PHE A 467 35.22 15.00 21.66
CA PHE A 467 36.45 15.59 21.18
C PHE A 467 37.48 15.64 22.30
N ASP A 468 38.76 15.70 21.89
CA ASP A 468 39.89 15.91 22.77
C ASP A 468 40.37 17.35 22.62
N SER A 469 39.46 18.29 22.85
CA SER A 469 39.81 19.68 23.09
C SER A 469 39.07 20.16 24.34
N PRO A 470 39.73 20.18 25.53
CA PRO A 470 39.04 20.50 26.77
C PRO A 470 38.64 21.97 26.88
N ASN A 471 39.07 22.79 25.91
CA ASN A 471 38.80 24.22 25.92
C ASN A 471 37.74 24.62 24.89
N ALA A 472 37.29 23.67 24.06
CA ALA A 472 36.21 23.93 23.12
C ALA A 472 34.87 23.53 23.75
N LYS A 473 33.89 24.44 23.71
CA LYS A 473 32.58 24.20 24.30
C LYS A 473 31.80 23.23 23.42
N SER A 474 31.21 22.20 24.04
CA SER A 474 30.37 21.25 23.32
C SER A 474 29.44 20.50 24.28
N TYR A 475 28.42 19.87 23.70
CA TYR A 475 27.58 18.91 24.39
C TYR A 475 27.37 17.71 23.47
N LEU A 476 26.96 16.57 24.07
CA LEU A 476 26.81 15.32 23.35
C LEU A 476 25.33 14.99 23.18
N VAL A 477 24.99 14.41 22.02
CA VAL A 477 23.64 13.92 21.77
C VAL A 477 23.76 12.47 21.29
N VAL A 478 23.47 11.53 22.18
CA VAL A 478 23.74 10.11 21.97
C VAL A 478 22.47 9.31 22.24
N LEU A 479 22.26 8.29 21.40
CA LEU A 479 21.34 7.20 21.71
C LEU A 479 22.03 6.25 22.68
N LEU A 480 21.48 6.12 23.90
CA LEU A 480 22.04 5.20 24.87
C LEU A 480 21.06 4.03 25.06
N ASN A 481 21.63 2.84 25.30
CA ASN A 481 20.88 1.62 25.43
C ASN A 481 20.81 1.24 26.92
N LYS A 482 19.63 0.77 27.35
CA LYS A 482 19.34 0.61 28.77
C LYS A 482 20.22 -0.46 29.39
N ASP A 483 20.60 -1.44 28.56
CA ASP A 483 21.28 -2.64 28.99
C ASP A 483 22.80 -2.53 28.81
N LYS A 484 23.29 -1.42 28.27
CA LYS A 484 24.71 -1.24 28.12
C LYS A 484 25.25 -0.38 29.26
N ASN A 485 26.55 -0.52 29.52
CA ASN A 485 27.30 0.46 30.28
C ASN A 485 28.01 1.41 29.32
N TYR A 486 28.19 2.65 29.77
CA TYR A 486 28.94 3.63 29.00
C TYR A 486 29.98 4.25 29.92
N TYR A 487 31.08 4.72 29.29
CA TYR A 487 32.10 5.49 29.96
C TYR A 487 32.09 6.92 29.40
N ILE A 488 31.85 7.91 30.26
CA ILE A 488 32.12 9.30 29.94
C ILE A 488 33.59 9.53 30.25
N ARG A 489 34.33 10.21 29.36
CA ARG A 489 35.69 10.58 29.68
C ARG A 489 35.75 12.09 29.83
N VAL A 490 36.16 12.52 31.03
CA VAL A 490 36.31 13.91 31.41
C VAL A 490 37.79 14.26 31.26
N PRO A 491 38.15 15.29 30.45
CA PRO A 491 39.54 15.59 30.17
C PRO A 491 40.25 16.37 31.28
N GLN A 492 41.54 16.66 31.05
CA GLN A 492 42.32 17.46 31.96
C GLN A 492 41.92 18.93 31.85
N THR A 493 41.61 19.56 32.98
CA THR A 493 41.25 20.97 33.02
C THR A 493 42.13 21.65 34.06
N SER A 494 42.48 22.93 33.81
CA SER A 494 43.36 23.68 34.68
C SER A 494 42.59 24.56 35.65
N SER A 495 41.24 24.49 35.61
CA SER A 495 40.39 25.17 36.56
C SER A 495 40.16 24.26 37.78
N ASN A 496 40.07 24.86 38.97
CA ASN A 496 39.73 24.12 40.18
C ASN A 496 38.28 24.42 40.59
N ILE A 497 37.51 25.04 39.68
CA ILE A 497 36.13 25.41 39.94
C ILE A 497 35.28 24.14 39.83
N GLU A 498 34.40 23.95 40.83
CA GLU A 498 33.58 22.76 40.93
C GLU A 498 32.66 22.70 39.71
N ASN A 499 32.88 21.65 38.91
CA ASN A 499 32.13 21.43 37.68
C ASN A 499 31.04 20.40 37.95
N GLN A 500 30.20 20.13 36.94
CA GLN A 500 29.12 19.17 37.04
C GLN A 500 28.78 18.62 35.66
N ILE A 501 28.59 17.29 35.55
CA ILE A 501 28.11 16.75 34.29
C ILE A 501 26.60 16.56 34.38
N LYS A 502 25.88 16.97 33.33
CA LYS A 502 24.42 16.96 33.33
C LYS A 502 23.93 15.98 32.26
N PHE A 503 23.01 15.09 32.65
CA PHE A 503 22.38 14.15 31.74
C PHE A 503 20.89 14.47 31.64
N LYS A 504 20.37 14.58 30.41
CA LYS A 504 18.96 14.84 30.20
C LYS A 504 18.44 13.98 29.06
N ARG A 505 17.38 13.23 29.33
CA ARG A 505 16.68 12.50 28.30
C ARG A 505 16.06 13.51 27.35
N GLU A 506 16.26 13.32 26.05
CA GLU A 506 15.67 14.18 25.03
C GLU A 506 14.63 13.38 24.26
N GLU A 507 13.34 13.59 24.53
CA GLU A 507 12.29 12.88 23.81
C GLU A 507 11.92 13.59 22.49
N GLY A 508 12.36 14.84 22.31
CA GLY A 508 11.95 15.60 21.14
C GLY A 508 13.07 16.49 20.62
N ASP A 509 13.22 16.51 19.29
CA ASP A 509 14.07 17.45 18.58
C ASP A 509 15.49 16.86 18.47
N LEU A 510 16.23 16.86 19.58
CA LEU A 510 17.60 16.40 19.56
C LEU A 510 17.57 14.88 19.37
N ASN A 512 17.44 16.28 14.19
CA ASN A 512 17.76 15.25 15.21
C ASN A 512 19.24 14.88 15.21
N LEU A 513 19.91 15.18 16.34
CA LEU A 513 21.36 15.30 16.36
C LEU A 513 22.00 14.01 16.87
N MET A 514 21.33 12.88 16.62
CA MET A 514 21.64 11.64 17.28
C MET A 514 23.04 11.16 16.91
N ASN A 515 23.83 10.85 17.95
CA ASN A 515 25.20 10.38 17.83
C ASN A 515 26.05 11.47 17.20
N SER A 516 26.16 12.59 17.93
CA SER A 516 26.96 13.73 17.52
C SER A 516 27.41 14.50 18.75
N SER A 517 28.61 15.09 18.66
CA SER A 517 28.98 16.19 19.54
C SER A 517 28.56 17.50 18.89
N VAL A 518 28.10 18.46 19.69
CA VAL A 518 27.66 19.75 19.18
C VAL A 518 28.61 20.81 19.75
N ASN A 519 29.38 21.44 18.85
CA ASN A 519 30.23 22.58 19.19
C ASN A 519 29.39 23.84 19.38
N ILE A 520 29.65 24.56 20.46
CA ILE A 520 28.98 25.84 20.69
C ILE A 520 29.94 26.95 20.24
N ILE A 521 29.51 27.70 19.22
CA ILE A 521 30.30 28.80 18.67
C ILE A 521 29.83 30.12 19.28
N ASP A 522 30.70 30.72 20.10
CA ASP A 522 30.39 31.94 20.82
C ASP A 522 31.01 33.16 20.12
N ASN A 523 32.05 32.96 19.29
CA ASN A 523 33.07 33.99 19.07
C ASN A 523 33.00 34.64 17.69
N LEU A 524 31.83 34.70 17.03
CA LEU A 524 31.75 35.27 15.69
C LEU A 524 32.12 36.76 15.73
N ALA A 529 35.49 35.98 7.93
CA ALA A 529 35.80 34.53 7.87
C ALA A 529 36.03 34.00 9.27
N HIS A 530 35.71 32.71 9.44
CA HIS A 530 35.91 31.97 10.68
C HIS A 530 36.09 30.50 10.32
N TYR A 531 37.00 29.80 11.01
CA TYR A 531 37.24 28.38 10.78
C TYR A 531 37.23 27.66 12.13
N TYR A 532 36.89 26.37 12.11
CA TYR A 532 36.82 25.56 13.32
C TYR A 532 37.32 24.15 13.06
N THR A 533 38.56 23.88 13.48
CA THR A 533 39.19 22.60 13.24
C THR A 533 38.87 21.67 14.40
N ARG A 534 38.40 20.46 14.05
CA ARG A 534 38.08 19.43 15.03
C ARG A 534 38.56 18.09 14.50
N GLN A 535 38.59 17.07 15.37
CA GLN A 535 38.84 15.70 14.95
C GLN A 535 37.66 15.21 14.13
N SER A 536 37.91 14.77 12.91
CA SER A 536 36.83 14.36 12.02
C SER A 536 36.21 13.07 12.51
N PRO A 537 34.87 12.96 12.51
CA PRO A 537 34.24 11.66 12.60
C PRO A 537 34.62 10.77 11.42
N ASP A 538 34.37 9.47 11.58
CA ASP A 538 34.59 8.49 10.53
C ASP A 538 33.51 8.67 9.47
N VAL A 539 33.67 8.01 8.32
CA VAL A 539 32.62 7.98 7.32
C VAL A 539 31.32 7.59 8.03
N HIS A 540 30.28 8.40 7.85
CA HIS A 540 28.91 8.07 8.26
C HIS A 540 28.68 8.33 9.74
N ASP A 541 29.70 8.86 10.44
CA ASP A 541 29.53 9.43 11.77
C ASP A 541 29.27 10.94 11.62
N TYR A 542 28.92 11.59 12.73
CA TYR A 542 28.38 12.94 12.69
C TYR A 542 29.19 13.91 13.55
N ILE A 543 29.19 15.18 13.13
CA ILE A 543 29.66 16.30 13.94
C ILE A 543 28.74 17.49 13.68
N SER A 544 28.41 18.23 14.76
CA SER A 544 27.40 19.27 14.72
C SER A 544 27.97 20.58 15.28
N TYR A 545 27.36 21.69 14.84
CA TYR A 545 27.84 23.02 15.19
C TYR A 545 26.65 23.95 15.46
N GLU A 546 26.66 24.59 16.64
CA GLU A 546 25.60 25.51 17.05
C GLU A 546 26.15 26.92 17.14
N PHE A 547 25.58 27.86 16.35
CA PHE A 547 26.11 29.23 16.30
C PHE A 547 25.01 30.29 16.44
N THR A 548 25.31 31.33 17.24
CA THR A 548 24.50 32.52 17.42
C THR A 548 25.25 33.73 16.87
N ILE A 549 24.59 34.62 16.10
CA ILE A 549 25.25 35.64 15.30
C ILE A 549 24.86 37.03 15.82
N PRO A 550 25.69 38.10 15.66
CA PRO A 550 25.19 39.48 15.73
C PRO A 550 23.97 39.73 14.84
N GLY A 551 23.01 40.50 15.34
CA GLY A 551 21.68 40.58 14.75
C GLY A 551 20.89 41.73 15.32
N THR A 558 19.24 40.66 8.24
CA THR A 558 19.71 39.30 7.85
C THR A 558 21.17 39.39 7.41
N SER A 559 21.79 38.24 7.10
CA SER A 559 23.20 38.19 6.72
C SER A 559 23.48 36.96 5.87
N ASN A 560 24.50 37.05 5.00
CA ASN A 560 24.85 35.98 4.09
C ASN A 560 25.92 35.09 4.72
N ILE A 561 25.54 33.84 5.01
CA ILE A 561 26.43 32.87 5.61
C ILE A 561 26.88 31.84 4.57
N ARG A 562 28.19 31.58 4.55
CA ARG A 562 28.81 30.57 3.69
C ARG A 562 29.40 29.46 4.55
N LEU A 563 28.90 28.23 4.37
CA LEU A 563 29.29 27.11 5.20
C LEU A 563 29.98 26.05 4.33
N TYR A 564 31.25 25.74 4.62
CA TYR A 564 31.99 24.75 3.86
C TYR A 564 33.08 24.12 4.73
N THR A 565 33.51 22.93 4.28
CA THR A 565 34.65 22.25 4.87
C THR A 565 35.85 22.43 3.97
N SER A 566 37.02 22.06 4.49
CA SER A 566 38.29 22.37 3.85
C SER A 566 38.88 21.10 3.24
N TYR A 567 38.86 19.99 3.99
CA TYR A 567 39.59 18.79 3.62
C TYR A 567 38.61 17.64 3.35
N ASN A 568 37.64 17.42 4.25
CA ASN A 568 36.74 16.28 4.16
C ASN A 568 35.44 16.67 3.45
N ILE A 571 28.13 15.63 4.05
CA ILE A 571 26.75 16.13 3.81
C ILE A 571 26.35 16.92 5.06
N GLY A 572 25.93 18.17 4.85
CA GLY A 572 25.47 19.03 5.92
C GLY A 572 23.96 19.20 5.91
N THR A 573 23.34 18.93 7.05
CA THR A 573 21.92 19.19 7.25
C THR A 573 21.83 20.36 8.24
N LEU A 574 21.00 21.35 7.89
CA LEU A 574 20.95 22.59 8.63
C LEU A 574 19.60 22.73 9.32
N PHE A 575 19.64 23.14 10.59
CA PHE A 575 18.45 23.34 11.38
C PHE A 575 18.39 24.79 11.86
N ARG A 576 17.16 25.31 12.01
CA ARG A 576 16.95 26.61 12.62
C ARG A 576 16.25 26.39 13.97
N VAL A 577 16.90 26.89 15.04
CA VAL A 577 16.43 26.66 16.40
C VAL A 577 15.42 27.76 16.74
N THR A 578 14.37 27.39 17.48
CA THR A 578 13.46 28.33 18.13
C THR A 578 13.19 27.85 19.56
N TYR A 584 13.27 25.47 21.33
CA TYR A 584 13.95 24.19 21.67
C TYR A 584 13.72 23.17 20.55
N ASN A 585 13.17 23.62 19.41
CA ASN A 585 12.75 22.75 18.32
C ASN A 585 13.52 23.09 17.04
N LEU A 586 13.77 22.08 16.21
CA LEU A 586 14.69 22.22 15.10
C LEU A 586 13.92 22.08 13.78
N ILE A 587 13.97 23.14 12.96
CA ILE A 587 13.31 23.16 11.67
C ILE A 587 14.36 22.91 10.59
N ASN A 588 14.09 21.95 9.71
CA ASN A 588 15.07 21.50 8.73
C ASN A 588 15.03 22.38 7.49
N ILE A 589 16.18 23.02 7.18
CA ILE A 589 16.24 24.06 6.16
C ILE A 589 16.90 23.52 4.89
N GLN A 590 18.00 22.77 5.01
CA GLN A 590 18.75 22.37 3.84
C GLN A 590 19.33 20.96 4.02
N GLN A 591 19.39 20.19 2.90
CA GLN A 591 19.68 18.76 2.93
C GLN A 591 21.00 18.41 2.21
N ASN A 594 27.76 17.29 -0.98
CA ASN A 594 29.24 17.44 -0.81
C ASN A 594 29.53 18.89 -0.39
N LEU A 595 30.23 19.03 0.74
CA LEU A 595 30.53 20.34 1.31
C LEU A 595 32.02 20.66 1.18
N LEU A 596 32.83 19.65 0.86
CA LEU A 596 34.26 19.86 0.64
C LEU A 596 34.46 20.90 -0.45
N ASN A 597 35.12 22.00 -0.08
CA ASN A 597 35.39 23.13 -0.96
C ASN A 597 34.09 23.60 -1.63
N SER A 598 33.05 23.81 -0.81
CA SER A 598 31.77 24.27 -1.32
C SER A 598 31.82 25.76 -1.63
N THR A 599 30.92 26.24 -2.49
CA THR A 599 30.78 27.66 -2.77
C THR A 599 29.35 28.13 -2.52
N LYS A 600 28.45 27.22 -2.09
CA LYS A 600 27.06 27.55 -1.85
C LYS A 600 26.97 28.37 -0.57
N SER A 601 25.96 29.24 -0.48
CA SER A 601 25.84 30.13 0.67
C SER A 601 24.56 30.95 0.56
N ILE A 602 24.01 31.40 1.71
CA ILE A 602 23.03 32.49 1.69
C ILE A 602 22.68 33.00 3.10
N LEU A 605 21.12 34.40 7.48
CA LEU A 605 20.08 35.18 8.20
C LEU A 605 20.50 35.31 9.67
N ASN A 606 20.79 36.56 10.11
CA ASN A 606 21.35 36.78 11.42
C ASN A 606 20.22 36.68 12.46
N GLY A 607 20.62 36.64 13.74
CA GLY A 607 19.70 36.63 14.87
C GLY A 607 20.06 35.55 15.88
N ILE A 609 19.52 31.55 15.80
CA ILE A 609 20.41 30.43 16.17
C ILE A 609 20.12 29.26 15.23
N TYR A 610 21.19 28.60 14.75
CA TYR A 610 21.09 27.51 13.80
C TYR A 610 22.05 26.39 14.22
N ILE A 611 21.72 25.16 13.81
CA ILE A 611 22.61 24.04 14.05
C ILE A 611 22.87 23.33 12.73
N LEU A 612 24.17 23.12 12.44
CA LEU A 612 24.58 22.32 11.30
C LEU A 612 25.04 20.94 11.78
N LYS A 613 24.41 19.89 11.24
CA LYS A 613 24.87 18.53 11.42
C LYS A 613 25.59 18.10 10.14
N VAL A 614 26.77 17.49 10.30
CA VAL A 614 27.61 17.10 9.19
C VAL A 614 27.88 15.60 9.25
N GLU A 615 27.63 14.90 8.13
CA GLU A 615 27.95 13.49 7.98
C GLU A 615 29.19 13.36 7.10
N VAL A 616 30.30 12.85 7.68
CA VAL A 616 31.52 12.60 6.93
C VAL A 616 31.26 11.46 5.94
N THR A 617 31.50 11.71 4.66
CA THR A 617 31.33 10.70 3.61
C THR A 617 32.64 10.41 2.91
N GLU A 618 33.64 11.30 3.10
CA GLU A 618 34.94 11.24 2.48
C GLU A 618 35.99 11.62 3.53
N LEU A 619 36.60 10.61 4.17
CA LEU A 619 37.57 10.86 5.22
C LEU A 619 38.95 11.01 4.56
N ASN A 620 39.31 12.27 4.24
CA ASN A 620 40.57 12.56 3.58
C ASN A 620 41.58 13.07 4.59
N ASN A 621 41.11 13.60 5.71
CA ASN A 621 42.01 14.19 6.69
C ASN A 621 41.51 13.84 8.09
N TYR A 622 42.46 13.62 9.01
CA TYR A 622 42.15 13.34 10.40
C TYR A 622 41.23 14.40 10.98
N ASN A 623 41.50 15.67 10.60
CA ASN A 623 40.74 16.81 11.08
C ASN A 623 39.65 17.21 10.09
N ILE A 624 38.57 17.81 10.61
CA ILE A 624 37.58 18.49 9.80
C ILE A 624 37.57 19.96 10.20
N LYS A 625 37.95 20.83 9.25
CA LYS A 625 37.91 22.26 9.45
C LYS A 625 36.60 22.77 8.84
N LEU A 626 35.83 23.51 9.64
CA LEU A 626 34.58 24.09 9.19
C LEU A 626 34.72 25.60 9.07
N HIS A 627 34.38 26.09 7.87
CA HIS A 627 34.40 27.51 7.57
C HIS A 627 32.98 28.05 7.70
N ILE A 628 32.83 29.11 8.52
CA ILE A 628 31.62 29.90 8.60
C ILE A 628 31.99 31.35 8.26
N ASP A 629 31.74 31.75 6.99
CA ASP A 629 32.13 33.05 6.47
C ASP A 629 30.86 33.90 6.33
N ILE A 630 30.88 35.12 6.91
CA ILE A 630 29.75 36.05 6.80
C ILE A 630 30.04 37.16 5.78
N THR A 631 29.05 37.47 4.94
CA THR A 631 29.18 38.44 3.86
C THR A 631 27.84 39.12 3.67
N THR B 28 -26.74 45.67 10.45
CA THR B 28 -26.14 46.00 11.77
C THR B 28 -24.87 46.81 11.50
N ILE B 29 -23.73 46.39 12.06
CA ILE B 29 -22.41 46.90 11.69
C ILE B 29 -21.48 45.70 11.56
N ASP B 30 -20.95 45.40 10.36
CA ASP B 30 -20.11 44.22 10.17
C ASP B 30 -18.92 44.58 9.26
N LEU B 31 -18.68 43.86 8.15
CA LEU B 31 -17.45 44.06 7.40
C LEU B 31 -17.44 43.33 6.05
N ALA B 32 -17.17 44.08 4.97
CA ALA B 32 -16.87 43.63 3.61
C ALA B 32 -18.15 43.42 2.81
N ASP B 33 -18.16 43.86 1.54
CA ASP B 33 -19.39 44.00 0.77
C ASP B 33 -19.60 42.79 -0.14
N GLY B 34 -20.86 42.36 -0.26
CA GLY B 34 -21.27 41.18 -0.99
C GLY B 34 -22.24 40.32 -0.16
N ASN B 35 -22.49 39.09 -0.64
CA ASN B 35 -23.39 38.16 0.01
C ASN B 35 -22.58 37.11 0.78
N TYR B 36 -23.08 36.70 1.95
CA TYR B 36 -22.36 35.75 2.80
C TYR B 36 -23.32 34.67 3.30
N VAL B 37 -22.82 33.43 3.38
CA VAL B 37 -23.53 32.35 4.05
C VAL B 37 -22.90 32.22 5.43
N VAL B 38 -23.76 32.12 6.47
CA VAL B 38 -23.31 32.19 7.85
C VAL B 38 -23.87 31.04 8.67
N SER B 39 -23.04 30.45 9.53
CA SER B 39 -23.50 29.50 10.54
C SER B 39 -23.44 30.22 11.87
N ARG B 40 -24.62 30.45 12.47
CA ARG B 40 -24.72 31.16 13.73
C ARG B 40 -24.54 30.17 14.88
N GLY B 41 -24.50 28.87 14.55
CA GLY B 41 -24.14 27.84 15.51
C GLY B 41 -25.32 26.93 15.81
N ASP B 42 -25.06 25.93 16.67
CA ASP B 42 -26.06 25.02 17.17
C ASP B 42 -26.58 25.57 18.50
N GLY B 43 -27.66 25.00 19.00
CA GLY B 43 -28.17 25.32 20.32
C GLY B 43 -29.21 26.42 20.29
N TRP B 44 -29.79 26.67 19.12
CA TRP B 44 -30.86 27.65 19.00
C TRP B 44 -32.20 27.01 19.32
N ILE B 45 -32.89 27.56 20.33
CA ILE B 45 -34.27 27.21 20.62
C ILE B 45 -35.19 28.31 20.09
N LEU B 46 -36.39 27.94 19.67
CA LEU B 46 -37.32 28.87 19.05
C LEU B 46 -38.32 29.39 20.07
N SER B 47 -38.89 30.58 19.81
CA SER B 47 -39.82 31.22 20.71
C SER B 47 -41.18 30.55 20.60
N ARG B 48 -41.87 30.42 21.76
CA ARG B 48 -43.26 29.99 21.87
C ARG B 48 -43.41 28.46 21.91
N GLN B 49 -42.49 27.72 21.30
CA GLN B 49 -42.74 26.31 21.03
C GLN B 49 -41.86 25.43 21.94
N ASN B 50 -41.83 25.80 23.23
CA ASN B 50 -40.90 25.20 24.19
C ASN B 50 -41.44 23.88 24.69
N GLN B 51 -42.75 23.86 25.00
CA GLN B 51 -43.38 22.70 25.62
C GLN B 51 -44.23 21.92 24.61
N ILE B 52 -44.00 22.03 23.30
CA ILE B 52 -44.95 21.43 22.37
C ILE B 52 -44.71 19.92 22.23
N LEU B 53 -43.73 19.39 22.99
CA LEU B 53 -43.44 17.97 23.01
C LEU B 53 -43.79 17.32 24.33
N GLY B 54 -44.00 18.14 25.36
CA GLY B 54 -44.37 17.63 26.66
C GLY B 54 -43.18 17.57 27.60
N GLY B 55 -43.45 17.05 28.80
CA GLY B 55 -42.45 16.93 29.85
C GLY B 55 -42.87 15.86 30.84
N SER B 56 -41.94 15.50 31.73
CA SER B 56 -42.21 14.47 32.71
C SER B 56 -42.12 15.07 34.12
N VAL B 57 -43.00 14.58 34.99
CA VAL B 57 -42.93 14.90 36.40
C VAL B 57 -42.44 13.66 37.13
N ILE B 58 -41.41 13.85 37.96
CA ILE B 58 -40.83 12.74 38.68
C ILE B 58 -40.71 13.12 40.14
N SER B 59 -40.94 12.13 41.02
CA SER B 59 -41.37 12.41 42.37
C SER B 59 -40.23 12.26 43.38
N ASN B 60 -39.87 11.03 43.73
CA ASN B 60 -39.14 10.80 44.95
C ASN B 60 -37.98 9.88 44.63
N GLY B 61 -36.88 10.46 44.13
CA GLY B 61 -35.66 9.71 43.90
C GLY B 61 -35.69 8.96 42.57
N SER B 62 -36.88 8.89 41.94
CA SER B 62 -37.01 8.30 40.61
C SER B 62 -36.14 9.08 39.63
N THR B 63 -35.65 8.37 38.61
CA THR B 63 -34.94 9.00 37.51
C THR B 63 -35.85 9.00 36.29
N GLY B 64 -36.00 10.19 35.69
CA GLY B 64 -36.71 10.33 34.43
C GLY B 64 -35.71 10.44 33.29
N ILE B 65 -35.99 9.75 32.19
CA ILE B 65 -35.15 9.87 31.01
C ILE B 65 -36.06 10.26 29.86
N VAL B 66 -35.82 11.43 29.29
CA VAL B 66 -36.59 11.88 28.14
C VAL B 66 -35.63 12.07 26.98
N GLY B 67 -36.08 11.74 25.79
CA GLY B 67 -35.29 11.94 24.59
C GLY B 67 -36.15 11.73 23.35
N ASP B 68 -35.51 11.79 22.18
CA ASP B 68 -36.25 11.71 20.93
C ASP B 68 -35.35 11.07 19.89
N LEU B 69 -35.89 10.94 18.67
CA LEU B 69 -35.18 10.33 17.57
C LEU B 69 -35.45 11.10 16.28
N ARG B 70 -34.50 11.96 15.87
CA ARG B 70 -34.65 12.77 14.68
C ARG B 70 -34.61 11.86 13.45
N VAL B 71 -35.65 11.94 12.60
CA VAL B 71 -35.65 11.21 11.35
C VAL B 71 -36.35 12.05 10.28
N ASN B 72 -36.34 11.59 9.02
CA ASN B 72 -37.06 12.20 7.90
C ASN B 72 -38.12 13.20 8.37
N ASP B 73 -39.14 12.73 9.10
CA ASP B 73 -40.33 13.51 9.39
C ASP B 73 -40.08 14.66 10.36
N ASN B 74 -39.31 14.41 11.44
CA ASN B 74 -39.15 15.39 12.52
C ASN B 74 -38.04 16.40 12.19
N ALA B 75 -37.30 16.15 11.09
CA ALA B 75 -36.21 17.01 10.68
C ALA B 75 -36.65 17.86 9.49
N ILE B 76 -37.80 18.55 9.65
CA ILE B 76 -38.21 19.59 8.71
C ILE B 76 -37.60 20.91 9.17
N PRO B 77 -36.75 21.55 8.32
CA PRO B 77 -36.21 22.86 8.62
C PRO B 77 -37.21 23.98 8.39
N TYR B 78 -36.97 25.13 9.05
CA TYR B 78 -37.83 26.29 8.92
C TYR B 78 -37.10 27.37 8.13
N TYR B 79 -37.61 27.66 6.92
CA TYR B 79 -37.05 28.65 6.03
C TYR B 79 -37.72 30.00 6.27
N TYR B 80 -36.92 31.05 6.41
CA TYR B 80 -37.44 32.41 6.49
C TYR B 80 -36.73 33.25 5.43
N PRO B 81 -37.20 33.18 4.17
CA PRO B 81 -36.48 33.77 3.04
C PRO B 81 -36.64 35.29 2.96
N THR B 82 -35.89 35.90 2.02
CA THR B 82 -36.04 37.30 1.63
C THR B 82 -36.05 37.38 0.09
N PRO B 83 -36.51 38.49 -0.52
CA PRO B 83 -36.57 38.61 -1.97
C PRO B 83 -35.29 38.23 -2.72
N SER B 84 -34.12 38.60 -2.18
CA SER B 84 -32.84 38.27 -2.81
C SER B 84 -32.50 36.79 -2.60
N PHE B 85 -33.03 36.20 -1.52
CA PHE B 85 -32.58 34.89 -1.05
C PHE B 85 -33.77 33.97 -0.86
N ASN B 86 -34.07 33.20 -1.91
CA ASN B 86 -35.20 32.28 -1.86
C ASN B 86 -34.73 30.98 -1.19
N GLU B 87 -35.70 30.10 -0.89
CA GLU B 87 -35.46 28.86 -0.19
C GLU B 87 -34.34 28.08 -0.90
N GLU B 88 -34.47 27.90 -2.21
CA GLU B 88 -33.50 27.09 -2.95
C GLU B 88 -32.10 27.68 -2.83
N TYR B 89 -31.98 29.01 -2.91
CA TYR B 89 -30.69 29.68 -2.83
C TYR B 89 -30.10 29.42 -1.43
N ILE B 90 -30.96 29.51 -0.41
CA ILE B 90 -30.54 29.34 0.98
C ILE B 90 -30.04 27.90 1.18
N LYS B 91 -30.86 26.93 0.77
CA LYS B 91 -30.51 25.52 0.85
C LYS B 91 -29.15 25.27 0.20
N ASN B 92 -29.07 25.52 -1.11
CA ASN B 92 -27.92 25.15 -1.91
C ASN B 92 -26.64 25.74 -1.34
N ASN B 93 -26.68 27.01 -0.91
CA ASN B 93 -25.49 27.70 -0.44
C ASN B 93 -25.05 27.18 0.94
N ILE B 94 -26.02 26.79 1.76
CA ILE B 94 -25.74 26.28 3.09
C ILE B 94 -25.16 24.86 2.99
N GLN B 95 -25.70 24.07 2.05
CA GLN B 95 -25.29 22.68 1.90
C GLN B 95 -24.01 22.56 1.11
N THR B 96 -23.64 23.62 0.37
CA THR B 96 -22.35 23.69 -0.29
C THR B 96 -21.24 23.74 0.75
N VAL B 97 -21.38 24.61 1.74
CA VAL B 97 -20.32 24.91 2.68
C VAL B 97 -20.44 24.02 3.92
N PHE B 98 -21.68 23.81 4.37
CA PHE B 98 -21.95 23.22 5.67
C PHE B 98 -22.68 21.89 5.51
N ALA B 99 -22.95 21.23 6.63
CA ALA B 99 -23.63 19.94 6.65
C ALA B 99 -24.79 19.91 5.66
N ASN B 100 -24.85 18.85 4.85
CA ASN B 100 -26.00 18.65 3.99
C ASN B 100 -27.07 17.99 4.84
N PHE B 101 -28.14 18.75 5.15
CA PHE B 101 -29.17 18.31 6.06
C PHE B 101 -30.29 17.56 5.33
N THR B 102 -30.20 17.44 3.99
CA THR B 102 -31.19 16.70 3.21
C THR B 102 -30.78 15.23 3.10
N GLU B 103 -29.49 14.92 3.29
CA GLU B 103 -29.05 13.54 3.30
C GLU B 103 -28.95 13.03 4.75
N ALA B 104 -28.72 13.94 5.71
CA ALA B 104 -28.54 13.58 7.12
C ALA B 104 -29.89 13.35 7.82
N ASN B 105 -30.98 13.88 7.24
CA ASN B 105 -32.34 13.53 7.63
C ASN B 105 -32.71 12.12 7.15
N GLN B 106 -31.75 11.35 6.61
CA GLN B 106 -31.95 9.94 6.31
C GLN B 106 -31.54 9.07 7.49
N ILE B 107 -30.31 9.28 8.01
CA ILE B 107 -29.72 8.37 8.99
C ILE B 107 -30.19 8.80 10.39
N PRO B 108 -31.08 8.04 11.06
CA PRO B 108 -31.73 8.50 12.29
C PRO B 108 -30.82 8.56 13.50
N ILE B 109 -30.83 9.72 14.18
CA ILE B 109 -29.97 9.98 15.33
C ILE B 109 -30.81 10.29 16.57
N GLY B 110 -30.43 9.70 17.70
CA GLY B 110 -31.14 9.91 18.95
C GLY B 110 -30.30 10.66 19.98
N PHE B 111 -31.02 11.14 21.00
CA PHE B 111 -30.44 11.74 22.17
C PHE B 111 -31.42 11.61 23.32
N GLU B 112 -30.91 11.63 24.55
CA GLU B 112 -31.76 11.60 25.73
C GLU B 112 -31.09 12.36 26.87
N PHE B 113 -31.92 12.76 27.82
CA PHE B 113 -31.46 13.45 29.02
C PHE B 113 -32.05 12.75 30.22
N SER B 114 -31.29 12.76 31.32
CA SER B 114 -31.66 12.00 32.47
C SER B 114 -31.51 12.89 33.71
N LYS B 115 -32.62 13.13 34.41
CA LYS B 115 -32.59 13.86 35.67
C LYS B 115 -33.13 12.96 36.77
N THR B 116 -32.51 13.02 37.96
CA THR B 116 -32.97 12.27 39.10
C THR B 116 -33.60 13.22 40.12
N ALA B 117 -34.91 13.08 40.35
CA ALA B 117 -35.60 13.89 41.34
C ALA B 117 -35.04 13.60 42.73
N PRO B 118 -34.94 14.60 43.62
CA PRO B 118 -34.59 14.36 45.02
C PRO B 118 -35.71 13.69 45.80
N SER B 119 -35.44 13.34 47.07
CA SER B 119 -36.42 12.64 47.90
C SER B 119 -37.43 13.65 48.44
N ASN B 120 -38.71 13.22 48.46
CA ASN B 120 -39.78 13.95 49.11
C ASN B 120 -40.03 15.33 48.47
N LYS B 121 -39.68 15.50 47.20
CA LYS B 121 -40.02 16.69 46.43
C LYS B 121 -40.02 16.34 44.94
N ASN B 122 -40.88 17.03 44.17
CA ASN B 122 -41.13 16.68 42.78
C ASN B 122 -40.23 17.47 41.83
N LEU B 123 -40.19 17.03 40.57
CA LEU B 123 -39.34 17.64 39.57
C LEU B 123 -40.00 17.56 38.20
N TYR B 124 -39.99 18.69 37.49
CA TYR B 124 -40.56 18.81 36.16
C TYR B 124 -39.48 19.12 35.14
N MET B 125 -39.33 18.24 34.14
CA MET B 125 -38.40 18.43 33.03
C MET B 125 -39.18 18.38 31.72
N TYR B 126 -38.84 19.29 30.79
CA TYR B 126 -39.52 19.33 29.50
C TYR B 126 -38.48 19.44 28.39
N LEU B 127 -38.85 18.95 27.21
CA LEU B 127 -37.97 18.72 26.09
C LEU B 127 -38.36 19.65 24.94
N GLN B 128 -37.30 20.11 24.25
CA GLN B 128 -37.39 21.14 23.22
C GLN B 128 -36.34 20.80 22.17
N TYR B 129 -36.68 20.94 20.88
CA TYR B 129 -35.72 20.72 19.82
C TYR B 129 -34.75 21.91 19.79
N THR B 130 -33.47 21.61 19.52
CA THR B 130 -32.48 22.64 19.21
C THR B 130 -32.28 22.69 17.70
N TYR B 131 -31.79 23.83 17.24
CA TYR B 131 -31.59 24.05 15.82
C TYR B 131 -30.21 24.67 15.60
N ILE B 132 -29.66 24.40 14.41
CA ILE B 132 -28.56 25.19 13.90
C ILE B 132 -29.19 26.34 13.15
N ARG B 133 -28.68 27.55 13.39
CA ARG B 133 -29.22 28.74 12.75
C ARG B 133 -28.26 29.17 11.66
N TYR B 134 -28.65 28.93 10.41
CA TYR B 134 -27.89 29.44 9.27
C TYR B 134 -28.52 30.76 8.83
N GLU B 135 -27.72 31.62 8.22
CA GLU B 135 -28.21 32.88 7.65
C GLU B 135 -27.55 33.16 6.30
N ILE B 136 -28.30 33.83 5.43
CA ILE B 136 -27.77 34.43 4.21
C ILE B 136 -27.91 35.93 4.39
N ILE B 137 -26.80 36.67 4.30
CA ILE B 137 -26.84 38.11 4.51
C ILE B 137 -26.30 38.83 3.29
N LYS B 138 -26.90 39.99 3.00
CA LYS B 138 -26.39 40.93 2.01
C LYS B 138 -25.73 42.09 2.76
N VAL B 139 -24.50 42.45 2.39
CA VAL B 139 -23.75 43.47 3.09
C VAL B 139 -23.42 44.59 2.09
N LEU B 140 -23.71 45.83 2.48
CA LEU B 140 -23.46 46.98 1.63
C LEU B 140 -23.07 48.14 2.53
N GLN B 141 -21.81 48.58 2.40
CA GLN B 141 -21.26 49.72 3.12
C GLN B 141 -21.25 49.41 4.62
N HIS B 142 -20.81 48.20 4.96
CA HIS B 142 -20.59 47.78 6.35
C HIS B 142 -21.91 47.68 7.12
N GLU B 143 -22.98 47.33 6.40
CA GLU B 143 -24.31 47.24 6.95
C GLU B 143 -25.00 46.00 6.39
N ILE B 144 -25.74 45.27 7.23
CA ILE B 144 -26.55 44.16 6.75
C ILE B 144 -27.91 44.70 6.30
N ILE B 145 -28.17 44.55 4.99
CA ILE B 145 -29.33 45.10 4.30
C ILE B 145 -30.44 44.07 4.24
N GLU B 146 -30.07 42.79 4.33
CA GLU B 146 -31.02 41.73 4.10
C GLU B 146 -30.49 40.46 4.76
N ARG B 147 -31.40 39.71 5.37
CA ARG B 147 -31.05 38.50 6.11
C ARG B 147 -32.15 37.48 5.90
N ALA B 148 -31.83 36.39 5.20
CA ALA B 148 -32.67 35.21 5.23
C ALA B 148 -32.12 34.28 6.31
N VAL B 149 -33.04 33.53 6.95
CA VAL B 149 -32.67 32.63 8.03
C VAL B 149 -33.19 31.23 7.73
N LEU B 150 -32.38 30.22 8.08
CA LEU B 150 -32.77 28.83 8.01
C LEU B 150 -32.43 28.12 9.32
N TYR B 151 -33.47 27.59 9.98
CA TYR B 151 -33.30 26.78 11.17
C TYR B 151 -33.33 25.30 10.77
N VAL B 152 -32.18 24.62 10.91
CA VAL B 152 -32.11 23.19 10.65
C VAL B 152 -32.14 22.44 11.98
N PRO B 153 -33.03 21.42 12.15
CA PRO B 153 -33.09 20.64 13.38
C PRO B 153 -31.78 19.93 13.72
N SER B 154 -31.37 20.02 14.99
CA SER B 154 -30.13 19.42 15.47
C SER B 154 -30.46 18.29 16.44
N LEU B 155 -30.56 18.60 17.73
CA LEU B 155 -30.92 17.60 18.74
C LEU B 155 -31.99 18.19 19.66
N GLY B 156 -31.64 18.45 20.92
CA GLY B 156 -32.65 18.86 21.88
C GLY B 156 -32.04 19.33 23.19
N TYR B 157 -32.90 19.92 24.01
CA TYR B 157 -32.53 20.54 25.27
C TYR B 157 -33.64 20.24 26.28
N VAL B 158 -33.28 19.74 27.46
CA VAL B 158 -34.26 19.58 28.52
C VAL B 158 -33.96 20.62 29.59
N LYS B 159 -35.06 21.21 30.09
CA LYS B 159 -35.05 22.19 31.15
C LYS B 159 -35.84 21.59 32.30
N SER B 160 -35.28 21.64 33.52
CA SER B 160 -35.93 21.03 34.67
C SER B 160 -36.00 22.01 35.83
N ILE B 161 -37.01 21.82 36.69
CA ILE B 161 -37.21 22.64 37.86
C ILE B 161 -37.79 21.74 38.94
N GLU B 162 -37.47 22.04 40.19
CA GLU B 162 -38.10 21.41 41.34
C GLU B 162 -39.27 22.29 41.75
N PHE B 163 -40.40 21.71 42.16
CA PHE B 163 -41.55 22.52 42.48
C PHE B 163 -42.37 21.86 43.58
N ASN B 164 -43.08 22.73 44.29
CA ASN B 164 -43.95 22.36 45.39
C ASN B 164 -45.39 22.58 44.96
N PRO B 165 -46.37 21.90 45.61
CA PRO B 165 -47.77 22.16 45.32
C PRO B 165 -48.08 23.64 45.45
N GLY B 166 -48.45 24.25 44.31
CA GLY B 166 -48.81 25.66 44.26
C GLY B 166 -47.63 26.56 44.62
N GLU B 167 -46.42 26.15 44.23
CA GLU B 167 -45.30 27.09 44.10
C GLU B 167 -45.40 27.79 42.76
N LYS B 168 -45.11 29.11 42.77
CA LYS B 168 -45.28 29.95 41.59
C LYS B 168 -44.00 29.88 40.77
N ILE B 169 -44.14 29.52 39.48
CA ILE B 169 -43.00 29.30 38.61
C ILE B 169 -42.99 30.47 37.63
N ASN B 170 -41.77 30.94 37.32
CA ASN B 170 -41.62 32.11 36.48
C ASN B 170 -42.14 31.78 35.09
N LYS B 171 -42.88 32.70 34.48
CA LYS B 171 -43.39 32.50 33.13
C LYS B 171 -42.23 32.18 32.18
N ASP B 172 -41.03 32.74 32.42
CA ASP B 172 -39.90 32.60 31.52
C ASP B 172 -39.36 31.18 31.51
N PHE B 173 -39.64 30.40 32.56
CA PHE B 173 -39.18 29.02 32.60
C PHE B 173 -39.91 28.23 31.52
N TYR B 174 -41.19 28.53 31.30
CA TYR B 174 -42.03 27.71 30.43
C TYR B 174 -42.00 28.23 28.99
N PHE B 175 -41.69 29.52 28.83
CA PHE B 175 -42.04 30.22 27.61
C PHE B 175 -40.94 31.19 27.18
N LEU B 176 -40.49 31.05 25.94
CA LEU B 176 -39.48 31.90 25.34
C LEU B 176 -40.14 32.83 24.33
N THR B 177 -39.87 34.15 24.46
CA THR B 177 -40.53 35.16 23.65
C THR B 177 -39.70 35.53 22.42
N ASN B 178 -38.39 35.23 22.44
CA ASN B 178 -37.53 35.50 21.30
C ASN B 178 -36.53 34.35 21.10
N ASP B 179 -36.26 34.03 19.83
CA ASP B 179 -35.23 33.07 19.45
C ASP B 179 -33.92 33.38 20.16
N LYS B 180 -33.23 32.30 20.59
CA LYS B 180 -32.14 32.39 21.55
C LYS B 180 -31.27 31.16 21.40
N CYS B 181 -29.96 31.37 21.54
CA CYS B 181 -28.99 30.27 21.56
C CYS B 181 -28.65 29.99 23.02
N ILE B 182 -28.74 28.70 23.40
CA ILE B 182 -28.49 28.26 24.76
C ILE B 182 -26.98 28.05 24.94
N LEU B 183 -26.31 27.79 23.80
CA LEU B 183 -24.87 27.84 23.72
C LEU B 183 -24.46 29.25 23.32
N ASN B 184 -23.16 29.48 23.28
CA ASN B 184 -22.59 30.69 22.72
C ASN B 184 -22.77 30.63 21.20
N GLU B 185 -23.04 31.80 20.61
CA GLU B 185 -23.31 31.89 19.20
C GLU B 185 -21.99 31.85 18.44
N GLN B 186 -22.11 31.64 17.13
CA GLN B 186 -20.96 31.59 16.26
C GLN B 186 -21.29 32.43 15.03
N PHE B 187 -20.25 32.87 14.31
CA PHE B 187 -20.45 33.57 13.04
C PHE B 187 -19.38 33.05 12.08
N LEU B 188 -19.69 31.91 11.47
CA LEU B 188 -18.83 31.24 10.51
C LEU B 188 -19.36 31.58 9.11
N TYR B 189 -18.60 32.35 8.32
CA TYR B 189 -19.11 32.90 7.08
C TYR B 189 -18.26 32.50 5.88
N LYS B 190 -18.85 32.67 4.69
CA LYS B 190 -18.11 32.58 3.44
C LYS B 190 -18.82 33.45 2.39
N LYS B 191 -18.08 34.32 1.70
CA LYS B 191 -18.64 35.15 0.64
C LYS B 191 -19.13 34.22 -0.48
N ILE B 192 -20.31 34.53 -1.02
CA ILE B 192 -20.98 33.70 -2.01
C ILE B 192 -20.62 34.23 -3.40
N LEU B 193 -19.68 33.56 -4.08
CA LEU B 193 -19.10 34.04 -5.32
C LEU B 193 -20.06 33.61 -6.44
N GLU B 194 -20.75 34.58 -7.03
CA GLU B 194 -21.74 34.31 -8.06
C GLU B 194 -22.23 35.65 -8.60
N ARG B 214 7.60 11.98 -0.34
CA ARG B 214 8.03 10.75 0.38
C ARG B 214 8.27 9.63 -0.63
N VAL B 215 9.41 8.94 -0.49
CA VAL B 215 9.79 7.82 -1.33
C VAL B 215 9.12 6.57 -0.76
N LEU B 216 8.33 5.91 -1.61
CA LEU B 216 7.67 4.67 -1.22
C LEU B 216 8.45 3.51 -1.80
N PRO B 217 9.21 2.74 -0.98
CA PRO B 217 9.95 1.58 -1.47
C PRO B 217 9.07 0.35 -1.66
N TYR B 218 8.02 0.47 -2.47
CA TYR B 218 7.06 -0.61 -2.61
C TYR B 218 7.28 -1.32 -3.95
N SER B 219 7.09 -2.64 -3.93
CA SER B 219 7.10 -3.41 -5.16
C SER B 219 5.91 -2.96 -6.00
N ASN B 220 5.98 -3.19 -7.32
CA ASN B 220 4.86 -2.87 -8.18
C ASN B 220 3.69 -3.74 -7.77
N GLY B 221 2.49 -3.15 -7.82
CA GLY B 221 1.26 -3.84 -7.49
C GLY B 221 0.29 -2.94 -6.74
N LEU B 222 -0.74 -3.55 -6.16
CA LEU B 222 -1.80 -2.83 -5.48
C LEU B 222 -1.53 -2.85 -3.98
N TYR B 223 -1.81 -1.71 -3.33
CA TYR B 223 -1.73 -1.60 -1.88
C TYR B 223 -3.04 -1.01 -1.38
N VAL B 224 -3.49 -1.49 -0.22
CA VAL B 224 -4.59 -0.88 0.52
C VAL B 224 -4.00 -0.39 1.83
N ILE B 225 -4.03 0.94 2.04
CA ILE B 225 -3.43 1.52 3.23
C ILE B 225 -4.51 2.06 4.15
N ASN B 226 -4.44 1.67 5.42
CA ASN B 226 -5.27 2.23 6.47
C ASN B 226 -4.58 3.49 6.98
N LYS B 227 -5.16 4.65 6.68
CA LYS B 227 -4.58 5.92 7.11
C LYS B 227 -5.20 6.38 8.43
N GLY B 228 -6.14 5.60 8.98
CA GLY B 228 -6.53 5.75 10.38
C GLY B 228 -8.01 6.12 10.57
N ASP B 229 -8.37 6.29 11.84
CA ASP B 229 -9.76 6.40 12.25
C ASP B 229 -9.98 7.76 12.90
N GLY B 230 -11.26 8.18 12.97
CA GLY B 230 -11.64 9.41 13.63
C GLY B 230 -11.61 10.60 12.69
N TYR B 231 -11.84 10.35 11.39
CA TYR B 231 -11.78 11.37 10.36
C TYR B 231 -13.15 12.03 10.21
N ILE B 232 -13.21 13.34 10.46
CA ILE B 232 -14.39 14.18 10.21
C ILE B 232 -14.06 15.17 9.11
N ARG B 233 -15.10 15.70 8.46
CA ARG B 233 -14.91 16.79 7.51
C ARG B 233 -14.83 18.11 8.26
N THR B 234 -14.44 19.16 7.53
CA THR B 234 -14.31 20.50 8.07
C THR B 234 -15.69 21.16 8.11
N ASN B 235 -15.78 22.21 8.93
CA ASN B 235 -16.98 23.00 9.08
C ASN B 235 -18.18 22.14 9.48
N ASP B 236 -17.97 21.17 10.37
CA ASP B 236 -19.08 20.45 10.97
C ASP B 236 -19.98 19.86 9.88
N LYS B 237 -19.38 19.36 8.78
CA LYS B 237 -20.16 18.72 7.73
C LYS B 237 -20.56 17.32 8.19
N ASP B 238 -19.98 16.87 9.31
CA ASP B 238 -20.25 15.56 9.89
C ASP B 238 -20.63 15.68 11.36
N LEU B 239 -21.10 16.87 11.78
CA LEU B 239 -21.55 17.11 13.13
C LEU B 239 -22.92 16.45 13.30
N ILE B 240 -23.05 15.73 14.42
CA ILE B 240 -24.31 15.10 14.80
C ILE B 240 -25.16 16.11 15.55
N GLY B 241 -24.56 16.72 16.56
CA GLY B 241 -25.20 17.83 17.27
C GLY B 241 -24.51 18.10 18.60
N THR B 242 -25.11 19.02 19.36
CA THR B 242 -24.60 19.41 20.66
C THR B 242 -25.73 19.32 21.68
N LEU B 243 -25.37 18.83 22.89
CA LEU B 243 -26.28 18.82 24.02
C LEU B 243 -25.73 19.72 25.11
N LEU B 244 -26.55 20.68 25.55
CA LEU B 244 -26.29 21.36 26.80
C LEU B 244 -26.88 20.50 27.90
N ILE B 245 -26.01 20.11 28.83
CA ILE B 245 -26.39 19.23 29.93
C ILE B 245 -26.32 20.03 31.21
N GLU B 246 -27.49 20.31 31.79
CA GLU B 246 -27.58 21.05 33.03
C GLU B 246 -26.83 20.31 34.11
N ALA B 247 -26.21 21.07 35.04
CA ALA B 247 -25.46 20.51 36.13
C ALA B 247 -26.36 19.57 36.94
N GLY B 248 -25.86 18.38 37.26
CA GLY B 248 -26.62 17.41 38.03
C GLY B 248 -27.45 16.48 37.15
N SER B 249 -27.62 16.85 35.88
CA SER B 249 -28.32 15.99 34.93
C SER B 249 -27.30 15.23 34.08
N SER B 250 -27.81 14.47 33.11
CA SER B 250 -27.00 13.59 32.29
C SER B 250 -27.52 13.64 30.85
N GLY B 251 -26.68 13.28 29.89
CA GLY B 251 -27.02 13.48 28.47
C GLY B 251 -26.30 12.49 27.56
N SER B 252 -27.02 12.00 26.53
CA SER B 252 -26.45 11.03 25.62
C SER B 252 -26.79 11.39 24.18
N ILE B 253 -25.92 10.95 23.27
CA ILE B 253 -26.12 11.06 21.84
C ILE B 253 -25.95 9.66 21.25
N ILE B 254 -26.93 9.23 20.46
CA ILE B 254 -27.10 7.82 20.16
C ILE B 254 -27.16 7.62 18.65
N GLN B 255 -26.43 6.60 18.21
CA GLN B 255 -26.64 5.98 16.91
C GLN B 255 -27.17 4.58 17.18
N PRO B 256 -28.51 4.36 17.08
CA PRO B 256 -29.10 3.06 17.35
C PRO B 256 -29.19 2.13 16.16
N ARG B 257 -28.85 2.62 14.96
CA ARG B 257 -28.96 1.83 13.74
C ARG B 257 -30.38 1.25 13.61
N LEU B 258 -31.39 2.11 13.85
CA LEU B 258 -32.78 1.77 13.55
C LEU B 258 -32.95 1.66 12.02
N ARG B 259 -32.10 2.37 11.28
CA ARG B 259 -31.85 2.09 9.87
C ARG B 259 -30.40 1.60 9.76
N ASN B 260 -30.18 0.66 8.84
CA ASN B 260 -28.91 -0.05 8.70
C ASN B 260 -28.30 0.43 7.39
N THR B 261 -28.01 1.74 7.32
CA THR B 261 -27.45 2.35 6.13
C THR B 261 -26.45 3.43 6.54
N THR B 262 -25.32 3.48 5.82
CA THR B 262 -24.25 4.43 6.07
C THR B 262 -23.85 5.02 4.72
N ARG B 263 -23.27 6.24 4.74
CA ARG B 263 -22.85 6.92 3.53
C ARG B 263 -21.32 7.02 3.51
N PRO B 264 -20.59 6.00 2.99
CA PRO B 264 -19.15 6.11 2.77
C PRO B 264 -18.81 7.20 1.77
N LEU B 265 -17.60 7.74 1.87
CA LEU B 265 -17.12 8.78 0.96
C LEU B 265 -16.02 8.21 0.06
N PHE B 266 -16.25 8.27 -1.26
CA PHE B 266 -15.38 7.62 -2.24
C PHE B 266 -14.93 8.64 -3.29
N THR B 267 -13.60 8.76 -3.43
CA THR B 267 -12.98 9.50 -4.53
C THR B 267 -12.14 8.49 -5.33
N THR B 268 -12.01 8.70 -6.63
CA THR B 268 -11.11 7.89 -7.45
C THR B 268 -10.50 8.73 -8.56
N SER B 269 -9.28 8.35 -8.98
CA SER B 269 -8.61 8.98 -10.09
C SER B 269 -9.04 8.34 -11.42
N ASN B 270 -9.60 7.13 -11.35
CA ASN B 270 -10.08 6.45 -12.54
C ASN B 270 -11.18 5.48 -12.16
N ASP B 271 -12.44 5.87 -12.42
CA ASP B 271 -13.59 5.05 -12.05
C ASP B 271 -13.64 3.81 -12.93
N ALA B 272 -12.88 3.80 -14.04
CA ALA B 272 -12.78 2.61 -14.87
C ALA B 272 -11.96 1.52 -14.16
N LYS B 273 -10.73 1.85 -13.76
CA LYS B 273 -9.85 0.92 -13.06
C LYS B 273 -10.29 0.77 -11.60
N PHE B 274 -10.20 1.86 -10.84
CA PHE B 274 -10.59 1.87 -9.42
C PHE B 274 -12.01 2.43 -9.26
N SER B 275 -13.01 1.60 -9.61
CA SER B 275 -14.39 1.90 -9.26
C SER B 275 -14.59 1.62 -7.78
N GLN B 276 -15.72 2.08 -7.24
CA GLN B 276 -16.06 1.86 -5.84
C GLN B 276 -16.14 0.36 -5.55
N GLN B 277 -16.84 -0.38 -6.41
CA GLN B 277 -17.03 -1.82 -6.24
C GLN B 277 -15.67 -2.51 -6.18
N TYR B 278 -14.76 -2.10 -7.07
CA TYR B 278 -13.42 -2.68 -7.14
C TYR B 278 -12.66 -2.39 -5.85
N THR B 279 -12.76 -1.14 -5.37
CA THR B 279 -12.07 -0.72 -4.16
C THR B 279 -12.58 -1.55 -2.98
N GLU B 280 -13.89 -1.76 -2.93
CA GLU B 280 -14.51 -2.53 -1.86
C GLU B 280 -13.93 -3.95 -1.84
N GLU B 281 -13.74 -4.53 -3.03
CA GLU B 281 -13.12 -5.85 -3.16
C GLU B 281 -11.70 -5.81 -2.58
N ARG B 282 -10.92 -4.78 -2.95
CA ARG B 282 -9.56 -4.65 -2.45
C ARG B 282 -9.61 -4.48 -0.94
N LEU B 283 -10.60 -3.76 -0.43
CA LEU B 283 -10.74 -3.61 1.01
C LEU B 283 -11.03 -4.97 1.64
N LYS B 284 -11.87 -5.78 0.97
CA LYS B 284 -12.18 -7.12 1.41
C LYS B 284 -10.89 -7.94 1.40
N ASP B 285 -10.14 -7.86 0.31
CA ASP B 285 -8.92 -8.64 0.14
C ASP B 285 -7.95 -8.25 1.27
N ALA B 286 -7.86 -6.95 1.56
CA ALA B 286 -6.82 -6.42 2.41
C ALA B 286 -7.08 -6.76 3.88
N PHE B 287 -8.30 -6.43 4.36
CA PHE B 287 -8.61 -6.48 5.78
C PHE B 287 -9.92 -7.23 6.04
N ASN B 288 -10.62 -7.63 4.98
CA ASN B 288 -11.78 -8.50 5.10
C ASN B 288 -13.02 -7.68 5.50
N VAL B 289 -13.06 -6.41 5.09
CA VAL B 289 -14.23 -5.56 5.27
C VAL B 289 -15.39 -6.19 4.52
N GLN B 290 -16.54 -6.27 5.18
CA GLN B 290 -17.73 -6.93 4.64
C GLN B 290 -18.82 -5.89 4.36
N LEU B 291 -19.22 -5.14 5.39
CA LEU B 291 -20.30 -4.18 5.23
C LEU B 291 -19.70 -2.83 4.88
N PHE B 292 -20.22 -2.19 3.82
CA PHE B 292 -19.68 -0.94 3.32
C PHE B 292 -20.71 0.18 3.37
N ASN B 293 -21.94 -0.15 2.96
CA ASN B 293 -23.08 0.77 2.95
C ASN B 293 -24.07 0.44 4.07
N THR B 294 -23.67 -0.44 5.00
CA THR B 294 -24.51 -1.02 6.03
C THR B 294 -23.70 -1.13 7.33
N SER B 295 -24.44 -1.27 8.44
CA SER B 295 -23.81 -1.46 9.75
C SER B 295 -24.88 -1.87 10.77
N THR B 296 -24.50 -2.79 11.64
CA THR B 296 -25.31 -3.20 12.78
C THR B 296 -24.64 -2.70 14.06
N SER B 297 -23.61 -1.87 13.90
CA SER B 297 -22.71 -1.50 14.97
C SER B 297 -23.15 -0.18 15.58
N LEU B 298 -23.37 -0.19 16.91
CA LEU B 298 -23.98 0.92 17.62
C LEU B 298 -22.89 1.74 18.29
N PHE B 299 -23.11 3.07 18.36
CA PHE B 299 -22.32 3.92 19.22
C PHE B 299 -23.23 4.90 19.94
N LYS B 300 -22.93 5.11 21.22
CA LYS B 300 -23.61 6.09 22.06
C LYS B 300 -22.52 6.85 22.81
N PHE B 301 -22.75 8.14 23.09
CA PHE B 301 -21.86 8.93 23.93
C PHE B 301 -22.66 9.46 25.10
N VAL B 302 -22.05 9.41 26.29
CA VAL B 302 -22.76 9.71 27.53
C VAL B 302 -21.88 10.53 28.44
N GLU B 303 -22.46 11.60 28.99
CA GLU B 303 -21.78 12.50 29.90
C GLU B 303 -22.70 12.87 31.05
N GLU B 304 -22.18 12.82 32.28
CA GLU B 304 -22.92 13.28 33.45
C GLU B 304 -22.28 14.57 33.94
N ALA B 305 -23.04 15.67 33.89
CA ALA B 305 -22.55 16.95 34.37
C ALA B 305 -22.49 16.96 35.89
N PRO B 306 -21.38 17.44 36.50
CA PRO B 306 -21.31 17.61 37.95
C PRO B 306 -22.38 18.54 38.49
N SER B 307 -22.48 18.61 39.83
CA SER B 307 -23.58 19.28 40.49
C SER B 307 -23.43 20.80 40.40
N ASN B 308 -22.17 21.27 40.25
CA ASN B 308 -21.85 22.68 40.40
C ASN B 308 -21.80 23.39 39.05
N LYS B 309 -21.50 22.65 37.97
CA LYS B 309 -21.20 23.24 36.67
C LYS B 309 -21.98 22.52 35.55
N ASN B 310 -22.43 23.28 34.57
CA ASN B 310 -23.08 22.71 33.39
C ASN B 310 -22.01 22.17 32.46
N ILE B 311 -22.42 21.33 31.50
CA ILE B 311 -21.48 20.68 30.60
C ILE B 311 -22.07 20.63 29.19
N CYS B 312 -21.18 20.55 28.20
CA CYS B 312 -21.57 20.56 26.80
C CYS B 312 -20.83 19.42 26.07
N ILE B 313 -21.52 18.71 25.16
CA ILE B 313 -20.96 17.54 24.49
C ILE B 313 -21.32 17.61 23.01
N LYS B 314 -20.31 17.47 22.13
CA LYS B 314 -20.49 17.58 20.69
C LYS B 314 -20.11 16.28 20.02
N ALA B 315 -21.00 15.75 19.19
CA ALA B 315 -20.75 14.44 18.59
C ALA B 315 -20.61 14.62 17.09
N TYR B 316 -19.70 13.83 16.49
CA TYR B 316 -19.51 13.77 15.06
C TYR B 316 -19.63 12.34 14.56
N ASN B 317 -20.10 12.17 13.32
CA ASN B 317 -19.83 10.95 12.59
C ASN B 317 -18.37 10.98 12.18
N THR B 318 -17.68 9.82 12.24
CA THR B 318 -16.30 9.74 11.79
C THR B 318 -16.18 8.73 10.66
N TYR B 319 -15.00 8.74 10.03
CA TYR B 319 -14.65 7.76 9.03
C TYR B 319 -13.30 7.14 9.37
N GLU B 320 -13.08 5.92 8.86
CA GLU B 320 -11.78 5.30 8.80
C GLU B 320 -11.28 5.44 7.37
N LYS B 321 -10.10 6.05 7.21
CA LYS B 321 -9.58 6.41 5.90
C LYS B 321 -8.74 5.27 5.32
N TYR B 322 -9.18 4.74 4.17
CA TYR B 322 -8.41 3.79 3.40
C TYR B 322 -7.94 4.45 2.10
N GLU B 323 -6.75 4.07 1.63
CA GLU B 323 -6.31 4.38 0.27
C GLU B 323 -6.01 3.07 -0.48
N LEU B 324 -6.52 2.98 -1.71
CA LEU B 324 -6.10 1.96 -2.66
C LEU B 324 -5.23 2.62 -3.73
N ILE B 325 -3.98 2.19 -3.87
CA ILE B 325 -3.06 2.74 -4.85
C ILE B 325 -2.60 1.64 -5.81
N ASP B 326 -2.26 2.04 -7.03
CA ASP B 326 -1.55 1.20 -8.00
C ASP B 326 -0.15 1.80 -8.18
N TYR B 327 0.86 1.14 -7.62
CA TYR B 327 2.21 1.67 -7.60
C TYR B 327 3.04 0.98 -8.67
N GLN B 328 3.71 1.77 -9.52
CA GLN B 328 4.52 1.26 -10.62
C GLN B 328 5.80 2.10 -10.76
N ASN B 329 6.94 1.49 -10.42
CA ASN B 329 8.25 2.05 -10.72
C ASN B 329 8.38 3.43 -10.08
N GLY B 330 7.93 3.56 -8.84
CA GLY B 330 8.09 4.76 -8.05
C GLY B 330 6.94 5.75 -8.18
N SER B 331 5.84 5.34 -8.84
CA SER B 331 4.78 6.28 -9.20
C SER B 331 3.39 5.71 -8.89
N ILE B 332 2.53 6.56 -8.32
CA ILE B 332 1.14 6.19 -8.08
C ILE B 332 0.34 6.42 -9.36
N VAL B 333 0.13 5.33 -10.11
CA VAL B 333 -0.49 5.42 -11.42
C VAL B 333 -2.00 5.57 -11.25
N ASN B 334 -2.55 5.01 -10.17
CA ASN B 334 -3.95 5.21 -9.85
C ASN B 334 -4.14 5.19 -8.33
N LYS B 335 -5.16 5.91 -7.86
CA LYS B 335 -5.41 6.06 -6.44
C LYS B 335 -6.90 6.32 -6.22
N ALA B 336 -7.52 5.51 -5.36
CA ALA B 336 -8.83 5.82 -4.82
C ALA B 336 -8.70 6.07 -3.32
N GLU B 337 -9.67 6.81 -2.76
CA GLU B 337 -9.83 6.96 -1.32
C GLU B 337 -11.19 6.41 -0.92
N TYR B 338 -11.21 5.59 0.13
CA TYR B 338 -12.46 5.08 0.66
C TYR B 338 -12.52 5.47 2.14
N TYR B 339 -13.51 6.30 2.47
CA TYR B 339 -13.75 6.70 3.83
C TYR B 339 -14.89 5.85 4.37
N LEU B 340 -14.51 4.83 5.15
CA LEU B 340 -15.46 3.86 5.66
C LEU B 340 -16.15 4.42 6.88
N PRO B 341 -17.51 4.51 6.91
CA PRO B 341 -18.24 4.98 8.09
C PRO B 341 -17.79 4.29 9.37
N SER B 342 -17.36 5.09 10.35
CA SER B 342 -16.83 4.55 11.60
C SER B 342 -17.82 4.79 12.74
N LEU B 343 -17.32 4.89 13.98
CA LEU B 343 -18.15 4.90 15.16
C LEU B 343 -17.94 6.16 15.99
N GLY B 344 -17.39 7.23 15.40
CA GLY B 344 -17.69 8.58 15.87
C GLY B 344 -16.62 9.19 16.75
N TYR B 345 -16.79 10.51 17.01
CA TYR B 345 -15.93 11.32 17.82
C TYR B 345 -16.77 12.22 18.72
N CYS B 346 -16.29 12.44 19.95
CA CYS B 346 -17.07 13.07 21.00
C CYS B 346 -16.20 14.05 21.77
N GLU B 347 -16.57 15.34 21.73
CA GLU B 347 -15.83 16.41 22.39
C GLU B 347 -16.64 16.92 23.57
N VAL B 348 -16.08 16.86 24.79
CA VAL B 348 -16.76 17.33 25.98
C VAL B 348 -16.05 18.58 26.51
N THR B 349 -16.76 19.70 26.50
CA THR B 349 -16.26 20.99 26.97
C THR B 349 -17.12 21.49 28.12
N ASN B 350 -16.59 22.39 28.95
CA ASN B 350 -17.42 23.12 29.90
C ASN B 350 -18.34 24.05 29.13
N ALA B 351 -19.50 24.34 29.72
CA ALA B 351 -20.58 25.03 29.02
C ALA B 351 -20.27 26.51 28.88
N PRO B 352 -20.21 27.06 27.65
CA PRO B 352 -19.74 28.43 27.44
C PRO B 352 -20.86 29.45 27.61
N SER B 353 -20.55 30.55 28.32
CA SER B 353 -21.52 31.61 28.58
C SER B 353 -22.40 31.81 27.35
N PRO B 354 -23.76 31.65 27.44
CA PRO B 354 -24.61 31.88 26.27
C PRO B 354 -24.58 33.32 25.78
N GLU B 355 -24.13 34.22 26.65
CA GLU B 355 -23.94 35.62 26.32
C GLU B 355 -22.44 35.92 26.20
N SER B 356 -21.71 35.12 25.42
CA SER B 356 -20.28 35.35 25.19
C SER B 356 -20.08 36.37 24.07
N GLU B 357 -18.81 36.77 23.84
CA GLU B 357 -18.45 37.57 22.68
C GLU B 357 -18.46 36.68 21.44
N VAL B 358 -19.21 37.10 20.40
CA VAL B 358 -19.27 36.37 19.14
C VAL B 358 -18.10 36.83 18.27
N VAL B 359 -17.15 35.92 18.00
CA VAL B 359 -16.00 36.23 17.17
C VAL B 359 -16.21 35.62 15.78
N LYS B 360 -16.20 36.50 14.77
CA LYS B 360 -16.51 36.14 13.40
C LYS B 360 -15.30 35.41 12.82
N THR B 361 -15.55 34.28 12.14
CA THR B 361 -14.49 33.45 11.61
C THR B 361 -14.87 32.96 10.23
N GLN B 362 -13.87 32.93 9.33
CA GLN B 362 -14.10 32.50 7.96
C GLN B 362 -13.98 30.98 7.95
N VAL B 363 -14.73 30.34 7.06
CA VAL B 363 -14.77 28.88 7.01
C VAL B 363 -13.39 28.38 6.60
N ALA B 364 -13.12 27.11 6.94
CA ALA B 364 -11.94 26.41 6.46
C ALA B 364 -12.20 25.91 5.04
N GLU B 365 -11.15 25.39 4.41
CA GLU B 365 -11.27 24.81 3.09
C GLU B 365 -11.87 23.42 3.27
N ASP B 366 -12.71 22.97 2.33
CA ASP B 366 -13.15 21.58 2.32
C ASP B 366 -11.95 20.69 2.60
N GLY B 367 -12.17 19.61 3.36
CA GLY B 367 -11.10 18.70 3.73
C GLY B 367 -11.47 17.87 4.95
N PHE B 368 -10.50 17.09 5.42
CA PHE B 368 -10.71 16.17 6.52
C PHE B 368 -9.83 16.55 7.70
N ILE B 369 -10.23 16.12 8.90
CA ILE B 369 -9.39 16.24 10.07
C ILE B 369 -9.43 14.90 10.79
N GLN B 370 -8.26 14.35 11.13
CA GLN B 370 -8.20 13.14 11.91
C GLN B 370 -8.20 13.54 13.38
N ASN B 371 -9.20 13.07 14.12
CA ASN B 371 -9.26 13.24 15.56
C ASN B 371 -8.85 11.95 16.26
N GLY B 372 -8.78 10.84 15.51
CA GLY B 372 -8.25 9.60 16.05
C GLY B 372 -6.73 9.55 15.97
N PRO B 373 -6.07 8.52 16.53
CA PRO B 373 -4.62 8.46 16.57
C PRO B 373 -4.02 8.11 15.22
N GLU B 374 -2.71 8.36 15.05
CA GLU B 374 -2.04 8.17 13.78
C GLU B 374 -1.78 6.69 13.50
N GLU B 375 -1.96 6.33 12.23
CA GLU B 375 -2.02 4.95 11.81
C GLU B 375 -1.64 4.86 10.34
N GLU B 376 -0.71 3.95 10.03
CA GLU B 376 -0.43 3.60 8.64
C GLU B 376 -0.25 2.08 8.56
N ILE B 377 -1.22 1.40 7.94
CA ILE B 377 -1.16 -0.03 7.77
C ILE B 377 -1.13 -0.31 6.27
N VAL B 378 0.04 -0.71 5.77
CA VAL B 378 0.20 -0.96 4.34
C VAL B 378 0.03 -2.45 4.08
N VAL B 379 -0.91 -2.77 3.19
CA VAL B 379 -1.25 -4.17 2.95
C VAL B 379 -1.36 -4.41 1.46
N GLY B 380 -0.42 -5.18 0.92
CA GLY B 380 -0.45 -5.54 -0.49
C GLY B 380 -1.64 -6.46 -0.78
N VAL B 381 -2.11 -6.48 -2.03
CA VAL B 381 -3.19 -7.37 -2.38
C VAL B 381 -2.92 -8.01 -3.73
N ILE B 382 -3.19 -9.32 -3.82
CA ILE B 382 -3.12 -10.06 -5.07
C ILE B 382 -3.86 -9.27 -6.14
N ASP B 383 -3.16 -8.99 -7.23
CA ASP B 383 -3.80 -8.47 -8.41
C ASP B 383 -4.82 -9.51 -8.89
N PRO B 384 -6.11 -9.16 -8.98
CA PRO B 384 -7.11 -10.10 -9.46
C PRO B 384 -7.08 -10.33 -10.96
N SER B 385 -6.22 -9.59 -11.68
CA SER B 385 -6.02 -9.82 -13.09
C SER B 385 -4.98 -10.91 -13.35
N GLU B 386 -4.51 -11.60 -12.29
CA GLU B 386 -3.31 -12.41 -12.35
C GLU B 386 -3.57 -13.78 -11.68
N ASN B 387 -3.55 -14.85 -12.49
CA ASN B 387 -4.03 -16.17 -12.07
C ASN B 387 -3.14 -16.73 -10.97
N ILE B 388 -3.72 -17.63 -10.15
CA ILE B 388 -2.99 -18.24 -9.04
C ILE B 388 -2.87 -19.75 -9.30
N GLN B 389 -1.63 -20.21 -9.51
CA GLN B 389 -1.31 -21.62 -9.62
C GLN B 389 -0.82 -22.13 -8.28
N GLU B 390 -0.86 -23.45 -8.09
CA GLU B 390 -0.71 -24.04 -6.76
C GLU B 390 0.27 -25.22 -6.78
N ILE B 391 1.14 -25.26 -5.78
CA ILE B 391 2.01 -26.40 -5.53
C ILE B 391 1.50 -27.12 -4.28
N ASN B 392 0.86 -28.28 -4.50
CA ASN B 392 0.11 -29.01 -3.49
C ASN B 392 1.02 -29.79 -2.55
N THR B 393 2.29 -29.89 -2.89
CA THR B 393 3.30 -30.57 -2.09
C THR B 393 4.05 -29.53 -1.27
N ALA B 394 4.32 -29.85 -0.01
CA ALA B 394 5.22 -29.02 0.77
C ALA B 394 6.63 -29.28 0.29
N ILE B 395 7.34 -28.22 -0.09
CA ILE B 395 8.66 -28.35 -0.67
C ILE B 395 9.61 -28.80 0.44
N SER B 396 10.36 -29.87 0.19
CA SER B 396 11.27 -30.41 1.19
C SER B 396 12.65 -29.91 0.83
N ASP B 397 13.46 -30.73 0.14
CA ASP B 397 14.81 -30.35 -0.24
C ASP B 397 14.84 -29.70 -1.63
N ASN B 398 14.02 -30.20 -2.55
CA ASN B 398 14.12 -29.84 -3.96
C ASN B 398 12.75 -29.94 -4.61
N TYR B 399 12.40 -28.93 -5.42
CA TYR B 399 11.24 -29.03 -6.28
C TYR B 399 11.46 -28.22 -7.55
N THR B 400 10.88 -28.71 -8.65
CA THR B 400 10.97 -28.06 -9.95
C THR B 400 9.57 -27.88 -10.52
N TYR B 401 9.14 -26.63 -10.65
CA TYR B 401 7.83 -26.30 -11.19
C TYR B 401 8.02 -25.90 -12.64
N ASN B 402 7.35 -26.63 -13.55
CA ASN B 402 7.43 -26.32 -14.97
C ASN B 402 6.40 -25.25 -15.28
N ILE B 403 6.85 -24.15 -15.89
CA ILE B 403 5.96 -23.07 -16.28
C ILE B 403 5.46 -23.47 -17.67
N PRO B 404 4.13 -23.45 -17.94
CA PRO B 404 3.64 -23.67 -19.29
C PRO B 404 4.65 -23.14 -20.31
N GLY B 405 5.03 -21.86 -20.16
CA GLY B 405 6.15 -21.27 -20.87
C GLY B 405 7.17 -20.68 -19.90
N ASN B 410 2.23 -14.03 -19.37
CA ASN B 410 1.34 -13.13 -18.57
C ASN B 410 1.55 -13.43 -17.10
N PRO B 411 1.63 -12.39 -16.23
CA PRO B 411 2.12 -12.61 -14.89
C PRO B 411 1.18 -13.49 -14.08
N PHE B 412 1.73 -14.20 -13.09
CA PHE B 412 0.94 -15.10 -12.29
C PHE B 412 1.66 -15.36 -10.98
N TYR B 413 0.85 -15.79 -10.01
CA TYR B 413 1.33 -16.13 -8.68
C TYR B 413 1.44 -17.64 -8.59
N ILE B 414 2.31 -18.12 -7.70
CA ILE B 414 2.37 -19.54 -7.39
C ILE B 414 2.29 -19.70 -5.88
N LEU B 415 1.22 -20.36 -5.42
CA LEU B 415 0.99 -20.58 -4.00
C LEU B 415 1.65 -21.90 -3.59
N PHE B 416 2.42 -21.87 -2.50
CA PHE B 416 3.17 -23.05 -2.10
C PHE B 416 3.57 -22.88 -0.64
N THR B 417 3.96 -24.00 0.01
CA THR B 417 4.56 -23.95 1.33
C THR B 417 5.73 -24.91 1.38
N VAL B 418 6.52 -24.78 2.46
CA VAL B 418 7.62 -25.67 2.73
C VAL B 418 7.23 -26.67 3.82
N ASN B 419 7.99 -27.76 3.87
CA ASN B 419 7.80 -28.89 4.76
C ASN B 419 8.49 -28.59 6.10
N THR B 420 9.52 -27.74 6.03
CA THR B 420 10.41 -27.51 7.15
C THR B 420 10.91 -26.08 7.06
N THR B 421 10.91 -25.38 8.20
CA THR B 421 11.40 -24.02 8.27
C THR B 421 12.89 -24.03 7.92
N GLY B 422 13.27 -23.17 6.96
CA GLY B 422 14.62 -23.20 6.40
C GLY B 422 14.82 -22.18 5.28
N ILE B 423 16.09 -22.04 4.87
CA ILE B 423 16.47 -21.13 3.80
C ILE B 423 16.30 -21.85 2.46
N TYR B 424 15.57 -21.22 1.54
CA TYR B 424 15.34 -21.77 0.21
C TYR B 424 15.89 -20.80 -0.85
N LYS B 425 16.60 -21.37 -1.84
CA LYS B 425 16.97 -20.66 -3.04
C LYS B 425 15.94 -20.94 -4.12
N ILE B 426 15.42 -19.88 -4.73
CA ILE B 426 14.37 -20.00 -5.74
C ILE B 426 14.74 -19.15 -6.95
N ASN B 427 14.56 -19.71 -8.15
CA ASN B 427 14.91 -19.05 -9.40
C ASN B 427 14.28 -19.77 -10.59
N ALA B 428 14.17 -19.04 -11.71
CA ALA B 428 13.83 -19.61 -13.00
C ALA B 428 15.11 -20.03 -13.74
N GLN B 429 14.95 -20.63 -14.93
CA GLN B 429 16.09 -21.19 -15.64
C GLN B 429 17.01 -20.05 -16.10
N ASN B 430 18.30 -20.20 -15.79
CA ASN B 430 19.31 -19.20 -16.10
C ASN B 430 19.06 -17.92 -15.31
N ASN B 431 18.28 -18.01 -14.24
CA ASN B 431 17.95 -16.87 -13.39
C ASN B 431 17.17 -15.80 -14.16
N LEU B 432 16.52 -16.18 -15.26
CA LEU B 432 15.64 -15.29 -16.02
C LEU B 432 14.28 -15.98 -16.18
N PRO B 433 13.13 -15.31 -15.91
CA PRO B 433 13.07 -13.93 -15.46
C PRO B 433 13.35 -13.74 -13.98
N SER B 434 13.40 -12.47 -13.55
CA SER B 434 13.49 -12.16 -12.14
C SER B 434 12.15 -12.45 -11.47
N LEU B 435 12.23 -13.00 -10.24
CA LEU B 435 11.05 -13.41 -9.50
C LEU B 435 10.85 -12.54 -8.27
N LYS B 436 9.63 -12.58 -7.72
CA LYS B 436 9.30 -11.96 -6.45
C LYS B 436 8.57 -12.97 -5.56
N ILE B 437 8.76 -12.83 -4.24
CA ILE B 437 8.12 -13.71 -3.27
C ILE B 437 7.40 -12.84 -2.25
N TYR B 438 6.13 -13.19 -2.00
CA TYR B 438 5.30 -12.58 -0.98
C TYR B 438 4.90 -13.64 0.05
N GLU B 439 4.64 -13.17 1.28
CA GLU B 439 4.06 -13.96 2.34
C GLU B 439 2.58 -13.64 2.43
N ALA B 440 1.71 -14.66 2.42
CA ALA B 440 0.29 -14.45 2.70
C ALA B 440 0.13 -14.18 4.20
N ILE B 441 -0.60 -13.12 4.55
CA ILE B 441 -0.48 -12.54 5.88
C ILE B 441 -1.40 -13.30 6.84
N GLY B 442 -0.80 -13.89 7.88
CA GLY B 442 -1.55 -14.66 8.85
C GLY B 442 -1.93 -16.03 8.30
N SER B 443 -0.97 -16.69 7.64
CA SER B 443 -1.09 -18.11 7.33
C SER B 443 -0.91 -19.00 8.57
N GLY B 444 -0.01 -18.59 9.49
CA GLY B 444 0.53 -19.47 10.51
C GLY B 444 -0.49 -19.85 11.58
N ASN B 445 -0.67 -21.16 11.78
CA ASN B 445 -1.34 -21.76 12.93
C ASN B 445 -2.81 -21.97 12.66
N ARG B 446 -3.15 -22.26 11.39
CA ARG B 446 -4.49 -22.66 11.03
C ARG B 446 -4.45 -24.11 10.59
N ASN B 447 -5.03 -24.40 9.43
CA ASN B 447 -5.06 -25.76 8.90
C ASN B 447 -3.65 -26.18 8.53
N PHE B 448 -3.29 -27.40 8.93
CA PHE B 448 -1.95 -27.94 8.76
C PHE B 448 -2.10 -29.39 8.32
N GLN B 449 -1.21 -29.83 7.41
CA GLN B 449 -1.01 -31.25 7.17
C GLN B 449 0.45 -31.45 6.79
N SER B 450 1.15 -32.30 7.56
CA SER B 450 2.54 -32.64 7.27
C SER B 450 2.75 -32.83 5.78
N GLY B 451 3.60 -31.96 5.20
CA GLY B 451 4.09 -32.17 3.85
C GLY B 451 3.06 -31.80 2.79
N ASN B 452 1.97 -31.12 3.15
CA ASN B 452 0.98 -30.72 2.15
C ASN B 452 0.57 -29.26 2.33
N LEU B 453 0.10 -28.65 1.24
CA LEU B 453 -0.37 -27.28 1.27
C LEU B 453 -1.84 -27.30 1.67
N CYS B 454 -2.20 -26.43 2.61
CA CYS B 454 -3.59 -26.08 2.89
C CYS B 454 -3.80 -24.64 2.46
N ASP B 455 -4.81 -24.37 1.61
CA ASP B 455 -5.07 -23.02 1.14
C ASP B 455 -5.90 -22.28 2.21
N ASP B 456 -5.36 -21.16 2.74
CA ASP B 456 -6.12 -20.30 3.65
C ASP B 456 -6.97 -19.29 2.87
N ASP B 457 -6.77 -19.21 1.56
CA ASP B 457 -7.46 -18.26 0.69
C ASP B 457 -7.23 -16.82 1.15
N ILE B 458 -5.95 -16.46 1.34
CA ILE B 458 -5.55 -15.13 1.79
C ILE B 458 -4.99 -14.37 0.60
N LYS B 459 -5.66 -13.27 0.22
CA LYS B 459 -5.24 -12.44 -0.90
C LYS B 459 -4.37 -11.27 -0.40
N ALA B 460 -4.24 -11.14 0.92
CA ALA B 460 -3.41 -10.11 1.54
C ALA B 460 -1.97 -10.60 1.63
N ILE B 461 -1.09 -9.90 0.93
CA ILE B 461 0.25 -10.39 0.65
C ILE B 461 1.25 -9.37 1.18
N ASN B 462 2.39 -9.89 1.65
CA ASN B 462 3.40 -9.08 2.30
C ASN B 462 4.72 -9.32 1.56
N TYR B 463 5.11 -8.33 0.74
CA TYR B 463 6.27 -8.46 -0.13
C TYR B 463 7.48 -8.73 0.75
N ILE B 464 8.32 -9.68 0.31
CA ILE B 464 9.51 -10.04 1.05
C ILE B 464 10.70 -9.47 0.29
N THR B 465 10.89 -9.98 -0.93
CA THR B 465 12.01 -9.60 -1.78
C THR B 465 11.70 -10.03 -3.21
N GLY B 466 12.42 -9.43 -4.16
CA GLY B 466 12.21 -9.68 -5.58
C GLY B 466 12.20 -8.36 -6.34
N PHE B 467 12.41 -8.44 -7.67
CA PHE B 467 12.47 -7.26 -8.52
C PHE B 467 11.48 -7.40 -9.67
N ASP B 468 11.10 -6.25 -10.24
CA ASP B 468 10.20 -6.15 -11.37
C ASP B 468 11.00 -5.73 -12.61
N SER B 469 11.93 -6.59 -13.01
CA SER B 469 12.79 -6.30 -14.16
C SER B 469 12.96 -7.58 -14.97
N PRO B 470 12.17 -7.79 -16.04
CA PRO B 470 12.03 -9.13 -16.61
C PRO B 470 13.27 -9.61 -17.36
N ASN B 471 14.21 -8.68 -17.60
CA ASN B 471 15.42 -8.96 -18.37
C ASN B 471 16.66 -9.04 -17.49
N ALA B 472 16.53 -8.72 -16.19
CA ALA B 472 17.67 -8.80 -15.28
C ALA B 472 17.71 -10.15 -14.57
N LYS B 473 18.87 -10.81 -14.63
CA LYS B 473 19.06 -12.11 -14.01
C LYS B 473 19.16 -11.96 -12.49
N SER B 474 18.42 -12.82 -11.76
CA SER B 474 18.50 -12.89 -10.31
C SER B 474 17.98 -14.24 -9.78
N TYR B 475 18.33 -14.53 -8.52
CA TYR B 475 17.74 -15.62 -7.76
C TYR B 475 17.42 -15.12 -6.35
N LEU B 476 16.52 -15.83 -5.65
CA LEU B 476 16.03 -15.43 -4.34
C LEU B 476 16.62 -16.34 -3.24
N VAL B 477 16.92 -15.75 -2.08
CA VAL B 477 17.35 -16.49 -0.92
C VAL B 477 16.50 -16.04 0.26
N VAL B 478 15.54 -16.91 0.65
CA VAL B 478 14.51 -16.56 1.61
C VAL B 478 14.46 -17.60 2.72
N LEU B 479 14.27 -17.13 3.96
CA LEU B 479 13.85 -17.95 5.08
C LEU B 479 12.35 -18.18 4.96
N LEU B 480 11.96 -19.45 4.76
CA LEU B 480 10.55 -19.77 4.64
C LEU B 480 10.13 -20.59 5.87
N ASN B 481 8.89 -20.35 6.32
CA ASN B 481 8.37 -20.92 7.55
C ASN B 481 7.36 -22.00 7.21
N LYS B 482 7.41 -23.13 7.92
CA LYS B 482 6.79 -24.38 7.48
C LYS B 482 5.27 -24.23 7.42
N ASP B 483 4.70 -23.42 8.33
CA ASP B 483 3.25 -23.33 8.46
C ASP B 483 2.70 -22.07 7.80
N LYS B 484 3.53 -21.35 7.06
CA LYS B 484 3.04 -20.23 6.28
C LYS B 484 2.83 -20.67 4.83
N ASN B 485 1.96 -19.95 4.12
CA ASN B 485 1.91 -19.99 2.68
C ASN B 485 2.68 -18.80 2.12
N TYR B 486 3.24 -18.99 0.92
CA TYR B 486 3.94 -17.93 0.23
C TYR B 486 3.43 -17.89 -1.21
N TYR B 487 3.58 -16.71 -1.82
CA TYR B 487 3.26 -16.49 -3.22
C TYR B 487 4.56 -16.12 -3.94
N ILE B 488 4.94 -16.92 -4.95
CA ILE B 488 5.94 -16.50 -5.92
C ILE B 488 5.20 -15.73 -6.99
N ARG B 489 5.75 -14.58 -7.42
CA ARG B 489 5.17 -13.88 -8.55
C ARG B 489 6.14 -13.97 -9.72
N VAL B 490 5.64 -14.56 -10.81
CA VAL B 490 6.37 -14.68 -12.07
C VAL B 490 5.89 -13.56 -12.99
N PRO B 491 6.79 -12.67 -13.49
CA PRO B 491 6.38 -11.55 -14.32
C PRO B 491 6.13 -11.93 -15.79
N GLN B 492 5.75 -10.90 -16.58
CA GLN B 492 5.48 -11.05 -17.99
C GLN B 492 6.79 -11.23 -18.75
N THR B 493 6.87 -12.25 -19.60
CA THR B 493 8.03 -12.50 -20.43
C THR B 493 7.59 -12.60 -21.90
N SER B 494 8.47 -12.17 -22.82
CA SER B 494 8.17 -12.16 -24.24
C SER B 494 8.74 -13.40 -24.95
N SER B 495 9.35 -14.31 -24.20
CA SER B 495 9.80 -15.59 -24.75
C SER B 495 8.68 -16.62 -24.61
N ASN B 496 8.55 -17.53 -25.59
CA ASN B 496 7.58 -18.62 -25.49
C ASN B 496 8.28 -19.93 -25.14
N ILE B 497 9.56 -19.84 -24.74
CA ILE B 497 10.38 -21.01 -24.47
C ILE B 497 10.01 -21.53 -23.07
N GLU B 498 9.84 -22.85 -22.96
CA GLU B 498 9.51 -23.52 -21.71
C GLU B 498 10.53 -23.17 -20.63
N ASN B 499 10.06 -22.42 -19.63
CA ASN B 499 10.86 -22.05 -18.48
C ASN B 499 10.42 -22.93 -17.31
N GLN B 500 11.12 -22.81 -16.18
CA GLN B 500 10.93 -23.67 -15.02
C GLN B 500 11.46 -22.97 -13.77
N ILE B 501 10.66 -22.98 -12.70
CA ILE B 501 11.12 -22.39 -11.45
C ILE B 501 11.66 -23.50 -10.56
N LYS B 502 12.82 -23.26 -9.95
CA LYS B 502 13.54 -24.27 -9.18
C LYS B 502 13.61 -23.83 -7.73
N PHE B 503 13.21 -24.71 -6.81
CA PHE B 503 13.29 -24.47 -5.38
C PHE B 503 14.30 -25.45 -4.77
N LYS B 504 15.23 -24.94 -3.96
CA LYS B 504 16.21 -25.79 -3.31
C LYS B 504 16.41 -25.33 -1.87
N ARG B 505 16.26 -26.27 -0.94
CA ARG B 505 16.62 -26.04 0.45
C ARG B 505 18.12 -25.83 0.51
N GLU B 506 18.55 -24.78 1.21
CA GLU B 506 19.96 -24.52 1.43
C GLU B 506 20.31 -24.81 2.88
N GLU B 507 21.11 -25.85 3.09
CA GLU B 507 21.61 -26.16 4.42
C GLU B 507 23.00 -25.55 4.66
N GLY B 508 23.47 -24.64 3.80
CA GLY B 508 24.84 -24.16 3.86
C GLY B 508 24.94 -22.66 4.14
N ASP B 509 25.88 -22.03 3.42
CA ASP B 509 26.34 -20.68 3.73
C ASP B 509 25.48 -19.66 2.99
N LEU B 510 24.71 -20.10 1.99
CA LEU B 510 23.77 -19.24 1.29
C LEU B 510 22.73 -18.68 2.25
N ARG B 511 22.70 -19.18 3.49
CA ARG B 511 21.87 -18.66 4.56
C ARG B 511 22.29 -17.23 4.93
N ASN B 512 23.52 -16.83 4.60
CA ASN B 512 23.98 -15.48 4.92
C ASN B 512 23.30 -14.46 4.01
N LEU B 513 22.71 -14.92 2.91
CA LEU B 513 22.02 -14.03 1.99
C LEU B 513 20.53 -13.99 2.30
N MET B 514 20.19 -14.25 3.56
CA MET B 514 18.82 -14.49 3.97
C MET B 514 17.95 -13.26 3.70
N ASN B 515 16.85 -13.51 2.99
CA ASN B 515 15.85 -12.50 2.64
C ASN B 515 16.48 -11.46 1.73
N SER B 516 16.90 -11.93 0.55
CA SER B 516 17.54 -11.09 -0.44
C SER B 516 17.31 -11.69 -1.82
N SER B 517 17.18 -10.82 -2.82
CA SER B 517 17.35 -11.19 -4.21
C SER B 517 18.82 -10.99 -4.56
N VAL B 518 19.37 -11.88 -5.39
CA VAL B 518 20.76 -11.79 -5.81
C VAL B 518 20.77 -11.52 -7.30
N ASN B 519 21.25 -10.34 -7.69
CA ASN B 519 21.47 -10.00 -9.09
C ASN B 519 22.71 -10.68 -9.63
N ILE B 520 22.60 -11.22 -10.84
CA ILE B 520 23.77 -11.78 -11.50
C ILE B 520 24.38 -10.72 -12.42
N ILE B 521 25.60 -10.28 -12.09
CA ILE B 521 26.32 -9.25 -12.83
C ILE B 521 27.34 -9.94 -13.73
N ASP B 522 27.09 -9.83 -15.04
CA ASP B 522 27.92 -10.47 -16.06
C ASP B 522 28.94 -9.48 -16.63
N ASN B 523 30.17 -9.96 -16.84
CA ASN B 523 31.10 -9.45 -17.86
C ASN B 523 31.71 -8.10 -17.48
N LEU B 524 32.17 -7.98 -16.22
CA LEU B 524 33.01 -6.86 -15.81
C LEU B 524 34.26 -6.76 -16.68
N ASN B 525 34.54 -5.55 -17.20
CA ASN B 525 35.83 -5.27 -17.81
C ASN B 525 36.86 -5.04 -16.72
N SER B 526 38.14 -5.13 -17.11
CA SER B 526 39.27 -5.29 -16.22
C SER B 526 39.73 -3.97 -15.62
N THR B 527 39.41 -2.83 -16.27
CA THR B 527 39.45 -1.53 -15.63
C THR B 527 38.15 -0.79 -15.94
N GLY B 528 37.84 0.13 -15.01
CA GLY B 528 36.91 1.22 -15.25
C GLY B 528 35.70 1.16 -14.33
N ALA B 529 34.67 1.91 -14.73
CA ALA B 529 33.49 2.08 -13.92
C ALA B 529 32.40 1.13 -14.41
N HIS B 530 31.50 0.80 -13.47
CA HIS B 530 30.29 0.04 -13.74
C HIS B 530 29.26 0.46 -12.70
N TYR B 531 27.99 0.65 -13.08
CA TYR B 531 26.95 0.92 -12.11
C TYR B 531 25.72 0.06 -12.42
N TYR B 532 24.88 -0.18 -11.41
CA TYR B 532 23.73 -1.07 -11.53
C TYR B 532 22.53 -0.55 -10.72
N THR B 533 21.54 0.00 -11.43
CA THR B 533 20.38 0.62 -10.79
C THR B 533 19.31 -0.44 -10.61
N ARG B 534 18.78 -0.53 -9.39
CA ARG B 534 17.72 -1.48 -9.04
C ARG B 534 16.73 -0.81 -8.11
N GLN B 535 15.56 -1.45 -7.89
CA GLN B 535 14.57 -0.96 -6.95
C GLN B 535 15.12 -1.12 -5.53
N SER B 536 15.23 -0.03 -4.77
CA SER B 536 15.86 -0.09 -3.46
C SER B 536 14.96 -0.85 -2.49
N PRO B 537 15.54 -1.76 -1.68
CA PRO B 537 14.84 -2.24 -0.50
C PRO B 537 14.57 -1.10 0.48
N ASP B 538 13.64 -1.35 1.40
CA ASP B 538 13.35 -0.44 2.49
C ASP B 538 14.50 -0.45 3.49
N VAL B 539 14.49 0.50 4.42
CA VAL B 539 15.44 0.46 5.53
C VAL B 539 15.40 -0.94 6.15
N HIS B 540 16.58 -1.55 6.27
CA HIS B 540 16.79 -2.80 7.00
C HIS B 540 16.36 -4.02 6.18
N ASP B 541 15.91 -3.81 4.93
CA ASP B 541 15.78 -4.88 3.95
C ASP B 541 17.08 -5.00 3.15
N TYR B 542 17.17 -6.06 2.33
CA TYR B 542 18.44 -6.47 1.75
C TYR B 542 18.36 -6.53 0.23
N ILE B 543 19.51 -6.27 -0.40
CA ILE B 543 19.72 -6.55 -1.83
C ILE B 543 21.15 -7.06 -2.00
N SER B 544 21.31 -8.08 -2.86
CA SER B 544 22.59 -8.73 -3.06
C SER B 544 22.98 -8.71 -4.55
N TYR B 545 24.29 -8.82 -4.78
CA TYR B 545 24.84 -8.75 -6.12
C TYR B 545 25.96 -9.78 -6.26
N GLU B 546 25.89 -10.60 -7.32
CA GLU B 546 26.86 -11.66 -7.55
C GLU B 546 27.66 -11.32 -8.80
N PHE B 547 28.98 -11.12 -8.62
CA PHE B 547 29.85 -10.59 -9.66
C PHE B 547 31.16 -11.38 -9.71
N THR B 548 31.66 -11.58 -10.93
CA THR B 548 32.93 -12.27 -11.16
C THR B 548 33.99 -11.24 -11.57
N ILE B 549 35.12 -11.25 -10.85
CA ILE B 549 36.17 -10.28 -11.09
C ILE B 549 36.78 -10.58 -12.45
N PRO B 550 37.07 -9.54 -13.27
CA PRO B 550 37.77 -9.74 -14.53
C PRO B 550 39.06 -10.54 -14.39
N GLY B 551 39.40 -11.26 -15.46
CA GLY B 551 40.70 -11.90 -15.57
C GLY B 551 40.57 -13.41 -15.38
N ASN B 552 41.73 -14.08 -15.48
CA ASN B 552 41.85 -15.50 -15.26
C ASN B 552 42.23 -15.72 -13.80
N PHE B 553 41.69 -16.81 -13.22
CA PHE B 553 41.88 -17.12 -11.81
C PHE B 553 43.23 -17.81 -11.62
N ASN B 554 44.14 -17.15 -10.88
CA ASN B 554 45.42 -17.70 -10.51
C ASN B 554 45.43 -18.06 -9.03
N ASN B 555 44.52 -17.45 -8.28
CA ASN B 555 44.56 -17.56 -6.84
C ASN B 555 45.69 -16.69 -6.29
N LYS B 556 46.18 -15.71 -7.08
CA LYS B 556 47.23 -14.82 -6.63
C LYS B 556 47.01 -13.44 -7.23
N ASP B 557 46.80 -13.36 -8.55
CA ASP B 557 46.48 -12.11 -9.22
C ASP B 557 45.17 -11.54 -8.68
N THR B 558 45.21 -10.30 -8.19
CA THR B 558 44.03 -9.59 -7.71
C THR B 558 43.75 -8.40 -8.64
N SER B 559 42.65 -7.68 -8.35
CA SER B 559 42.36 -6.39 -8.93
C SER B 559 41.70 -5.51 -7.87
N ASN B 560 41.80 -4.18 -8.05
CA ASN B 560 41.38 -3.24 -7.01
C ASN B 560 39.95 -2.77 -7.28
N ILE B 561 39.03 -3.21 -6.41
CA ILE B 561 37.60 -2.94 -6.56
C ILE B 561 37.14 -1.92 -5.52
N ARG B 562 36.38 -0.92 -6.01
CA ARG B 562 35.72 0.07 -5.17
C ARG B 562 34.20 -0.08 -5.26
N LEU B 563 33.56 -0.31 -4.11
CA LEU B 563 32.15 -0.66 -4.05
C LEU B 563 31.38 0.43 -3.30
N TYR B 564 30.37 1.02 -3.94
CA TYR B 564 29.65 2.14 -3.34
C TYR B 564 28.28 2.32 -3.98
N THR B 565 27.40 2.98 -3.24
CA THR B 565 26.09 3.39 -3.70
C THR B 565 26.12 4.89 -3.99
N SER B 566 25.06 5.36 -4.65
CA SER B 566 25.04 6.71 -5.21
C SER B 566 24.10 7.61 -4.40
N TYR B 567 22.92 7.09 -4.04
CA TYR B 567 21.90 7.91 -3.40
C TYR B 567 21.63 7.40 -1.99
N ASN B 568 21.43 6.07 -1.85
CA ASN B 568 21.00 5.50 -0.59
C ASN B 568 22.20 5.00 0.20
N GLN B 569 22.10 5.13 1.53
CA GLN B 569 23.12 4.62 2.44
C GLN B 569 22.89 3.13 2.66
N GLY B 570 23.97 2.35 2.74
CA GLY B 570 23.85 0.92 2.98
C GLY B 570 25.05 0.32 3.71
N ILE B 571 24.80 -0.68 4.56
CA ILE B 571 25.89 -1.49 5.09
C ILE B 571 26.06 -2.67 4.14
N GLY B 572 27.30 -2.87 3.67
CA GLY B 572 27.61 -3.92 2.72
C GLY B 572 28.46 -5.01 3.38
N THR B 573 28.00 -6.26 3.27
CA THR B 573 28.79 -7.40 3.68
C THR B 573 29.17 -8.18 2.43
N LEU B 574 30.45 -8.55 2.31
CA LEU B 574 30.98 -9.10 1.07
C LEU B 574 31.42 -10.55 1.31
N PHE B 575 31.05 -11.41 0.36
CA PHE B 575 31.40 -12.82 0.42
C PHE B 575 32.20 -13.21 -0.81
N ARG B 576 33.08 -14.22 -0.65
CA ARG B 576 33.77 -14.83 -1.78
C ARG B 576 33.22 -16.24 -1.94
N VAL B 577 32.69 -16.55 -3.12
CA VAL B 577 32.16 -17.86 -3.44
C VAL B 577 33.32 -18.77 -3.81
N THR B 578 33.32 -19.95 -3.18
CA THR B 578 34.20 -21.06 -3.50
C THR B 578 33.31 -22.29 -3.64
N GLU B 579 33.24 -22.85 -4.86
CA GLU B 579 32.17 -23.75 -5.26
C GLU B 579 32.73 -25.16 -5.47
N THR B 580 32.20 -26.11 -4.70
CA THR B 580 32.50 -27.53 -4.90
C THR B 580 31.22 -28.28 -5.26
N ILE B 581 30.20 -28.23 -4.37
CA ILE B 581 28.91 -28.84 -4.61
C ILE B 581 27.82 -27.87 -4.12
N TYR B 584 28.01 -24.12 -2.89
CA TYR B 584 28.32 -22.71 -2.49
C TYR B 584 28.79 -22.71 -1.03
N ASN B 585 30.07 -22.33 -0.82
CA ASN B 585 30.56 -21.85 0.46
C ASN B 585 30.86 -20.36 0.32
N LEU B 586 30.45 -19.58 1.32
CA LEU B 586 30.68 -18.15 1.33
C LEU B 586 31.69 -17.82 2.43
N ILE B 587 32.78 -17.16 2.02
CA ILE B 587 33.80 -16.68 2.93
C ILE B 587 33.55 -15.19 3.14
N ASN B 588 33.47 -14.74 4.40
CA ASN B 588 33.13 -13.36 4.70
C ASN B 588 34.40 -12.51 4.70
N ILE B 589 34.43 -11.48 3.82
CA ILE B 589 35.65 -10.75 3.53
C ILE B 589 35.63 -9.38 4.22
N GLN B 590 34.51 -8.67 4.16
CA GLN B 590 34.33 -7.45 4.95
C GLN B 590 32.83 -7.20 5.10
N GLN B 591 32.36 -6.89 6.32
CA GLN B 591 30.95 -6.65 6.59
C GLN B 591 30.81 -5.41 7.46
N ASN B 592 31.71 -4.45 7.29
CA ASN B 592 31.62 -3.18 7.99
C ASN B 592 31.80 -2.05 6.97
N LEU B 593 31.23 -2.25 5.77
CA LEU B 593 31.48 -1.36 4.64
C LEU B 593 30.24 -0.49 4.43
N ASN B 594 30.35 0.81 4.78
CA ASN B 594 29.28 1.76 4.53
C ASN B 594 29.52 2.38 3.16
N LEU B 595 28.48 2.35 2.30
CA LEU B 595 28.64 2.39 0.85
C LEU B 595 28.38 3.76 0.26
N LEU B 596 27.56 4.59 0.92
CA LEU B 596 27.13 5.84 0.31
C LEU B 596 28.34 6.72 -0.01
N ASN B 597 28.57 6.94 -1.31
CA ASN B 597 29.70 7.71 -1.84
C ASN B 597 30.99 7.29 -1.15
N SER B 598 31.23 5.97 -1.11
CA SER B 598 32.44 5.42 -0.51
C SER B 598 33.59 5.61 -1.48
N THR B 599 34.81 5.66 -0.94
CA THR B 599 36.02 5.73 -1.74
C THR B 599 36.99 4.62 -1.35
N LYS B 600 36.59 3.74 -0.41
CA LYS B 600 37.44 2.67 0.08
C LYS B 600 37.57 1.60 -1.00
N SER B 601 38.75 0.96 -1.06
CA SER B 601 39.00 -0.02 -2.11
C SER B 601 39.65 -1.26 -1.53
N ILE B 602 39.28 -2.41 -2.10
CA ILE B 602 39.74 -3.69 -1.62
C ILE B 602 40.10 -4.54 -2.83
N ARG B 603 41.28 -5.18 -2.77
CA ARG B 603 41.78 -6.05 -3.82
C ARG B 603 41.10 -7.41 -3.74
N LEU B 604 40.44 -7.82 -4.84
CA LEU B 604 39.74 -9.10 -4.91
C LEU B 604 40.39 -9.98 -5.98
N LEU B 605 40.29 -11.30 -5.77
CA LEU B 605 40.92 -12.26 -6.65
C LEU B 605 40.27 -12.22 -8.03
N ASN B 606 41.10 -12.11 -9.08
CA ASN B 606 40.60 -12.06 -10.44
C ASN B 606 39.98 -13.39 -10.82
N GLY B 607 38.97 -13.34 -11.69
CA GLY B 607 38.26 -14.53 -12.15
C GLY B 607 37.63 -15.32 -10.99
N ALA B 608 37.29 -14.65 -9.87
CA ALA B 608 36.68 -15.28 -8.71
C ALA B 608 35.31 -14.65 -8.45
N ILE B 609 34.34 -15.47 -8.03
CA ILE B 609 32.98 -14.97 -7.84
C ILE B 609 32.85 -14.39 -6.44
N TYR B 610 32.15 -13.25 -6.31
CA TYR B 610 31.86 -12.65 -5.02
C TYR B 610 30.38 -12.28 -4.94
N ILE B 611 29.86 -12.24 -3.72
CA ILE B 611 28.51 -11.74 -3.51
C ILE B 611 28.57 -10.61 -2.48
N LEU B 612 27.99 -9.45 -2.84
CA LEU B 612 27.80 -8.35 -1.91
C LEU B 612 26.34 -8.31 -1.47
N LYS B 613 26.13 -8.39 -0.13
CA LYS B 613 24.83 -8.15 0.45
C LYS B 613 24.81 -6.74 1.02
N VAL B 614 23.74 -6.00 0.74
CA VAL B 614 23.60 -4.61 1.14
C VAL B 614 22.33 -4.46 1.97
N GLU B 615 22.48 -3.81 3.14
CA GLU B 615 21.36 -3.42 3.99
C GLU B 615 21.11 -1.93 3.82
N VAL B 616 19.94 -1.57 3.29
CA VAL B 616 19.53 -0.18 3.17
C VAL B 616 19.31 0.38 4.56
N THR B 617 19.99 1.48 4.91
CA THR B 617 19.86 2.13 6.21
C THR B 617 19.34 3.56 6.06
N GLU B 618 19.36 4.13 4.84
CA GLU B 618 18.76 5.43 4.56
C GLU B 618 18.15 5.45 3.16
N LEU B 619 16.81 5.41 3.10
CA LEU B 619 16.08 5.40 1.85
C LEU B 619 15.87 6.82 1.34
N ASN B 620 16.77 7.28 0.46
CA ASN B 620 16.69 8.61 -0.10
C ASN B 620 16.13 8.57 -1.52
N ASN B 621 16.16 7.42 -2.17
CA ASN B 621 15.68 7.31 -3.53
C ASN B 621 15.01 5.95 -3.72
N TYR B 622 13.95 5.92 -4.57
CA TYR B 622 13.26 4.71 -4.98
C TYR B 622 14.26 3.65 -5.44
N ASN B 623 15.26 4.09 -6.22
CA ASN B 623 16.26 3.20 -6.79
C ASN B 623 17.53 3.20 -5.94
N ILE B 624 18.25 2.07 -5.98
CA ILE B 624 19.61 1.98 -5.46
C ILE B 624 20.54 1.67 -6.62
N LYS B 625 21.46 2.61 -6.87
CA LYS B 625 22.49 2.45 -7.87
C LYS B 625 23.77 1.96 -7.20
N LEU B 626 24.31 0.84 -7.70
CA LEU B 626 25.52 0.25 -7.13
C LEU B 626 26.67 0.40 -8.11
N HIS B 627 27.75 1.00 -7.62
CA HIS B 627 28.96 1.22 -8.39
C HIS B 627 29.98 0.16 -8.01
N ILE B 628 30.54 -0.49 -9.04
CA ILE B 628 31.70 -1.37 -8.94
C ILE B 628 32.77 -0.81 -9.87
N ASP B 629 33.71 -0.05 -9.31
CA ASP B 629 34.77 0.59 -10.08
C ASP B 629 36.08 -0.19 -9.88
N ILE B 630 36.72 -0.57 -11.00
CA ILE B 630 37.87 -1.46 -11.00
C ILE B 630 39.12 -0.69 -11.42
N THR B 631 40.27 -1.08 -10.85
CA THR B 631 41.52 -0.36 -11.04
C THR B 631 42.62 -1.32 -11.48
N THR C 28 -22.25 39.43 -44.05
CA THR C 28 -21.26 38.36 -44.29
C THR C 28 -21.36 37.33 -43.17
N ILE C 29 -21.39 36.04 -43.55
CA ILE C 29 -21.61 34.93 -42.63
C ILE C 29 -20.62 33.81 -42.96
N ASP C 30 -20.46 32.84 -42.03
CA ASP C 30 -19.43 31.81 -42.14
C ASP C 30 -19.93 30.52 -42.75
N LEU C 31 -20.95 29.89 -42.16
CA LEU C 31 -21.63 28.79 -42.83
C LEU C 31 -21.58 29.09 -44.32
N ALA C 32 -20.74 28.39 -45.08
CA ALA C 32 -20.55 28.75 -46.47
C ALA C 32 -21.07 27.64 -47.38
N ASP C 33 -21.45 28.08 -48.60
CA ASP C 33 -21.68 27.26 -49.80
C ASP C 33 -22.82 26.26 -49.62
N GLY C 34 -24.05 26.79 -49.73
CA GLY C 34 -25.25 25.98 -49.71
C GLY C 34 -26.44 26.74 -49.14
N ASN C 35 -27.55 26.01 -49.02
CA ASN C 35 -28.81 26.55 -48.51
C ASN C 35 -28.96 26.16 -47.05
N TYR C 36 -29.55 27.06 -46.25
CA TYR C 36 -29.73 26.82 -44.83
C TYR C 36 -31.17 27.18 -44.43
N VAL C 37 -31.73 26.37 -43.51
CA VAL C 37 -32.95 26.71 -42.81
C VAL C 37 -32.55 27.35 -41.48
N VAL C 38 -33.20 28.47 -41.13
CA VAL C 38 -32.84 29.25 -39.96
C VAL C 38 -34.07 29.54 -39.11
N SER C 39 -33.91 29.40 -37.79
CA SER C 39 -34.93 29.83 -36.85
C SER C 39 -34.38 31.07 -36.17
N ARG C 40 -35.03 32.22 -36.42
CA ARG C 40 -34.61 33.48 -35.85
C ARG C 40 -35.21 33.64 -34.45
N GLY C 41 -36.13 32.74 -34.09
CA GLY C 41 -36.66 32.68 -32.73
C GLY C 41 -38.14 32.99 -32.69
N ASP C 42 -38.72 32.88 -31.48
CA ASP C 42 -40.09 33.28 -31.20
C ASP C 42 -40.08 34.71 -30.68
N GLY C 43 -41.27 35.32 -30.54
CA GLY C 43 -41.39 36.64 -29.95
C GLY C 43 -41.32 37.75 -31.01
N TRP C 44 -41.51 37.41 -32.28
CA TRP C 44 -41.53 38.40 -33.34
C TRP C 44 -42.90 39.02 -33.48
N ILE C 45 -42.99 40.35 -33.33
CA ILE C 45 -44.19 41.10 -33.64
C ILE C 45 -43.99 41.79 -34.98
N LEU C 46 -45.07 41.95 -35.73
CA LEU C 46 -44.99 42.49 -37.08
C LEU C 46 -45.33 43.98 -37.08
N SER C 47 -44.82 44.69 -38.10
CA SER C 47 -45.01 46.14 -38.20
C SER C 47 -46.44 46.44 -38.66
N ARG C 48 -47.01 47.51 -38.09
CA ARG C 48 -48.28 48.11 -38.49
C ARG C 48 -49.49 47.46 -37.85
N GLN C 49 -49.41 46.17 -37.49
CA GLN C 49 -50.62 45.40 -37.18
C GLN C 49 -50.72 45.13 -35.69
N ASN C 50 -50.38 46.13 -34.88
CA ASN C 50 -50.21 45.98 -33.44
C ASN C 50 -51.55 46.02 -32.73
N GLN C 51 -52.45 46.94 -33.09
CA GLN C 51 -53.72 47.02 -32.39
C GLN C 51 -54.89 46.58 -33.26
N ILE C 52 -54.69 45.67 -34.22
CA ILE C 52 -55.79 45.31 -35.10
C ILE C 52 -56.80 44.36 -34.42
N LEU C 53 -56.54 44.04 -33.14
CA LEU C 53 -57.41 43.17 -32.36
C LEU C 53 -58.10 43.93 -31.23
N GLY C 54 -57.58 45.10 -30.88
CA GLY C 54 -58.18 45.90 -29.84
C GLY C 54 -57.40 45.79 -28.54
N GLY C 55 -57.96 46.43 -27.50
CA GLY C 55 -57.35 46.53 -26.19
C GLY C 55 -58.40 46.89 -25.14
N SER C 56 -58.02 46.76 -23.86
CA SER C 56 -58.95 47.05 -22.78
C SER C 56 -58.45 48.20 -21.92
N VAL C 57 -59.40 48.97 -21.39
CA VAL C 57 -59.10 50.01 -20.43
C VAL C 57 -59.62 49.54 -19.07
N ILE C 58 -58.77 49.63 -18.05
CA ILE C 58 -59.16 49.25 -16.70
C ILE C 58 -58.78 50.36 -15.74
N SER C 59 -59.63 50.55 -14.73
CA SER C 59 -59.56 51.63 -13.77
C SER C 59 -59.10 51.08 -12.42
N ASN C 60 -59.27 51.86 -11.36
CA ASN C 60 -58.73 51.51 -10.05
C ASN C 60 -58.97 50.07 -9.62
N GLY C 61 -57.86 49.33 -9.51
CA GLY C 61 -57.84 48.10 -8.76
C GLY C 61 -58.29 46.91 -9.59
N SER C 62 -59.10 47.17 -10.62
CA SER C 62 -59.66 46.12 -11.45
C SER C 62 -58.53 45.39 -12.17
N THR C 63 -58.74 44.10 -12.40
CA THR C 63 -57.82 43.30 -13.19
C THR C 63 -58.47 43.02 -14.53
N GLY C 64 -57.73 43.30 -15.61
CA GLY C 64 -58.19 42.95 -16.93
C GLY C 64 -57.46 41.71 -17.44
N ILE C 65 -58.20 40.81 -18.08
CA ILE C 65 -57.60 39.63 -18.67
C ILE C 65 -57.95 39.61 -20.15
N VAL C 66 -56.93 39.65 -21.01
CA VAL C 66 -57.17 39.56 -22.44
C VAL C 66 -56.32 38.43 -22.96
N GLY C 67 -56.84 37.71 -23.96
CA GLY C 67 -56.10 36.64 -24.60
C GLY C 67 -56.83 36.17 -25.85
N ASP C 68 -56.35 35.09 -26.45
CA ASP C 68 -56.92 34.60 -27.69
C ASP C 68 -56.77 33.08 -27.74
N LEU C 69 -57.25 32.46 -28.82
CA LEU C 69 -56.92 31.07 -29.05
C LEU C 69 -56.60 30.82 -30.52
N ARG C 70 -55.33 30.47 -30.74
CA ARG C 70 -54.75 30.16 -32.03
C ARG C 70 -55.45 28.95 -32.63
N VAL C 71 -56.03 29.11 -33.83
CA VAL C 71 -56.75 28.05 -34.50
C VAL C 71 -56.92 28.44 -35.97
N ASN C 72 -57.31 27.45 -36.79
CA ASN C 72 -57.64 27.61 -38.21
C ASN C 72 -57.20 28.96 -38.80
N ASP C 73 -58.07 29.99 -38.72
CA ASP C 73 -57.87 31.20 -39.51
C ASP C 73 -56.75 32.07 -38.96
N ASN C 74 -56.67 32.20 -37.63
CA ASN C 74 -55.73 33.14 -37.01
C ASN C 74 -54.34 32.52 -36.86
N ALA C 75 -54.20 31.23 -37.20
CA ALA C 75 -52.91 30.57 -37.28
C ALA C 75 -52.49 30.43 -38.73
N ILE C 76 -52.76 31.46 -39.56
CA ILE C 76 -52.30 31.47 -40.94
C ILE C 76 -50.91 32.12 -40.97
N PRO C 77 -49.88 31.39 -41.45
CA PRO C 77 -48.54 31.94 -41.59
C PRO C 77 -48.38 32.92 -42.75
N TYR C 78 -47.39 33.80 -42.65
CA TYR C 78 -47.10 34.78 -43.67
C TYR C 78 -45.81 34.40 -44.40
N TYR C 79 -45.94 34.02 -45.67
CA TYR C 79 -44.83 33.60 -46.51
C TYR C 79 -44.31 34.82 -47.27
N TYR C 80 -42.98 34.99 -47.26
CA TYR C 80 -42.32 36.00 -48.07
C TYR C 80 -41.24 35.30 -48.90
N PRO C 81 -41.64 34.68 -50.03
CA PRO C 81 -40.74 33.81 -50.77
C PRO C 81 -39.71 34.55 -51.61
N THR C 82 -38.78 33.79 -52.20
CA THR C 82 -37.85 34.25 -53.22
C THR C 82 -37.83 33.26 -54.39
N PRO C 83 -37.31 33.62 -55.58
CA PRO C 83 -37.31 32.72 -56.74
C PRO C 83 -36.79 31.30 -56.48
N SER C 84 -35.73 31.17 -55.67
CA SER C 84 -35.17 29.87 -55.34
C SER C 84 -36.05 29.13 -54.32
N PHE C 85 -36.81 29.89 -53.51
CA PHE C 85 -37.47 29.37 -52.34
C PHE C 85 -38.96 29.71 -52.37
N ASN C 86 -39.79 28.84 -52.96
CA ASN C 86 -41.23 29.06 -53.00
C ASN C 86 -41.85 28.61 -51.68
N GLU C 87 -43.15 28.91 -51.50
CA GLU C 87 -43.88 28.61 -50.27
C GLU C 87 -43.71 27.12 -49.97
N GLU C 88 -43.93 26.25 -50.97
CA GLU C 88 -43.90 24.82 -50.69
C GLU C 88 -42.52 24.41 -50.17
N TYR C 89 -41.44 24.92 -50.81
CA TYR C 89 -40.09 24.63 -50.36
C TYR C 89 -39.85 25.11 -48.92
N ILE C 90 -40.33 26.31 -48.61
CA ILE C 90 -40.11 26.93 -47.32
C ILE C 90 -40.81 26.11 -46.23
N LYS C 91 -42.10 25.79 -46.46
CA LYS C 91 -42.88 24.96 -45.55
C LYS C 91 -42.11 23.66 -45.24
N ASN C 92 -41.92 22.85 -46.29
CA ASN C 92 -41.41 21.50 -46.14
C ASN C 92 -40.08 21.50 -45.40
N ASN C 93 -39.19 22.44 -45.73
CA ASN C 93 -37.85 22.44 -45.18
C ASN C 93 -37.83 22.93 -43.73
N ILE C 94 -38.78 23.78 -43.35
CA ILE C 94 -38.83 24.22 -41.92
C ILE C 94 -39.49 23.11 -41.09
N GLN C 95 -40.54 22.50 -41.60
CA GLN C 95 -41.26 21.48 -40.80
C GLN C 95 -40.42 20.21 -40.72
N THR C 96 -39.40 20.08 -41.55
CA THR C 96 -38.49 18.92 -41.49
C THR C 96 -37.59 19.09 -40.31
N VAL C 97 -37.07 20.29 -40.10
CA VAL C 97 -36.09 20.54 -39.06
C VAL C 97 -36.78 21.00 -37.79
N PHE C 98 -37.80 21.86 -37.94
CA PHE C 98 -38.41 22.59 -36.85
C PHE C 98 -39.88 22.20 -36.71
N ALA C 99 -40.60 22.84 -35.78
CA ALA C 99 -42.00 22.56 -35.51
C ALA C 99 -42.80 22.36 -36.79
N ASN C 100 -43.60 21.30 -36.84
CA ASN C 100 -44.63 21.21 -37.87
C ASN C 100 -45.82 22.05 -37.46
N PHE C 101 -45.98 23.21 -38.11
CA PHE C 101 -47.03 24.16 -37.77
C PHE C 101 -48.34 23.86 -38.51
N THR C 102 -48.36 22.85 -39.40
CA THR C 102 -49.56 22.50 -40.14
C THR C 102 -50.36 21.45 -39.37
N GLU C 103 -49.70 20.73 -38.47
CA GLU C 103 -50.38 19.73 -37.64
C GLU C 103 -50.75 20.35 -36.30
N ALA C 104 -49.98 21.37 -35.86
CA ALA C 104 -50.21 22.02 -34.57
C ALA C 104 -51.36 23.03 -34.64
N ASN C 105 -51.64 23.56 -35.85
CA ASN C 105 -52.62 24.63 -36.03
C ASN C 105 -54.07 24.11 -35.98
N GLN C 106 -54.22 22.79 -35.86
CA GLN C 106 -55.53 22.15 -35.84
C GLN C 106 -55.99 22.02 -34.39
N ILE C 107 -55.07 21.63 -33.50
CA ILE C 107 -55.34 21.57 -32.07
C ILE C 107 -55.18 22.99 -31.47
N PRO C 108 -56.31 23.64 -31.06
CA PRO C 108 -56.28 25.01 -30.57
C PRO C 108 -55.51 25.22 -29.27
N ILE C 109 -54.62 26.23 -29.29
CA ILE C 109 -53.84 26.60 -28.13
C ILE C 109 -54.16 28.02 -27.71
N GLY C 110 -54.39 28.20 -26.40
CA GLY C 110 -54.81 29.48 -25.85
C GLY C 110 -53.71 30.12 -25.01
N PHE C 111 -53.85 31.43 -24.84
CA PHE C 111 -53.01 32.19 -23.95
C PHE C 111 -53.79 33.43 -23.50
N GLU C 112 -53.45 33.94 -22.32
CA GLU C 112 -54.03 35.18 -21.87
C GLU C 112 -53.00 35.94 -21.02
N PHE C 113 -53.25 37.24 -20.89
CA PHE C 113 -52.45 38.09 -20.04
C PHE C 113 -53.38 38.82 -19.08
N SER C 114 -52.85 39.07 -17.89
CA SER C 114 -53.63 39.67 -16.84
C SER C 114 -52.83 40.82 -16.25
N LYS C 115 -53.35 42.05 -16.39
CA LYS C 115 -52.74 43.21 -15.77
C LYS C 115 -53.74 43.81 -14.78
N THR C 116 -53.23 44.27 -13.63
CA THR C 116 -54.07 44.89 -12.61
C THR C 116 -53.77 46.39 -12.57
N ALA C 117 -54.76 47.20 -12.92
CA ALA C 117 -54.63 48.66 -12.82
C ALA C 117 -54.43 49.05 -11.37
N PRO C 118 -53.58 50.06 -11.07
CA PRO C 118 -53.47 50.57 -9.71
C PRO C 118 -54.67 51.41 -9.32
N SER C 119 -54.74 51.82 -8.04
CA SER C 119 -55.85 52.61 -7.55
C SER C 119 -55.74 54.06 -8.03
N ASN C 120 -56.90 54.65 -8.35
CA ASN C 120 -57.01 56.05 -8.74
C ASN C 120 -56.26 56.34 -10.03
N LYS C 121 -56.13 55.34 -10.90
CA LYS C 121 -55.37 55.46 -12.14
C LYS C 121 -55.96 54.53 -13.20
N ASN C 122 -55.87 54.94 -14.46
CA ASN C 122 -56.34 54.10 -15.57
C ASN C 122 -55.17 53.36 -16.19
N LEU C 123 -55.52 52.33 -16.97
CA LEU C 123 -54.54 51.50 -17.64
C LEU C 123 -55.09 50.93 -18.93
N TYR C 124 -54.30 51.05 -20.01
CA TYR C 124 -54.67 50.60 -21.35
C TYR C 124 -53.70 49.50 -21.78
N MET C 125 -54.24 48.32 -22.06
CA MET C 125 -53.46 47.21 -22.60
C MET C 125 -54.04 46.79 -23.94
N TYR C 126 -53.16 46.45 -24.89
CA TYR C 126 -53.60 45.95 -26.18
C TYR C 126 -52.80 44.69 -26.51
N LEU C 127 -53.41 43.85 -27.36
CA LEU C 127 -52.92 42.52 -27.66
C LEU C 127 -52.50 42.43 -29.11
N GLN C 128 -51.45 41.63 -29.33
CA GLN C 128 -50.75 41.49 -30.60
C GLN C 128 -50.26 40.06 -30.72
N TYR C 129 -50.36 39.47 -31.93
CA TYR C 129 -49.86 38.11 -32.14
C TYR C 129 -48.34 38.15 -32.19
N THR C 130 -47.70 37.12 -31.65
CA THR C 130 -46.27 36.87 -31.82
C THR C 130 -46.08 35.78 -32.85
N TYR C 131 -44.90 35.78 -33.47
CA TYR C 131 -44.57 34.84 -34.52
C TYR C 131 -43.18 34.27 -34.25
N ILE C 132 -42.97 33.06 -34.74
CA ILE C 132 -41.62 32.55 -34.93
C ILE C 132 -41.19 32.96 -36.32
N ARG C 133 -39.98 33.49 -36.42
CA ARG C 133 -39.46 33.95 -37.69
C ARG C 133 -38.46 32.93 -38.22
N TYR C 134 -38.89 32.19 -39.24
CA TYR C 134 -38.01 31.27 -39.96
C TYR C 134 -37.47 31.97 -41.19
N GLU C 135 -36.28 31.52 -41.64
CA GLU C 135 -35.68 32.01 -42.86
C GLU C 135 -35.10 30.84 -43.65
N ILE C 136 -35.14 30.97 -44.98
CA ILE C 136 -34.39 30.12 -45.88
C ILE C 136 -33.35 31.01 -46.55
N ILE C 137 -32.05 30.70 -46.40
CA ILE C 137 -31.02 31.55 -46.94
C ILE C 137 -30.15 30.75 -47.90
N LYS C 138 -29.71 31.42 -48.98
CA LYS C 138 -28.71 30.89 -49.88
C LYS C 138 -27.39 31.60 -49.57
N VAL C 139 -26.33 30.79 -49.36
CA VAL C 139 -25.04 31.36 -49.00
C VAL C 139 -24.03 30.95 -50.08
N LEU C 140 -23.29 31.94 -50.58
CA LEU C 140 -22.25 31.69 -51.58
C LEU C 140 -21.07 32.58 -51.27
N GLN C 141 -19.96 31.95 -50.88
CA GLN C 141 -18.69 32.61 -50.66
C GLN C 141 -18.82 33.61 -49.50
N HIS C 142 -19.39 33.10 -48.39
CA HIS C 142 -19.49 33.82 -47.13
C HIS C 142 -20.45 35.00 -47.23
N GLU C 143 -21.46 34.89 -48.12
CA GLU C 143 -22.36 36.00 -48.39
C GLU C 143 -23.78 35.48 -48.54
N ILE C 144 -24.75 36.16 -47.91
CA ILE C 144 -26.14 35.77 -48.02
C ILE C 144 -26.75 36.44 -49.25
N ILE C 145 -27.10 35.65 -50.27
CA ILE C 145 -27.45 36.20 -51.56
C ILE C 145 -28.95 36.06 -51.81
N GLU C 146 -29.68 35.40 -50.90
CA GLU C 146 -31.11 35.25 -51.05
C GLU C 146 -31.69 34.83 -49.71
N ARG C 147 -32.84 35.41 -49.34
CA ARG C 147 -33.50 35.13 -48.07
C ARG C 147 -35.00 35.11 -48.28
N ALA C 148 -35.62 33.95 -48.11
CA ALA C 148 -37.06 33.87 -47.94
C ALA C 148 -37.35 33.89 -46.45
N VAL C 149 -38.50 34.47 -46.08
CA VAL C 149 -38.91 34.57 -44.69
C VAL C 149 -40.30 33.97 -44.51
N LEU C 150 -40.48 33.28 -43.39
CA LEU C 150 -41.76 32.73 -43.00
C LEU C 150 -42.06 33.08 -41.54
N TYR C 151 -43.17 33.79 -41.34
CA TYR C 151 -43.68 34.09 -40.02
C TYR C 151 -44.75 33.07 -39.66
N VAL C 152 -44.46 32.20 -38.68
CA VAL C 152 -45.44 31.24 -38.20
C VAL C 152 -46.05 31.77 -36.90
N PRO C 153 -47.38 31.85 -36.78
CA PRO C 153 -48.02 32.34 -35.56
C PRO C 153 -47.72 31.48 -34.35
N SER C 154 -47.37 32.13 -33.24
CA SER C 154 -46.98 31.46 -32.01
C SER C 154 -48.05 31.71 -30.95
N LEU C 155 -47.91 32.79 -30.19
CA LEU C 155 -48.91 33.16 -29.20
C LEU C 155 -49.21 34.66 -29.31
N GLY C 156 -48.82 35.46 -28.31
CA GLY C 156 -49.19 36.85 -28.29
C GLY C 156 -48.45 37.61 -27.21
N TYR C 157 -48.61 38.94 -27.27
CA TYR C 157 -47.93 39.87 -26.40
C TYR C 157 -48.91 40.99 -26.05
N VAL C 158 -49.05 41.32 -24.76
CA VAL C 158 -49.83 42.48 -24.37
C VAL C 158 -48.88 43.55 -23.88
N LYS C 159 -49.17 44.78 -24.35
CA LYS C 159 -48.43 45.98 -24.00
C LYS C 159 -49.41 46.90 -23.29
N SER C 160 -48.99 47.44 -22.14
CA SER C 160 -49.88 48.27 -21.34
C SER C 160 -49.22 49.59 -20.98
N ILE C 161 -50.03 50.62 -20.76
CA ILE C 161 -49.58 51.94 -20.40
C ILE C 161 -50.61 52.56 -19.45
N GLU C 162 -50.15 53.43 -18.54
CA GLU C 162 -51.03 54.17 -17.64
C GLU C 162 -51.36 55.51 -18.30
N PHE C 163 -52.59 56.02 -18.17
CA PHE C 163 -52.94 57.29 -18.81
C PHE C 163 -54.08 57.99 -18.05
N ASN C 164 -54.30 59.28 -18.38
CA ASN C 164 -55.58 59.94 -18.11
C ASN C 164 -56.41 60.09 -19.37
N PRO C 165 -57.76 60.11 -19.24
CA PRO C 165 -58.63 60.10 -20.40
C PRO C 165 -58.27 61.15 -21.44
N GLY C 166 -57.79 62.31 -21.00
CA GLY C 166 -57.47 63.40 -21.91
C GLY C 166 -56.31 63.07 -22.85
N GLU C 167 -55.36 62.27 -22.36
CA GLU C 167 -53.99 62.32 -22.83
C GLU C 167 -53.81 61.62 -24.16
N LYS C 168 -52.98 62.22 -25.01
CA LYS C 168 -52.42 61.55 -26.17
C LYS C 168 -51.17 60.79 -25.73
N ILE C 169 -51.03 59.56 -26.21
CA ILE C 169 -49.84 58.76 -26.00
C ILE C 169 -49.02 58.71 -27.30
N ASN C 170 -47.70 58.58 -27.14
CA ASN C 170 -46.75 58.49 -28.24
C ASN C 170 -47.17 57.42 -29.24
N LYS C 171 -47.12 57.84 -30.52
CA LYS C 171 -47.24 57.02 -31.71
C LYS C 171 -46.57 55.66 -31.50
N ASP C 172 -45.35 55.66 -30.95
CA ASP C 172 -44.48 54.49 -30.97
C ASP C 172 -45.01 53.38 -30.06
N PHE C 173 -45.81 53.75 -29.06
CA PHE C 173 -46.37 52.76 -28.15
C PHE C 173 -47.37 51.89 -28.92
N TYR C 174 -48.11 52.52 -29.84
CA TYR C 174 -49.26 51.90 -30.49
C TYR C 174 -48.85 51.20 -31.78
N PHE C 175 -47.69 51.58 -32.34
CA PHE C 175 -47.43 51.35 -33.75
C PHE C 175 -45.94 51.05 -33.98
N LEU C 176 -45.70 49.92 -34.64
CA LEU C 176 -44.37 49.44 -34.96
C LEU C 176 -44.13 49.60 -36.47
N THR C 177 -43.02 50.24 -36.85
CA THR C 177 -42.75 50.52 -38.25
C THR C 177 -41.87 49.44 -38.88
N ASN C 178 -41.15 48.67 -38.06
CA ASN C 178 -40.33 47.55 -38.55
C ASN C 178 -40.47 46.32 -37.66
N ASP C 179 -40.50 45.14 -38.31
CA ASP C 179 -40.54 43.86 -37.60
C ASP C 179 -39.44 43.80 -36.55
N LYS C 180 -39.77 43.18 -35.42
CA LYS C 180 -38.96 43.25 -34.22
C LYS C 180 -39.27 42.03 -33.37
N CYS C 181 -38.23 41.51 -32.72
CA CYS C 181 -38.38 40.46 -31.72
C CYS C 181 -38.39 41.11 -30.34
N ILE C 182 -39.38 40.75 -29.52
CA ILE C 182 -39.52 41.29 -28.17
C ILE C 182 -38.65 40.49 -27.22
N LEU C 183 -38.34 39.25 -27.62
CA LEU C 183 -37.29 38.47 -27.00
C LEU C 183 -35.99 38.73 -27.74
N ASN C 184 -34.91 38.14 -27.24
CA ASN C 184 -33.64 38.13 -27.95
C ASN C 184 -33.75 37.19 -29.15
N GLU C 185 -33.11 37.58 -30.25
CA GLU C 185 -33.19 36.82 -31.48
C GLU C 185 -32.26 35.62 -31.39
N GLN C 186 -32.46 34.68 -32.31
CA GLN C 186 -31.68 33.47 -32.37
C GLN C 186 -31.30 33.25 -33.83
N PHE C 187 -30.24 32.46 -34.07
CA PHE C 187 -29.90 32.05 -35.42
C PHE C 187 -29.49 30.59 -35.33
N LEU C 188 -30.52 29.73 -35.41
CA LEU C 188 -30.35 28.29 -35.40
C LEU C 188 -30.47 27.79 -36.83
N TYR C 189 -29.38 27.24 -37.39
CA TYR C 189 -29.35 26.92 -38.82
C TYR C 189 -29.04 25.44 -39.08
N LYS C 190 -29.36 24.99 -40.29
CA LYS C 190 -29.03 23.63 -40.72
C LYS C 190 -28.97 23.58 -42.24
N LYS C 191 -27.86 23.06 -42.79
CA LYS C 191 -27.68 22.99 -44.24
C LYS C 191 -28.73 22.05 -44.80
N ILE C 192 -29.33 22.44 -45.93
CA ILE C 192 -30.40 21.69 -46.57
C ILE C 192 -29.79 20.80 -47.64
N LEU C 193 -29.66 19.50 -47.36
CA LEU C 193 -29.35 18.52 -48.40
C LEU C 193 -30.63 18.10 -49.14
N GLU C 194 -30.51 17.99 -50.48
CA GLU C 194 -31.60 17.57 -51.36
C GLU C 194 -32.73 18.62 -51.29
N ARG C 214 -24.21 -1.52 -21.03
CA ARG C 214 -25.29 -1.65 -20.02
C ARG C 214 -25.94 -3.02 -20.16
N VAL C 215 -25.79 -3.85 -19.13
CA VAL C 215 -26.25 -5.24 -19.17
C VAL C 215 -27.67 -5.25 -18.64
N LEU C 216 -28.59 -5.78 -19.47
CA LEU C 216 -29.98 -5.89 -19.07
C LEU C 216 -30.25 -7.32 -18.66
N PRO C 217 -30.39 -7.62 -17.34
CA PRO C 217 -30.64 -8.99 -16.87
C PRO C 217 -32.10 -9.42 -17.02
N TYR C 218 -32.62 -9.41 -18.24
CA TYR C 218 -34.02 -9.72 -18.47
C TYR C 218 -34.13 -11.12 -19.07
N SER C 219 -35.15 -11.86 -18.64
CA SER C 219 -35.50 -13.12 -19.28
C SER C 219 -35.91 -12.84 -20.72
N ASN C 220 -35.85 -13.86 -21.59
CA ASN C 220 -36.30 -13.70 -22.95
C ASN C 220 -37.79 -13.39 -22.93
N GLY C 221 -38.23 -12.51 -23.82
CA GLY C 221 -39.63 -12.16 -23.96
C GLY C 221 -39.79 -10.68 -24.31
N LEU C 222 -41.02 -10.19 -24.20
CA LEU C 222 -41.33 -8.80 -24.52
C LEU C 222 -41.36 -7.98 -23.24
N TYR C 223 -40.84 -6.74 -23.34
CA TYR C 223 -40.89 -5.79 -22.26
C TYR C 223 -41.45 -4.49 -22.80
N VAL C 224 -42.23 -3.80 -21.96
CA VAL C 224 -42.60 -2.41 -22.20
C VAL C 224 -41.98 -1.60 -21.07
N ILE C 225 -41.07 -0.68 -21.42
CA ILE C 225 -40.38 0.11 -20.42
C ILE C 225 -40.87 1.56 -20.51
N ASN C 226 -41.22 2.10 -19.34
CA ASN C 226 -41.50 3.52 -19.20
C ASN C 226 -40.16 4.22 -18.95
N LYS C 227 -39.68 4.94 -19.96
CA LYS C 227 -38.40 5.62 -19.86
C LYS C 227 -38.62 7.04 -19.33
N GLY C 228 -39.89 7.44 -19.11
CA GLY C 228 -40.19 8.62 -18.31
C GLY C 228 -40.94 9.69 -19.08
N ASP C 229 -41.18 10.80 -18.40
CA ASP C 229 -42.09 11.84 -18.86
C ASP C 229 -41.31 13.14 -19.03
N GLY C 230 -41.88 14.07 -19.80
CA GLY C 230 -41.30 15.38 -20.02
C GLY C 230 -40.33 15.39 -21.20
N TYR C 231 -40.59 14.50 -22.18
CA TYR C 231 -39.75 14.35 -23.34
C TYR C 231 -40.22 15.30 -24.43
N ILE C 232 -39.32 16.21 -24.82
CA ILE C 232 -39.52 17.09 -25.96
C ILE C 232 -38.52 16.69 -27.04
N ARG C 233 -38.82 17.05 -28.28
CA ARG C 233 -37.87 16.90 -29.34
C ARG C 233 -36.87 18.05 -29.30
N THR C 234 -35.79 17.87 -30.06
CA THR C 234 -34.71 18.84 -30.16
C THR C 234 -35.17 19.97 -31.08
N ASN C 235 -34.39 21.05 -31.01
CA ASN C 235 -34.74 22.31 -31.64
C ASN C 235 -36.00 22.69 -30.88
N ASP C 236 -36.99 23.28 -31.51
CA ASP C 236 -38.22 23.55 -30.78
C ASP C 236 -39.31 22.91 -31.60
N LYS C 237 -39.15 21.60 -31.84
CA LYS C 237 -40.07 20.88 -32.69
C LYS C 237 -41.39 20.65 -31.96
N ASP C 238 -41.37 20.88 -30.63
CA ASP C 238 -42.52 20.66 -29.77
C ASP C 238 -42.88 21.91 -28.96
N LEU C 239 -42.40 23.07 -29.42
CA LEU C 239 -42.67 24.32 -28.73
C LEU C 239 -44.12 24.74 -28.98
N ILE C 240 -44.79 25.11 -27.89
CA ILE C 240 -46.13 25.65 -27.95
C ILE C 240 -46.06 27.15 -28.22
N GLY C 241 -45.29 27.85 -27.39
CA GLY C 241 -44.94 29.22 -27.66
C GLY C 241 -44.27 29.88 -26.45
N THR C 242 -43.97 31.18 -26.61
CA THR C 242 -43.33 31.94 -25.57
C THR C 242 -44.16 33.19 -25.29
N LEU C 243 -44.26 33.53 -23.99
CA LEU C 243 -44.90 34.76 -23.55
C LEU C 243 -43.85 35.64 -22.89
N LEU C 244 -43.78 36.89 -23.37
CA LEU C 244 -43.09 37.92 -22.62
C LEU C 244 -44.11 38.51 -21.66
N ILE C 245 -43.79 38.42 -20.38
CA ILE C 245 -44.69 38.86 -19.33
C ILE C 245 -44.07 40.08 -18.67
N GLU C 246 -44.70 41.24 -18.91
CA GLU C 246 -44.30 42.51 -18.32
C GLU C 246 -44.29 42.38 -16.81
N ALA C 247 -43.32 43.04 -16.15
CA ALA C 247 -43.20 43.00 -14.70
C ALA C 247 -44.49 43.51 -14.09
N GLY C 248 -45.00 42.79 -13.06
CA GLY C 248 -46.21 43.19 -12.37
C GLY C 248 -47.46 42.58 -13.03
N SER C 249 -47.33 42.07 -14.25
CA SER C 249 -48.43 41.44 -14.96
C SER C 249 -48.28 39.92 -14.85
N SER C 250 -49.17 39.21 -15.55
CA SER C 250 -49.29 37.78 -15.43
C SER C 250 -49.60 37.18 -16.81
N GLY C 251 -49.30 35.90 -17.01
CA GLY C 251 -49.39 35.29 -18.32
C GLY C 251 -49.65 33.79 -18.23
N SER C 252 -50.52 33.28 -19.11
CA SER C 252 -50.86 31.87 -19.11
C SER C 252 -50.81 31.30 -20.52
N ILE C 253 -50.52 29.98 -20.57
CA ILE C 253 -50.52 29.21 -21.81
C ILE C 253 -51.41 28.00 -21.57
N ILE C 254 -52.38 27.78 -22.46
CA ILE C 254 -53.51 26.91 -22.16
C ILE C 254 -53.65 25.86 -23.25
N GLN C 255 -53.85 24.61 -22.81
CA GLN C 255 -54.39 23.55 -23.64
C GLN C 255 -55.78 23.24 -23.10
N PRO C 256 -56.86 23.78 -23.71
CA PRO C 256 -58.23 23.56 -23.25
C PRO C 256 -58.91 22.33 -23.84
N ARG C 257 -58.26 21.64 -24.77
CA ARG C 257 -58.83 20.48 -25.44
C ARG C 257 -60.18 20.85 -26.07
N LEU C 258 -60.22 21.99 -26.77
CA LEU C 258 -61.32 22.33 -27.65
C LEU C 258 -61.40 21.34 -28.82
N ARG C 259 -60.25 20.75 -29.19
CA ARG C 259 -60.20 19.53 -29.96
C ARG C 259 -59.54 18.45 -29.10
N ASN C 260 -59.76 17.18 -29.41
CA ASN C 260 -59.28 16.07 -28.59
C ASN C 260 -57.99 15.45 -29.13
N THR C 261 -57.64 15.72 -30.39
CA THR C 261 -56.63 14.91 -31.06
C THR C 261 -55.28 15.15 -30.40
N THR C 262 -54.44 14.10 -30.36
CA THR C 262 -53.04 14.22 -30.03
C THR C 262 -52.24 13.46 -31.11
N ARG C 263 -50.97 13.82 -31.28
CA ARG C 263 -50.13 13.20 -32.28
C ARG C 263 -49.00 12.42 -31.60
N PRO C 264 -49.20 11.13 -31.25
CA PRO C 264 -48.10 10.30 -30.74
C PRO C 264 -47.02 10.08 -31.78
N LEU C 265 -45.79 9.83 -31.30
CA LEU C 265 -44.64 9.64 -32.17
C LEU C 265 -44.14 8.20 -32.05
N PHE C 266 -44.01 7.54 -33.20
CA PHE C 266 -43.70 6.12 -33.25
C PHE C 266 -42.54 5.83 -34.19
N THR C 267 -41.51 5.16 -33.66
CA THR C 267 -40.43 4.59 -34.46
C THR C 267 -40.46 3.08 -34.24
N THR C 268 -40.07 2.30 -35.24
CA THR C 268 -39.94 0.85 -35.08
C THR C 268 -38.78 0.33 -35.93
N SER C 269 -38.16 -0.76 -35.46
CA SER C 269 -37.10 -1.44 -36.19
C SER C 269 -37.69 -2.46 -37.16
N ASN C 270 -38.96 -2.83 -36.95
CA ASN C 270 -39.63 -3.76 -37.83
C ASN C 270 -41.13 -3.52 -37.77
N ASP C 271 -41.68 -2.83 -38.78
CA ASP C 271 -43.09 -2.50 -38.81
C ASP C 271 -43.94 -3.77 -39.01
N ALA C 272 -43.30 -4.86 -39.45
CA ALA C 272 -43.99 -6.14 -39.56
C ALA C 272 -44.29 -6.71 -38.17
N LYS C 273 -43.23 -6.88 -37.34
CA LYS C 273 -43.36 -7.42 -35.99
C LYS C 273 -43.95 -6.35 -35.05
N PHE C 274 -43.19 -5.26 -34.85
CA PHE C 274 -43.64 -4.16 -34.00
C PHE C 274 -44.24 -3.04 -34.85
N SER C 275 -45.48 -3.23 -35.32
CA SER C 275 -46.28 -2.15 -35.87
C SER C 275 -46.80 -1.29 -34.72
N GLN C 276 -47.33 -0.11 -35.07
CA GLN C 276 -47.86 0.82 -34.08
C GLN C 276 -49.02 0.17 -33.34
N GLN C 277 -49.94 -0.46 -34.08
CA GLN C 277 -51.11 -1.09 -33.50
C GLN C 277 -50.68 -2.13 -32.46
N TYR C 278 -49.66 -2.92 -32.83
CA TYR C 278 -49.14 -3.95 -31.96
C TYR C 278 -48.55 -3.33 -30.69
N THR C 279 -47.80 -2.24 -30.86
CA THR C 279 -47.15 -1.57 -29.75
C THR C 279 -48.22 -1.04 -28.80
N GLU C 280 -49.28 -0.47 -29.36
CA GLU C 280 -50.39 0.07 -28.57
C GLU C 280 -50.98 -1.03 -27.69
N GLU C 281 -51.13 -2.24 -28.26
CA GLU C 281 -51.61 -3.38 -27.51
C GLU C 281 -50.65 -3.69 -26.35
N ARG C 282 -49.35 -3.72 -26.64
CA ARG C 282 -48.37 -3.99 -25.61
C ARG C 282 -48.44 -2.89 -24.55
N LEU C 283 -48.69 -1.66 -24.96
CA LEU C 283 -48.83 -0.58 -24.00
C LEU C 283 -50.05 -0.82 -23.14
N LYS C 284 -51.14 -1.30 -23.77
CA LYS C 284 -52.36 -1.64 -23.06
C LYS C 284 -52.05 -2.75 -22.06
N ASP C 285 -51.35 -3.78 -22.53
CA ASP C 285 -51.03 -4.93 -21.70
C ASP C 285 -50.20 -4.46 -20.51
N ALA C 286 -49.25 -3.57 -20.76
CA ALA C 286 -48.24 -3.22 -19.77
C ALA C 286 -48.82 -2.32 -18.67
N PHE C 287 -49.49 -1.23 -19.08
CA PHE C 287 -49.90 -0.17 -18.17
C PHE C 287 -51.36 0.22 -18.36
N ASN C 288 -52.03 -0.38 -19.33
CA ASN C 288 -53.47 -0.27 -19.49
C ASN C 288 -53.84 1.05 -20.15
N VAL C 289 -52.95 1.54 -21.03
CA VAL C 289 -53.20 2.74 -21.80
C VAL C 289 -54.38 2.45 -22.72
N GLN C 290 -55.33 3.38 -22.76
CA GLN C 290 -56.55 3.22 -23.55
C GLN C 290 -56.53 4.22 -24.70
N LEU C 291 -56.42 5.52 -24.39
CA LEU C 291 -56.40 6.54 -25.42
C LEU C 291 -54.97 6.81 -25.86
N PHE C 292 -54.75 6.79 -27.19
CA PHE C 292 -53.43 6.95 -27.79
C PHE C 292 -53.42 8.23 -28.64
N ASN C 293 -54.52 8.46 -29.37
CA ASN C 293 -54.66 9.58 -30.29
C ASN C 293 -55.65 10.63 -29.75
N THR C 294 -56.07 10.49 -28.48
CA THR C 294 -57.05 11.43 -27.91
C THR C 294 -56.72 11.73 -26.44
N SER C 295 -57.35 12.80 -25.94
CA SER C 295 -57.22 13.20 -24.55
C SER C 295 -58.30 14.22 -24.20
N THR C 296 -58.83 14.13 -22.97
CA THR C 296 -59.75 15.11 -22.43
C THR C 296 -59.07 15.92 -21.33
N SER C 297 -57.75 15.68 -21.18
CA SER C 297 -56.99 16.14 -20.03
C SER C 297 -56.36 17.50 -20.32
N LEU C 298 -56.63 18.47 -19.43
CA LEU C 298 -56.28 19.85 -19.64
C LEU C 298 -54.98 20.18 -18.92
N PHE C 299 -54.17 21.04 -19.55
CA PHE C 299 -53.01 21.61 -18.88
C PHE C 299 -52.93 23.09 -19.25
N LYS C 300 -52.66 23.89 -18.23
CA LYS C 300 -52.46 25.33 -18.34
C LYS C 300 -51.20 25.62 -17.53
N PHE C 301 -50.42 26.62 -17.97
CA PHE C 301 -49.29 27.12 -17.22
C PHE C 301 -49.52 28.61 -16.94
N VAL C 302 -49.17 29.03 -15.73
CA VAL C 302 -49.39 30.40 -15.29
C VAL C 302 -48.16 30.90 -14.55
N GLU C 303 -47.72 32.11 -14.93
CA GLU C 303 -46.55 32.75 -14.34
C GLU C 303 -46.89 34.21 -14.06
N GLU C 304 -46.55 34.64 -12.84
CA GLU C 304 -46.74 36.02 -12.45
C GLU C 304 -45.36 36.67 -12.31
N ALA C 305 -45.07 37.65 -13.16
CA ALA C 305 -43.80 38.35 -13.13
C ALA C 305 -43.74 39.27 -11.91
N PRO C 306 -42.62 39.29 -11.15
CA PRO C 306 -42.40 40.27 -10.09
C PRO C 306 -42.46 41.72 -10.60
N SER C 307 -42.43 42.67 -9.65
CA SER C 307 -42.84 44.04 -9.94
C SER C 307 -41.73 44.79 -10.65
N ASN C 308 -40.47 44.39 -10.44
CA ASN C 308 -39.34 45.16 -10.99
C ASN C 308 -38.83 44.55 -12.29
N LYS C 309 -38.98 43.22 -12.46
CA LYS C 309 -38.32 42.48 -13.53
C LYS C 309 -39.34 41.77 -14.44
N ASN C 310 -39.10 41.85 -15.76
CA ASN C 310 -39.90 41.15 -16.73
C ASN C 310 -39.51 39.67 -16.71
N ILE C 311 -40.39 38.83 -17.25
CA ILE C 311 -40.20 37.39 -17.19
C ILE C 311 -40.67 36.75 -18.49
N CYS C 312 -40.11 35.58 -18.79
CA CYS C 312 -40.42 34.85 -20.00
C CYS C 312 -40.75 33.40 -19.64
N ILE C 313 -41.79 32.84 -20.29
CA ILE C 313 -42.16 31.45 -20.07
C ILE C 313 -42.34 30.78 -21.42
N LYS C 314 -41.70 29.61 -21.56
CA LYS C 314 -41.80 28.81 -22.78
C LYS C 314 -42.52 27.51 -22.46
N ALA C 315 -43.53 27.20 -23.27
CA ALA C 315 -44.29 25.99 -23.04
C ALA C 315 -44.02 25.02 -24.17
N TYR C 316 -43.92 23.75 -23.81
CA TYR C 316 -43.72 22.68 -24.78
C TYR C 316 -44.79 21.62 -24.62
N ASN C 317 -45.12 20.95 -25.73
CA ASN C 317 -45.78 19.66 -25.65
C ASN C 317 -44.72 18.67 -25.23
N THR C 318 -45.08 17.73 -24.34
CA THR C 318 -44.16 16.69 -23.93
C THR C 318 -44.74 15.34 -24.30
N TYR C 319 -43.87 14.33 -24.17
CA TYR C 319 -44.25 12.96 -24.36
C TYR C 319 -43.77 12.16 -23.15
N GLU C 320 -44.45 11.03 -22.93
CA GLU C 320 -43.98 9.99 -22.05
C GLU C 320 -43.40 8.89 -22.93
N LYS C 321 -42.13 8.53 -22.68
CA LYS C 321 -41.38 7.67 -23.58
C LYS C 321 -41.53 6.23 -23.14
N TYR C 322 -42.12 5.42 -24.02
CA TYR C 322 -42.20 3.98 -23.83
C TYR C 322 -41.26 3.30 -24.83
N GLU C 323 -40.60 2.23 -24.38
CA GLU C 323 -39.95 1.29 -25.30
C GLU C 323 -40.60 -0.09 -25.20
N LEU C 324 -40.92 -0.65 -26.38
CA LEU C 324 -41.25 -2.06 -26.51
C LEU C 324 -40.07 -2.79 -27.15
N ILE C 325 -39.49 -3.75 -26.40
CA ILE C 325 -38.35 -4.50 -26.89
C ILE C 325 -38.71 -5.99 -26.94
N ASP C 326 -38.04 -6.68 -27.86
CA ASP C 326 -37.99 -8.14 -27.89
C ASP C 326 -36.56 -8.56 -27.50
N TYR C 327 -36.41 -9.08 -26.27
CA TYR C 327 -35.10 -9.35 -25.71
C TYR C 327 -34.85 -10.86 -25.79
N GLN C 328 -33.71 -11.25 -26.38
CA GLN C 328 -33.34 -12.64 -26.57
C GLN C 328 -31.85 -12.81 -26.33
N ASN C 329 -31.52 -13.49 -25.22
CA ASN C 329 -30.16 -13.94 -24.95
C ASN C 329 -29.22 -12.74 -24.91
N GLY C 330 -29.66 -11.65 -24.27
CA GLY C 330 -28.82 -10.48 -24.03
C GLY C 330 -28.90 -9.43 -25.15
N SER C 331 -29.85 -9.59 -26.07
CA SER C 331 -29.87 -8.79 -27.29
C SER C 331 -31.27 -8.30 -27.59
N ILE C 332 -31.37 -7.03 -27.98
CA ILE C 332 -32.61 -6.43 -28.40
C ILE C 332 -32.81 -6.75 -29.88
N VAL C 333 -33.59 -7.80 -30.16
CA VAL C 333 -33.78 -8.30 -31.51
C VAL C 333 -34.75 -7.38 -32.25
N ASN C 334 -35.69 -6.76 -31.53
CA ASN C 334 -36.57 -5.75 -32.10
C ASN C 334 -36.92 -4.73 -31.04
N LYS C 335 -37.17 -3.49 -31.50
CA LYS C 335 -37.42 -2.38 -30.60
C LYS C 335 -38.28 -1.34 -31.32
N ALA C 336 -39.40 -1.00 -30.68
CA ALA C 336 -40.15 0.16 -31.09
C ALA C 336 -40.10 1.20 -29.97
N GLU C 337 -40.29 2.46 -30.35
CA GLU C 337 -40.43 3.54 -29.39
C GLU C 337 -41.80 4.17 -29.59
N TYR C 338 -42.52 4.36 -28.48
CA TYR C 338 -43.82 5.01 -28.51
C TYR C 338 -43.74 6.21 -27.58
N TYR C 339 -43.90 7.39 -28.17
CA TYR C 339 -43.90 8.64 -27.43
C TYR C 339 -45.35 9.05 -27.25
N LEU C 340 -45.89 8.78 -26.06
CA LEU C 340 -47.29 9.01 -25.77
C LEU C 340 -47.48 10.47 -25.40
N PRO C 341 -48.37 11.23 -26.09
CA PRO C 341 -48.65 12.62 -25.75
C PRO C 341 -48.94 12.83 -24.28
N SER C 342 -48.16 13.69 -23.64
CA SER C 342 -48.27 13.94 -22.21
C SER C 342 -48.88 15.33 -21.98
N LEU C 343 -48.55 15.94 -20.83
CA LEU C 343 -49.21 17.16 -20.37
C LEU C 343 -48.21 18.29 -20.14
N GLY C 344 -47.01 18.20 -20.75
CA GLY C 344 -46.27 19.41 -21.09
C GLY C 344 -45.14 19.77 -20.12
N TYR C 345 -44.35 20.75 -20.57
CA TYR C 345 -43.18 21.26 -19.86
C TYR C 345 -43.15 22.78 -19.99
N CYS C 346 -42.75 23.43 -18.90
CA CYS C 346 -42.88 24.86 -18.76
C CYS C 346 -41.58 25.42 -18.18
N GLU C 347 -40.88 26.22 -19.00
CA GLU C 347 -39.55 26.73 -18.68
C GLU C 347 -39.69 28.22 -18.39
N VAL C 348 -39.30 28.65 -17.19
CA VAL C 348 -39.39 30.05 -16.81
C VAL C 348 -38.00 30.64 -16.69
N THR C 349 -37.70 31.60 -17.57
CA THR C 349 -36.39 32.24 -17.66
C THR C 349 -36.59 33.74 -17.44
N ASN C 350 -35.52 34.42 -17.03
CA ASN C 350 -35.51 35.86 -17.01
C ASN C 350 -35.60 36.38 -18.44
N ALA C 351 -36.20 37.56 -18.60
CA ALA C 351 -36.27 38.24 -19.88
C ALA C 351 -34.88 38.81 -20.24
N PRO C 352 -34.26 38.43 -21.38
CA PRO C 352 -32.95 39.00 -21.74
C PRO C 352 -32.99 40.42 -22.31
N SER C 356 -29.51 41.75 -26.78
CA SER C 356 -28.43 40.77 -26.47
C SER C 356 -27.62 40.48 -27.74
N GLU C 357 -26.45 39.85 -27.56
CA GLU C 357 -25.58 39.49 -28.67
C GLU C 357 -26.13 38.24 -29.34
N VAL C 358 -26.33 38.28 -30.68
CA VAL C 358 -26.90 37.15 -31.40
C VAL C 358 -25.79 36.18 -31.77
N VAL C 359 -25.82 34.97 -31.18
CA VAL C 359 -24.84 33.94 -31.47
C VAL C 359 -25.45 32.90 -32.40
N LYS C 360 -24.79 32.67 -33.55
CA LYS C 360 -25.22 31.69 -34.54
C LYS C 360 -24.90 30.30 -34.00
N THR C 361 -25.86 29.36 -34.08
CA THR C 361 -25.69 28.04 -33.51
C THR C 361 -26.28 27.01 -34.47
N GLN C 362 -25.63 25.85 -34.55
CA GLN C 362 -26.11 24.80 -35.43
C GLN C 362 -27.18 24.02 -34.66
N VAL C 363 -28.15 23.48 -35.40
CA VAL C 363 -29.21 22.69 -34.81
C VAL C 363 -28.59 21.46 -34.17
N ALA C 364 -29.33 20.85 -33.24
CA ALA C 364 -28.95 19.55 -32.70
C ALA C 364 -29.37 18.47 -33.69
N GLU C 365 -28.93 17.23 -33.44
CA GLU C 365 -29.42 16.10 -34.21
C GLU C 365 -30.84 15.79 -33.78
N ASP C 366 -31.71 15.37 -34.71
CA ASP C 366 -33.03 14.90 -34.36
C ASP C 366 -32.91 13.96 -33.17
N GLY C 367 -33.89 14.03 -32.26
CA GLY C 367 -33.84 13.25 -31.04
C GLY C 367 -34.71 13.89 -29.95
N PHE C 368 -34.59 13.34 -28.73
CA PHE C 368 -35.45 13.74 -27.62
C PHE C 368 -34.57 14.31 -26.52
N ILE C 369 -35.19 15.10 -25.64
CA ILE C 369 -34.57 15.54 -24.41
C ILE C 369 -35.59 15.31 -23.30
N GLN C 370 -35.15 14.68 -22.21
CA GLN C 370 -36.04 14.48 -21.09
C GLN C 370 -35.87 15.67 -20.15
N ASN C 371 -36.96 16.42 -19.93
CA ASN C 371 -36.96 17.50 -18.96
C ASN C 371 -37.69 17.09 -17.69
N GLY C 372 -38.41 15.96 -17.75
CA GLY C 372 -39.04 15.39 -16.57
C GLY C 372 -38.07 14.51 -15.80
N PRO C 373 -38.47 13.95 -14.63
CA PRO C 373 -37.55 13.24 -13.77
C PRO C 373 -37.21 11.87 -14.33
N GLU C 374 -36.13 11.26 -13.83
CA GLU C 374 -35.66 9.97 -14.34
C GLU C 374 -36.55 8.84 -13.84
N GLU C 375 -36.81 7.90 -14.74
CA GLU C 375 -37.82 6.88 -14.55
C GLU C 375 -37.47 5.68 -15.42
N GLU C 376 -37.48 4.50 -14.82
CA GLU C 376 -37.38 3.27 -15.57
C GLU C 376 -38.31 2.24 -14.94
N ILE C 377 -39.42 1.95 -15.64
CA ILE C 377 -40.39 0.99 -15.18
C ILE C 377 -40.44 -0.13 -16.19
N VAL C 378 -39.86 -1.28 -15.83
CA VAL C 378 -39.75 -2.40 -16.75
C VAL C 378 -40.88 -3.37 -16.46
N VAL C 379 -41.69 -3.64 -17.48
CA VAL C 379 -42.90 -4.41 -17.29
C VAL C 379 -43.02 -5.43 -18.40
N GLY C 380 -42.86 -6.70 -18.03
CA GLY C 380 -42.98 -7.77 -19.00
C GLY C 380 -44.42 -7.86 -19.50
N VAL C 381 -44.61 -8.44 -20.69
CA VAL C 381 -45.95 -8.63 -21.19
C VAL C 381 -46.06 -10.00 -21.81
N ILE C 382 -47.18 -10.68 -21.53
CA ILE C 382 -47.50 -11.95 -22.15
C ILE C 382 -47.30 -11.80 -23.66
N ASP C 383 -46.47 -12.68 -24.22
CA ASP C 383 -46.39 -12.79 -25.66
C ASP C 383 -47.75 -13.25 -26.15
N PRO C 384 -48.43 -12.48 -27.03
CA PRO C 384 -49.73 -12.89 -27.55
C PRO C 384 -49.66 -14.03 -28.57
N SER C 385 -48.45 -14.40 -28.98
CA SER C 385 -48.23 -15.55 -29.85
C SER C 385 -47.96 -16.80 -29.01
N GLU C 386 -48.45 -16.82 -27.77
CA GLU C 386 -48.20 -17.90 -26.82
C GLU C 386 -49.47 -18.11 -25.99
N ASN C 387 -50.18 -19.23 -26.20
CA ASN C 387 -51.51 -19.39 -25.64
C ASN C 387 -51.43 -19.58 -24.12
N ILE C 388 -52.56 -19.32 -23.47
CA ILE C 388 -52.64 -19.34 -22.02
C ILE C 388 -53.58 -20.47 -21.59
N GLN C 389 -53.00 -21.47 -20.91
CA GLN C 389 -53.76 -22.56 -20.31
C GLN C 389 -53.98 -22.19 -18.85
N GLU C 390 -55.00 -22.81 -18.24
CA GLU C 390 -55.47 -22.41 -16.93
C GLU C 390 -55.60 -23.61 -16.00
N ILE C 391 -55.19 -23.39 -14.74
CA ILE C 391 -55.55 -24.27 -13.65
C ILE C 391 -56.63 -23.56 -12.82
N ASN C 392 -57.89 -24.00 -13.01
CA ASN C 392 -59.08 -23.33 -12.52
C ASN C 392 -59.31 -23.59 -11.04
N THR C 393 -58.60 -24.57 -10.49
CA THR C 393 -58.66 -24.86 -9.07
C THR C 393 -57.43 -24.25 -8.41
N ALA C 394 -57.61 -23.67 -7.23
CA ALA C 394 -56.47 -23.21 -6.44
C ALA C 394 -55.60 -24.40 -6.03
N ILE C 395 -54.30 -24.26 -6.22
CA ILE C 395 -53.35 -25.30 -5.86
C ILE C 395 -53.33 -25.43 -4.36
N SER C 396 -53.41 -26.69 -3.90
CA SER C 396 -53.21 -27.03 -2.50
C SER C 396 -51.73 -27.23 -2.17
N ASP C 397 -51.44 -28.31 -1.42
CA ASP C 397 -50.07 -28.63 -1.05
C ASP C 397 -49.40 -29.45 -2.15
N ASN C 398 -50.20 -30.07 -3.02
CA ASN C 398 -49.71 -30.89 -4.10
C ASN C 398 -50.64 -30.78 -5.30
N TYR C 399 -50.06 -30.56 -6.49
CA TYR C 399 -50.83 -30.63 -7.72
C TYR C 399 -49.94 -31.13 -8.87
N THR C 400 -50.58 -31.85 -9.81
CA THR C 400 -49.92 -32.40 -10.98
C THR C 400 -50.70 -31.98 -12.22
N TYR C 401 -50.08 -31.15 -13.05
CA TYR C 401 -50.71 -30.67 -14.28
C TYR C 401 -50.07 -31.40 -15.45
N ASN C 402 -50.89 -32.12 -16.22
CA ASN C 402 -50.39 -32.86 -17.37
C ASN C 402 -50.21 -31.94 -18.58
N ILE C 403 -49.03 -32.01 -19.19
CA ILE C 403 -48.69 -31.28 -20.40
C ILE C 403 -47.99 -32.21 -21.37
N PRO C 404 -48.70 -33.07 -22.13
CA PRO C 404 -48.09 -33.82 -23.23
C PRO C 404 -47.34 -32.99 -24.29
N GLY C 405 -46.71 -33.65 -25.28
CA GLY C 405 -45.56 -33.10 -25.99
C GLY C 405 -45.64 -33.18 -27.52
N ILE C 406 -44.94 -32.23 -28.18
CA ILE C 406 -44.73 -32.19 -29.62
C ILE C 406 -43.24 -31.90 -29.87
N VAL C 407 -42.79 -32.15 -31.10
CA VAL C 407 -41.49 -31.65 -31.52
C VAL C 407 -41.67 -30.18 -31.96
N ASN C 409 -42.97 -28.29 -29.65
CA ASN C 409 -44.23 -27.54 -29.37
C ASN C 409 -43.95 -26.07 -29.68
N ASN C 410 -44.99 -25.22 -29.55
CA ASN C 410 -44.80 -23.79 -29.33
C ASN C 410 -44.88 -23.53 -27.83
N PRO C 411 -44.15 -22.53 -27.30
CA PRO C 411 -44.20 -22.23 -25.88
C PRO C 411 -45.60 -21.82 -25.45
N PHE C 412 -45.91 -21.95 -24.15
CA PHE C 412 -47.20 -21.52 -23.64
C PHE C 412 -47.10 -21.20 -22.15
N TYR C 413 -48.11 -20.47 -21.65
CA TYR C 413 -48.18 -20.05 -20.26
C TYR C 413 -49.19 -20.95 -19.56
N ILE C 414 -49.07 -21.07 -18.22
CA ILE C 414 -50.10 -21.69 -17.40
C ILE C 414 -50.47 -20.75 -16.26
N LEU C 415 -51.72 -20.29 -16.25
CA LEU C 415 -52.23 -19.42 -15.20
C LEU C 415 -52.79 -20.25 -14.05
N PHE C 416 -52.43 -19.91 -12.82
CA PHE C 416 -52.89 -20.62 -11.65
C PHE C 416 -52.72 -19.74 -10.42
N THR C 417 -53.39 -20.09 -9.31
CA THR C 417 -53.10 -19.49 -8.01
C THR C 417 -53.08 -20.61 -6.98
N VAL C 418 -52.55 -20.28 -5.79
CA VAL C 418 -52.48 -21.20 -4.68
C VAL C 418 -53.54 -20.82 -3.66
N ASN C 419 -53.84 -21.76 -2.77
CA ASN C 419 -54.87 -21.60 -1.75
C ASN C 419 -54.21 -21.11 -0.47
N THR C 420 -52.87 -21.22 -0.38
CA THR C 420 -52.16 -20.89 0.84
C THR C 420 -50.80 -20.31 0.49
N THR C 421 -50.44 -19.21 1.15
CA THR C 421 -49.13 -18.60 0.97
C THR C 421 -48.07 -19.58 1.48
N GLY C 422 -47.05 -19.85 0.65
CA GLY C 422 -45.91 -20.64 1.10
C GLY C 422 -44.85 -20.82 0.01
N ILE C 423 -43.76 -21.53 0.33
CA ILE C 423 -42.73 -21.87 -0.64
C ILE C 423 -43.16 -23.11 -1.40
N TYR C 424 -43.14 -23.02 -2.74
CA TYR C 424 -43.52 -24.13 -3.60
C TYR C 424 -42.34 -24.54 -4.47
N LYS C 425 -42.14 -25.86 -4.58
CA LYS C 425 -41.23 -26.44 -5.56
C LYS C 425 -42.04 -26.82 -6.80
N ILE C 426 -41.58 -26.34 -7.96
CA ILE C 426 -42.30 -26.53 -9.19
C ILE C 426 -41.31 -27.01 -10.24
N ASN C 427 -41.71 -28.05 -10.98
CA ASN C 427 -40.84 -28.68 -11.96
C ASN C 427 -41.65 -29.58 -12.89
N ALA C 428 -41.07 -29.85 -14.07
CA ALA C 428 -41.58 -30.88 -14.98
C ALA C 428 -40.91 -32.21 -14.65
N GLN C 429 -41.33 -33.28 -15.34
CA GLN C 429 -40.82 -34.61 -15.01
C GLN C 429 -39.34 -34.69 -15.37
N ASN C 430 -38.55 -35.16 -14.40
CA ASN C 430 -37.11 -35.27 -14.52
C ASN C 430 -36.47 -33.89 -14.64
N ASN C 431 -37.21 -32.86 -14.22
CA ASN C 431 -36.74 -31.49 -14.25
C ASN C 431 -36.44 -31.01 -15.67
N LEU C 432 -37.05 -31.66 -16.68
CA LEU C 432 -36.98 -31.22 -18.07
C LEU C 432 -38.40 -31.09 -18.61
N PRO C 433 -38.79 -29.98 -19.29
CA PRO C 433 -37.92 -28.84 -19.56
C PRO C 433 -37.75 -27.90 -18.38
N SER C 434 -36.83 -26.93 -18.55
CA SER C 434 -36.70 -25.83 -17.60
C SER C 434 -37.91 -24.92 -17.72
N LEU C 435 -38.41 -24.47 -16.57
CA LEU C 435 -39.60 -23.64 -16.50
C LEU C 435 -39.23 -22.23 -16.05
N LYS C 436 -40.15 -21.30 -16.35
CA LYS C 436 -40.09 -19.96 -15.80
C LYS C 436 -41.43 -19.64 -15.15
N ILE C 437 -41.36 -18.87 -14.07
CA ILE C 437 -42.56 -18.45 -13.35
C ILE C 437 -42.58 -16.93 -13.27
N TYR C 438 -43.72 -16.35 -13.64
CA TYR C 438 -43.98 -14.93 -13.59
C TYR C 438 -45.16 -14.68 -12.65
N GLU C 439 -45.16 -13.48 -12.05
CA GLU C 439 -46.26 -12.97 -11.28
C GLU C 439 -47.09 -12.01 -12.14
N ALA C 440 -48.41 -12.21 -12.23
CA ALA C 440 -49.29 -11.21 -12.83
C ALA C 440 -49.42 -10.03 -11.87
N ILE C 441 -49.21 -8.81 -12.39
CA ILE C 441 -48.93 -7.66 -11.55
C ILE C 441 -50.25 -7.07 -11.07
N GLY C 442 -50.42 -7.02 -9.74
CA GLY C 442 -51.61 -6.45 -9.15
C GLY C 442 -52.81 -7.39 -9.29
N SER C 443 -52.53 -8.69 -9.26
CA SER C 443 -53.56 -9.69 -9.46
C SER C 443 -54.22 -9.97 -8.13
N GLY C 444 -55.53 -10.25 -8.16
CA GLY C 444 -56.25 -10.80 -7.02
C GLY C 444 -56.42 -9.79 -5.89
N ASN C 445 -56.64 -8.54 -6.25
CA ASN C 445 -57.21 -7.57 -5.32
C ASN C 445 -58.67 -7.34 -5.71
N ARG C 446 -59.18 -8.13 -6.66
CA ARG C 446 -60.43 -7.79 -7.31
C ARG C 446 -61.41 -8.91 -7.02
N ASN C 447 -61.91 -9.55 -8.10
CA ASN C 447 -62.83 -10.67 -7.98
C ASN C 447 -62.11 -11.85 -7.31
N PHE C 448 -62.80 -12.48 -6.37
CA PHE C 448 -62.26 -13.59 -5.61
C PHE C 448 -63.31 -14.71 -5.56
N GLN C 449 -62.85 -15.97 -5.59
CA GLN C 449 -63.70 -17.10 -5.26
C GLN C 449 -62.90 -18.16 -4.50
N SER C 450 -63.37 -18.50 -3.29
CA SER C 450 -62.65 -19.41 -2.42
C SER C 450 -62.15 -20.62 -3.22
N GLY C 451 -60.81 -20.79 -3.27
CA GLY C 451 -60.18 -21.99 -3.79
C GLY C 451 -60.33 -22.13 -5.31
N ASN C 452 -60.59 -21.02 -5.99
CA ASN C 452 -60.64 -21.02 -7.44
C ASN C 452 -59.85 -19.83 -7.96
N LEU C 453 -59.45 -19.96 -9.24
CA LEU C 453 -58.78 -18.90 -9.95
C LEU C 453 -59.83 -17.95 -10.51
N CYS C 454 -59.57 -16.66 -10.33
CA CYS C 454 -60.29 -15.61 -11.04
C CYS C 454 -59.32 -14.98 -12.02
N ASP C 455 -59.73 -14.90 -13.30
CA ASP C 455 -58.95 -14.18 -14.30
C ASP C 455 -59.23 -12.69 -14.17
N ASP C 456 -58.21 -11.89 -13.81
CA ASP C 456 -58.31 -10.43 -13.75
C ASP C 456 -57.97 -9.84 -15.11
N ASP C 457 -57.57 -10.70 -16.07
CA ASP C 457 -57.18 -10.30 -17.40
C ASP C 457 -55.97 -9.38 -17.33
N ILE C 458 -54.94 -9.81 -16.57
CA ILE C 458 -53.69 -9.07 -16.45
C ILE C 458 -52.64 -9.79 -17.30
N LYS C 459 -52.18 -9.11 -18.36
CA LYS C 459 -51.15 -9.62 -19.23
C LYS C 459 -49.80 -9.05 -18.83
N ALA C 460 -49.79 -8.19 -17.80
CA ALA C 460 -48.57 -7.57 -17.27
C ALA C 460 -47.94 -8.51 -16.26
N ILE C 461 -46.73 -8.98 -16.58
CA ILE C 461 -46.12 -10.10 -15.89
C ILE C 461 -44.78 -9.65 -15.34
N ASN C 462 -44.41 -10.21 -14.19
CA ASN C 462 -43.23 -9.82 -13.45
C ASN C 462 -42.40 -11.08 -13.23
N TYR C 463 -41.33 -11.24 -14.03
CA TYR C 463 -40.50 -12.44 -14.01
C TYR C 463 -39.96 -12.61 -12.61
N ILE C 464 -40.00 -13.86 -12.13
CA ILE C 464 -39.52 -14.18 -10.79
C ILE C 464 -38.19 -14.91 -10.96
N THR C 465 -38.26 -16.10 -11.58
CA THR C 465 -37.09 -16.94 -11.78
C THR C 465 -37.43 -17.97 -12.84
N GLY C 466 -36.37 -18.57 -13.41
CA GLY C 466 -36.52 -19.55 -14.48
C GLY C 466 -35.49 -19.28 -15.57
N PHE C 467 -35.23 -20.29 -16.40
CA PHE C 467 -34.25 -20.21 -17.47
C PHE C 467 -34.90 -20.56 -18.80
N ASP C 468 -34.27 -20.09 -19.88
CA ASP C 468 -34.74 -20.32 -21.25
C ASP C 468 -34.15 -21.61 -21.80
N SER C 469 -32.87 -21.89 -21.57
CA SER C 469 -32.21 -23.10 -22.04
C SER C 469 -33.12 -24.31 -21.87
N PRO C 470 -33.83 -24.74 -22.93
CA PRO C 470 -34.87 -25.76 -22.77
C PRO C 470 -34.33 -27.16 -22.46
N ASN C 471 -33.00 -27.31 -22.57
CA ASN C 471 -32.31 -28.58 -22.39
C ASN C 471 -31.50 -28.63 -21.10
N ALA C 472 -31.56 -27.58 -20.27
CA ALA C 472 -30.98 -27.62 -18.94
C ALA C 472 -32.03 -28.11 -17.94
N LYS C 473 -31.69 -29.14 -17.16
CA LYS C 473 -32.55 -29.65 -16.11
C LYS C 473 -32.56 -28.65 -14.95
N SER C 474 -33.77 -28.32 -14.45
CA SER C 474 -33.92 -27.43 -13.30
C SER C 474 -35.29 -27.60 -12.65
N TYR C 475 -35.39 -27.11 -11.41
CA TYR C 475 -36.65 -26.96 -10.70
C TYR C 475 -36.65 -25.60 -10.00
N LEU C 476 -37.85 -25.12 -9.66
CA LEU C 476 -38.06 -23.78 -9.12
C LEU C 476 -38.39 -23.87 -7.64
N VAL C 477 -37.87 -22.91 -6.86
CA VAL C 477 -38.23 -22.77 -5.46
C VAL C 477 -38.64 -21.32 -5.23
N VAL C 478 -39.96 -21.11 -5.13
CA VAL C 478 -40.57 -19.78 -5.15
C VAL C 478 -41.53 -19.63 -3.98
N LEU C 479 -41.56 -18.43 -3.40
CA LEU C 479 -42.59 -18.01 -2.47
C LEU C 479 -43.82 -17.61 -3.27
N LEU C 480 -44.93 -18.31 -3.10
CA LEU C 480 -46.17 -17.95 -3.78
C LEU C 480 -47.17 -17.41 -2.77
N ASN C 481 -47.91 -16.38 -3.19
CA ASN C 481 -48.87 -15.69 -2.33
C ASN C 481 -50.28 -16.09 -2.74
N LYS C 482 -51.15 -16.33 -1.74
CA LYS C 482 -52.43 -16.96 -1.95
C LYS C 482 -53.35 -16.11 -2.84
N ASP C 483 -53.15 -14.78 -2.75
CA ASP C 483 -54.04 -13.82 -3.38
C ASP C 483 -53.52 -13.36 -4.74
N LYS C 484 -52.36 -13.84 -5.16
CA LYS C 484 -51.83 -13.49 -6.47
C LYS C 484 -52.13 -14.59 -7.46
N ASN C 485 -52.13 -14.24 -8.75
CA ASN C 485 -52.04 -15.18 -9.84
C ASN C 485 -50.59 -15.28 -10.31
N TYR C 486 -50.20 -16.44 -10.82
CA TYR C 486 -48.87 -16.63 -11.39
C TYR C 486 -49.01 -17.28 -12.76
N TYR C 487 -48.02 -17.02 -13.62
CA TYR C 487 -47.89 -17.65 -14.93
C TYR C 487 -46.64 -18.53 -14.94
N ILE C 488 -46.80 -19.83 -15.19
CA ILE C 488 -45.69 -20.71 -15.52
C ILE C 488 -45.50 -20.60 -17.03
N ARG C 489 -44.25 -20.46 -17.49
CA ARG C 489 -44.00 -20.51 -18.93
C ARG C 489 -43.23 -21.77 -19.26
N VAL C 490 -43.84 -22.58 -20.15
CA VAL C 490 -43.27 -23.81 -20.65
C VAL C 490 -42.64 -23.53 -22.01
N PRO C 491 -41.33 -23.78 -22.21
CA PRO C 491 -40.66 -23.43 -23.47
C PRO C 491 -40.88 -24.44 -24.59
N GLN C 492 -40.31 -24.15 -25.76
CA GLN C 492 -40.36 -25.06 -26.90
C GLN C 492 -39.38 -26.22 -26.68
N THR C 493 -39.87 -27.46 -26.79
CA THR C 493 -39.00 -28.63 -26.75
C THR C 493 -39.26 -29.50 -27.97
N SER C 494 -38.22 -30.26 -28.35
CA SER C 494 -38.25 -31.18 -29.47
C SER C 494 -38.58 -32.61 -29.02
N SER C 495 -38.87 -32.81 -27.73
CA SER C 495 -39.33 -34.09 -27.22
C SER C 495 -40.84 -34.21 -27.37
N ASN C 496 -41.33 -35.42 -27.66
CA ASN C 496 -42.74 -35.70 -27.78
C ASN C 496 -43.22 -36.50 -26.57
N ILE C 497 -42.45 -36.45 -25.48
CA ILE C 497 -42.68 -37.26 -24.28
C ILE C 497 -43.86 -36.69 -23.50
N GLU C 498 -44.82 -37.52 -23.08
CA GLU C 498 -45.93 -37.04 -22.25
C GLU C 498 -45.37 -36.56 -20.91
N ASN C 499 -45.39 -35.25 -20.68
CA ASN C 499 -44.72 -34.63 -19.54
C ASN C 499 -45.78 -34.23 -18.52
N GLN C 500 -45.34 -33.72 -17.36
CA GLN C 500 -46.23 -33.22 -16.33
C GLN C 500 -45.51 -32.17 -15.49
N ILE C 501 -46.17 -31.07 -15.15
CA ILE C 501 -45.61 -30.13 -14.19
C ILE C 501 -46.13 -30.48 -12.80
N LYS C 502 -45.21 -30.48 -11.82
CA LYS C 502 -45.52 -30.89 -10.46
C LYS C 502 -45.33 -29.69 -9.54
N PHE C 503 -46.35 -29.43 -8.70
CA PHE C 503 -46.29 -28.39 -7.69
C PHE C 503 -46.34 -29.06 -6.31
N LYS C 504 -45.42 -28.67 -5.43
CA LYS C 504 -45.40 -29.19 -4.07
C LYS C 504 -45.09 -28.06 -3.11
N ARG C 505 -45.95 -27.88 -2.11
CA ARG C 505 -45.67 -26.97 -1.01
C ARG C 505 -44.49 -27.55 -0.24
N GLU C 506 -43.47 -26.73 0.03
CA GLU C 506 -42.30 -27.16 0.76
C GLU C 506 -42.25 -26.51 2.13
N GLU C 507 -42.52 -27.31 3.16
CA GLU C 507 -42.16 -26.98 4.52
C GLU C 507 -40.91 -27.80 4.84
N GLY C 508 -39.80 -27.48 4.18
CA GLY C 508 -38.55 -28.20 4.38
C GLY C 508 -37.40 -27.22 4.61
N ASP C 509 -36.20 -27.69 4.26
CA ASP C 509 -35.02 -26.84 4.18
C ASP C 509 -34.91 -26.21 2.80
N LEU C 510 -35.62 -26.77 1.82
CA LEU C 510 -35.63 -26.26 0.46
C LEU C 510 -36.14 -24.82 0.44
N ARG C 511 -36.70 -24.36 1.56
CA ARG C 511 -37.13 -22.98 1.68
C ARG C 511 -35.93 -22.02 1.67
N ASN C 512 -34.71 -22.52 1.92
CA ASN C 512 -33.53 -21.66 1.92
C ASN C 512 -33.18 -21.29 0.49
N LEU C 513 -33.74 -22.00 -0.49
CA LEU C 513 -33.49 -21.72 -1.89
C LEU C 513 -34.57 -20.79 -2.43
N MET C 514 -35.15 -19.96 -1.56
CA MET C 514 -36.35 -19.21 -1.91
C MET C 514 -36.05 -18.21 -3.02
N ASN C 515 -36.89 -18.26 -4.07
CA ASN C 515 -36.78 -17.42 -5.25
C ASN C 515 -35.48 -17.74 -5.96
N SER C 516 -35.41 -18.99 -6.44
CA SER C 516 -34.27 -19.46 -7.19
C SER C 516 -34.72 -20.61 -8.10
N SER C 517 -34.08 -20.70 -9.27
CA SER C 517 -34.07 -21.91 -10.06
C SER C 517 -32.88 -22.75 -9.62
N VAL C 518 -33.06 -24.08 -9.59
CA VAL C 518 -32.00 -24.99 -9.19
C VAL C 518 -31.66 -25.82 -10.42
N ASN C 519 -30.44 -25.62 -10.94
CA ASN C 519 -29.90 -26.44 -12.02
C ASN C 519 -29.50 -27.82 -11.49
N ILE C 520 -29.83 -28.87 -12.24
CA ILE C 520 -29.29 -30.18 -11.95
C ILE C 520 -28.05 -30.42 -12.82
N ILE C 521 -26.90 -30.56 -12.16
CA ILE C 521 -25.69 -31.10 -12.74
C ILE C 521 -25.63 -32.61 -12.46
N ASP C 522 -25.95 -33.43 -13.47
CA ASP C 522 -25.84 -34.88 -13.39
C ASP C 522 -24.52 -35.30 -14.05
N ASN C 523 -23.91 -34.28 -14.66
CA ASN C 523 -22.92 -34.32 -15.72
C ASN C 523 -21.57 -34.83 -15.23
N LEU C 524 -21.11 -34.37 -14.05
CA LEU C 524 -19.78 -34.68 -13.54
C LEU C 524 -19.63 -36.19 -13.48
N ASN C 525 -18.86 -36.75 -14.42
CA ASN C 525 -18.66 -38.19 -14.54
C ASN C 525 -17.21 -38.53 -14.15
N SER C 526 -16.42 -37.51 -13.80
CA SER C 526 -14.98 -37.65 -13.63
C SER C 526 -14.37 -36.38 -13.04
N THR C 527 -13.04 -36.37 -12.90
CA THR C 527 -12.29 -35.17 -12.56
C THR C 527 -12.15 -34.27 -13.78
N GLY C 528 -11.47 -33.13 -13.60
CA GLY C 528 -11.17 -32.18 -14.66
C GLY C 528 -11.86 -30.83 -14.46
N ALA C 529 -11.92 -30.02 -15.53
CA ALA C 529 -12.66 -28.77 -15.50
C ALA C 529 -14.07 -28.98 -16.05
N HIS C 530 -14.99 -28.13 -15.60
CA HIS C 530 -16.36 -28.07 -16.09
C HIS C 530 -16.87 -26.65 -15.89
N TYR C 531 -17.66 -26.13 -16.83
CA TYR C 531 -18.27 -24.83 -16.62
C TYR C 531 -19.73 -24.89 -17.07
N TYR C 532 -20.54 -23.94 -16.57
CA TYR C 532 -21.98 -23.95 -16.79
C TYR C 532 -22.49 -22.52 -16.94
N THR C 533 -22.75 -22.12 -18.18
CA THR C 533 -23.21 -20.79 -18.49
C THR C 533 -24.74 -20.75 -18.38
N ARG C 534 -25.22 -19.74 -17.65
CA ARG C 534 -26.65 -19.53 -17.47
C ARG C 534 -26.92 -18.03 -17.54
N GLN C 535 -28.20 -17.66 -17.71
CA GLN C 535 -28.63 -16.27 -17.65
C GLN C 535 -28.48 -15.79 -16.20
N SER C 536 -27.68 -14.74 -16.00
CA SER C 536 -27.40 -14.29 -14.64
C SER C 536 -28.65 -13.65 -14.05
N PRO C 537 -28.97 -13.96 -12.78
CA PRO C 537 -29.92 -13.13 -12.04
C PRO C 537 -29.39 -11.72 -11.89
N ASP C 538 -30.30 -10.82 -11.52
CA ASP C 538 -29.98 -9.44 -11.24
C ASP C 538 -29.24 -9.38 -9.91
N VAL C 539 -28.67 -8.22 -9.59
CA VAL C 539 -28.08 -8.03 -8.27
C VAL C 539 -29.12 -8.43 -7.22
N HIS C 540 -28.72 -9.31 -6.30
CA HIS C 540 -29.51 -9.65 -5.12
C HIS C 540 -30.61 -10.68 -5.44
N ASP C 541 -30.69 -11.12 -6.71
CA ASP C 541 -31.48 -12.29 -7.08
C ASP C 541 -30.58 -13.53 -7.00
N TYR C 542 -31.20 -14.72 -7.13
CA TYR C 542 -30.53 -15.96 -6.79
C TYR C 542 -30.51 -16.93 -7.96
N ILE C 543 -29.47 -17.77 -7.99
CA ILE C 543 -29.40 -18.93 -8.85
C ILE C 543 -28.70 -20.04 -8.07
N SER C 544 -29.24 -21.27 -8.20
CA SER C 544 -28.79 -22.41 -7.41
C SER C 544 -28.38 -23.56 -8.32
N TYR C 545 -27.49 -24.41 -7.82
CA TYR C 545 -26.92 -25.50 -8.60
C TYR C 545 -26.84 -26.74 -7.71
N GLU C 546 -27.47 -27.84 -8.17
CA GLU C 546 -27.48 -29.12 -7.45
C GLU C 546 -26.63 -30.12 -8.22
N PHE C 547 -25.54 -30.59 -7.61
CA PHE C 547 -24.52 -31.36 -8.29
C PHE C 547 -24.09 -32.54 -7.43
N THR C 548 -23.88 -33.68 -8.11
CA THR C 548 -23.45 -34.92 -7.49
C THR C 548 -21.98 -35.16 -7.80
N ILE C 549 -21.17 -35.33 -6.75
CA ILE C 549 -19.73 -35.47 -6.91
C ILE C 549 -19.47 -36.81 -7.60
N PRO C 550 -18.56 -36.86 -8.59
CA PRO C 550 -18.20 -38.13 -9.23
C PRO C 550 -17.76 -39.20 -8.25
N GLY C 551 -18.15 -40.46 -8.53
CA GLY C 551 -17.66 -41.61 -7.80
C GLY C 551 -18.77 -42.30 -7.02
N ASN C 552 -18.40 -43.37 -6.30
CA ASN C 552 -19.32 -44.11 -5.46
C ASN C 552 -19.22 -43.58 -4.03
N PHE C 553 -20.37 -43.53 -3.34
CA PHE C 553 -20.45 -42.95 -2.01
C PHE C 553 -20.00 -43.98 -0.98
N ASN C 554 -18.94 -43.68 -0.24
CA ASN C 554 -18.59 -44.53 0.89
C ASN C 554 -18.52 -43.71 2.18
N ASN C 555 -18.71 -42.40 2.10
CA ASN C 555 -18.72 -41.57 3.28
C ASN C 555 -17.31 -41.40 3.84
N LYS C 556 -16.30 -41.62 3.00
CA LYS C 556 -14.92 -41.35 3.39
C LYS C 556 -14.17 -40.76 2.19
N ASP C 557 -14.23 -41.44 1.04
CA ASP C 557 -13.61 -41.00 -0.20
C ASP C 557 -14.19 -39.65 -0.62
N THR C 558 -13.30 -38.64 -0.76
CA THR C 558 -13.68 -37.30 -1.18
C THR C 558 -13.03 -37.02 -2.55
N SER C 559 -13.34 -35.84 -3.11
CA SER C 559 -12.63 -35.29 -4.24
C SER C 559 -12.53 -33.78 -4.04
N ASN C 560 -11.53 -33.12 -4.64
CA ASN C 560 -11.28 -31.71 -4.41
C ASN C 560 -11.99 -30.89 -5.48
N ILE C 561 -13.04 -30.16 -5.07
CA ILE C 561 -13.84 -29.35 -5.98
C ILE C 561 -13.52 -27.87 -5.75
N ARG C 562 -13.30 -27.16 -6.86
CA ARG C 562 -13.09 -25.73 -6.89
C ARG C 562 -14.28 -25.06 -7.57
N LEU C 563 -14.93 -24.14 -6.84
CA LEU C 563 -16.17 -23.53 -7.27
C LEU C 563 -15.97 -22.02 -7.45
N TYR C 564 -16.23 -21.53 -8.67
CA TYR C 564 -16.00 -20.12 -8.96
C TYR C 564 -16.82 -19.69 -10.18
N THR C 565 -17.05 -18.37 -10.27
CA THR C 565 -17.66 -17.75 -11.43
C THR C 565 -16.58 -17.07 -12.25
N SER C 566 -16.97 -16.63 -13.45
CA SER C 566 -16.00 -16.18 -14.45
C SER C 566 -16.08 -14.67 -14.61
N TYR C 567 -17.30 -14.11 -14.69
CA TYR C 567 -17.49 -12.69 -15.00
C TYR C 567 -18.14 -11.96 -13.83
N ASN C 568 -19.20 -12.54 -13.27
CA ASN C 568 -19.99 -11.85 -12.25
C ASN C 568 -19.54 -12.28 -10.85
N GLN C 569 -19.60 -11.32 -9.93
CA GLN C 569 -19.37 -11.59 -8.52
C GLN C 569 -20.65 -12.13 -7.89
N GLY C 570 -20.47 -13.11 -7.01
CA GLY C 570 -21.59 -13.69 -6.30
C GLY C 570 -21.21 -14.24 -4.93
N ILE C 571 -22.14 -14.08 -3.98
CA ILE C 571 -22.03 -14.73 -2.69
C ILE C 571 -22.62 -16.12 -2.82
N GLY C 572 -21.83 -17.12 -2.45
CA GLY C 572 -22.22 -18.50 -2.60
C GLY C 572 -22.43 -19.15 -1.24
N THR C 573 -23.60 -19.71 -1.01
CA THR C 573 -23.84 -20.56 0.15
C THR C 573 -23.96 -22.00 -0.33
N LEU C 574 -23.22 -22.91 0.31
CA LEU C 574 -23.16 -24.29 -0.15
C LEU C 574 -23.83 -25.22 0.87
N PHE C 575 -24.64 -26.13 0.36
CA PHE C 575 -25.35 -27.10 1.18
C PHE C 575 -24.95 -28.52 0.76
N ARG C 576 -25.03 -29.45 1.71
CA ARG C 576 -24.92 -30.87 1.43
C ARG C 576 -26.29 -31.50 1.65
N VAL C 577 -26.81 -32.14 0.59
CA VAL C 577 -28.14 -32.75 0.64
C VAL C 577 -27.98 -34.12 1.27
N THR C 578 -28.80 -34.40 2.29
CA THR C 578 -28.73 -35.68 3.00
C THR C 578 -30.13 -36.28 3.06
N GLU C 579 -30.41 -37.19 2.12
CA GLU C 579 -31.70 -37.87 2.04
C GLU C 579 -31.52 -39.33 2.45
N THR C 580 -32.20 -39.75 3.53
CA THR C 580 -31.91 -41.01 4.19
C THR C 580 -33.17 -41.84 4.28
N ASP C 582 -35.59 -41.52 6.29
CA ASP C 582 -35.82 -40.67 7.49
C ASP C 582 -36.27 -39.28 7.07
N GLY C 583 -35.51 -38.63 6.18
CA GLY C 583 -35.89 -37.33 5.65
C GLY C 583 -34.71 -36.73 4.89
N TYR C 584 -34.90 -35.51 4.31
CA TYR C 584 -33.86 -34.77 3.61
C TYR C 584 -33.59 -33.46 4.36
N ASN C 585 -32.31 -33.12 4.54
CA ASN C 585 -31.87 -31.84 5.09
C ASN C 585 -30.93 -31.15 4.12
N LEU C 586 -30.78 -29.84 4.31
CA LEU C 586 -29.64 -29.11 3.78
C LEU C 586 -28.70 -28.72 4.92
N ILE C 587 -27.45 -29.20 4.83
CA ILE C 587 -26.44 -28.93 5.85
C ILE C 587 -25.51 -27.87 5.28
N ASN C 588 -25.29 -26.78 6.04
CA ASN C 588 -24.58 -25.62 5.53
C ASN C 588 -23.07 -25.80 5.69
N ILE C 589 -22.33 -25.77 4.56
CA ILE C 589 -20.92 -26.13 4.55
C ILE C 589 -20.04 -24.89 4.41
N GLN C 590 -20.42 -23.96 3.52
CA GLN C 590 -19.64 -22.74 3.28
C GLN C 590 -20.60 -21.58 2.99
N GLN C 591 -20.31 -20.39 3.54
CA GLN C 591 -21.33 -19.37 3.79
C GLN C 591 -21.17 -18.05 3.02
N ASN C 592 -20.05 -17.33 3.14
CA ASN C 592 -19.95 -16.03 2.47
C ASN C 592 -18.93 -16.07 1.34
N LEU C 593 -18.84 -17.21 0.65
CA LEU C 593 -17.91 -17.43 -0.44
C LEU C 593 -18.15 -16.41 -1.54
N ASN C 594 -17.18 -15.52 -1.80
CA ASN C 594 -17.21 -14.71 -3.02
C ASN C 594 -16.47 -15.49 -4.09
N LEU C 595 -17.13 -15.67 -5.25
CA LEU C 595 -16.85 -16.74 -6.20
C LEU C 595 -16.07 -16.21 -7.39
N LEU C 596 -16.12 -14.91 -7.65
CA LEU C 596 -15.50 -14.34 -8.84
C LEU C 596 -13.99 -14.66 -8.86
N ASN C 597 -13.60 -15.48 -9.84
CA ASN C 597 -12.24 -15.98 -10.02
C ASN C 597 -11.65 -16.44 -8.69
N SER C 598 -12.40 -17.29 -7.98
CA SER C 598 -12.00 -17.82 -6.69
C SER C 598 -10.95 -18.91 -6.92
N THR C 599 -10.13 -19.14 -5.90
CA THR C 599 -9.12 -20.20 -5.94
C THR C 599 -9.27 -21.12 -4.73
N LYS C 600 -10.29 -20.88 -3.89
CA LYS C 600 -10.56 -21.75 -2.75
C LYS C 600 -11.15 -23.05 -3.25
N SER C 601 -10.84 -24.14 -2.55
CA SER C 601 -11.24 -25.48 -2.95
C SER C 601 -11.68 -26.23 -1.70
N ILE C 602 -12.65 -27.12 -1.89
CA ILE C 602 -13.33 -27.83 -0.82
C ILE C 602 -13.40 -29.28 -1.26
N ARG C 603 -12.85 -30.18 -0.42
CA ARG C 603 -12.93 -31.61 -0.62
C ARG C 603 -14.32 -32.07 -0.18
N LEU C 604 -15.09 -32.64 -1.12
CA LEU C 604 -16.48 -33.01 -0.92
C LEU C 604 -16.60 -34.51 -1.14
N LEU C 605 -17.59 -35.11 -0.48
CA LEU C 605 -17.74 -36.55 -0.51
C LEU C 605 -18.19 -36.98 -1.90
N ASN C 606 -17.50 -37.99 -2.44
CA ASN C 606 -17.82 -38.52 -3.75
C ASN C 606 -19.20 -39.18 -3.72
N GLY C 607 -19.89 -39.11 -4.86
CA GLY C 607 -21.23 -39.65 -5.01
C GLY C 607 -22.24 -39.05 -4.01
N ALA C 608 -22.00 -37.81 -3.56
CA ALA C 608 -22.88 -37.11 -2.63
C ALA C 608 -23.45 -35.85 -3.29
N ILE C 609 -24.72 -35.54 -2.99
CA ILE C 609 -25.38 -34.42 -3.64
C ILE C 609 -25.11 -33.15 -2.83
N TYR C 610 -24.84 -32.03 -3.52
CA TYR C 610 -24.67 -30.72 -2.90
C TYR C 610 -25.46 -29.66 -3.65
N ILE C 611 -25.85 -28.58 -2.96
CA ILE C 611 -26.51 -27.47 -3.62
C ILE C 611 -25.79 -26.18 -3.28
N LEU C 612 -25.41 -25.43 -4.32
CA LEU C 612 -24.85 -24.11 -4.19
C LEU C 612 -25.91 -23.07 -4.54
N LYS C 613 -26.19 -22.16 -3.59
CA LYS C 613 -27.01 -21.00 -3.87
C LYS C 613 -26.08 -19.79 -4.06
N VAL C 614 -26.35 -19.01 -5.12
CA VAL C 614 -25.51 -17.89 -5.50
C VAL C 614 -26.37 -16.62 -5.54
N GLU C 615 -25.90 -15.58 -4.85
CA GLU C 615 -26.47 -14.25 -4.91
C GLU C 615 -25.59 -13.35 -5.78
N VAL C 616 -26.11 -12.90 -6.92
CA VAL C 616 -25.40 -11.96 -7.79
C VAL C 616 -25.28 -10.62 -7.06
N THR C 617 -24.03 -10.14 -6.93
CA THR C 617 -23.78 -8.86 -6.27
C THR C 617 -23.16 -7.84 -7.24
N GLU C 618 -22.61 -8.31 -8.37
CA GLU C 618 -22.01 -7.45 -9.37
C GLU C 618 -22.32 -7.99 -10.76
N LEU C 619 -23.30 -7.37 -11.42
CA LEU C 619 -23.76 -7.81 -12.72
C LEU C 619 -22.88 -7.18 -13.80
N ASN C 620 -21.84 -7.91 -14.21
CA ASN C 620 -20.92 -7.45 -15.23
C ASN C 620 -21.26 -8.08 -16.57
N ASN C 621 -21.95 -9.22 -16.56
CA ASN C 621 -22.29 -9.89 -17.80
C ASN C 621 -23.72 -10.45 -17.69
N TYR C 622 -24.44 -10.44 -18.82
CA TYR C 622 -25.74 -11.08 -18.96
C TYR C 622 -25.70 -12.51 -18.44
N ASN C 623 -24.63 -13.24 -18.74
CA ASN C 623 -24.49 -14.63 -18.35
C ASN C 623 -23.67 -14.75 -17.07
N ILE C 624 -23.97 -15.81 -16.30
CA ILE C 624 -23.11 -16.24 -15.21
C ILE C 624 -22.60 -17.65 -15.55
N LYS C 625 -21.28 -17.73 -15.72
CA LYS C 625 -20.60 -18.98 -16.00
C LYS C 625 -20.07 -19.52 -14.67
N LEU C 626 -20.43 -20.77 -14.34
CA LEU C 626 -20.07 -21.38 -13.08
C LEU C 626 -19.09 -22.52 -13.37
N HIS C 627 -17.93 -22.43 -12.73
CA HIS C 627 -16.88 -23.42 -12.87
C HIS C 627 -16.94 -24.39 -11.70
N ILE C 628 -16.94 -25.69 -12.02
CA ILE C 628 -16.76 -26.76 -11.06
C ILE C 628 -15.56 -27.59 -11.53
N ASP C 629 -14.38 -27.33 -10.95
CA ASP C 629 -13.15 -28.00 -11.34
C ASP C 629 -12.76 -29.03 -10.30
N ILE C 630 -12.58 -30.30 -10.70
CA ILE C 630 -12.48 -31.43 -9.79
C ILE C 630 -11.08 -32.05 -9.87
N THR C 631 -10.56 -32.50 -8.72
CA THR C 631 -9.19 -32.98 -8.58
C THR C 631 -9.21 -34.32 -7.83
N ASN C 632 -8.10 -34.71 -7.17
CA ASN C 632 -8.09 -35.85 -6.28
C ASN C 632 -7.26 -35.53 -5.03
C1 GLC D . 13.78 -4.00 -19.80
C2 GLC D . 13.19 -2.65 -19.44
C3 GLC D . 14.27 -1.62 -19.23
C4 GLC D . 15.39 -2.14 -18.33
C5 GLC D . 15.91 -3.49 -18.84
C6 GLC D . 15.72 -4.61 -17.84
O1 GLC D . 13.17 -4.51 -20.93
O2 GLC D . 12.29 -2.23 -20.45
O3 GLC D . 13.70 -0.46 -18.63
O4 GLC D . 16.45 -1.21 -18.37
O5 GLC D . 15.19 -3.87 -20.02
O6 GLC D . 16.66 -4.51 -16.76
C1 GAL D . 17.25 -1.14 -17.24
C2 GAL D . 18.46 -0.27 -17.51
C3 GAL D . 19.28 -0.16 -16.25
C4 GAL D . 18.43 0.37 -15.11
C5 GAL D . 17.29 -0.59 -14.90
C6 GAL D . 16.34 -0.18 -13.79
O2 GAL D . 19.22 -0.82 -18.57
O3 GAL D . 20.48 0.62 -16.43
O4 GAL D . 17.93 1.65 -15.44
O5 GAL D . 16.51 -0.65 -16.11
O6 GAL D . 15.52 -1.27 -13.39
C1 SIA D . 21.73 0.09 -14.46
C2 SIA D . 21.77 0.13 -15.98
C3 SIA D . 22.90 1.02 -16.43
C4 SIA D . 23.68 0.38 -17.56
C5 SIA D . 24.24 -0.96 -17.13
C6 SIA D . 23.27 -1.69 -16.21
C7 SIA D . 23.19 -3.17 -16.55
C8 SIA D . 21.93 -3.80 -15.99
C9 SIA D . 21.92 -5.31 -16.06
C10 SIA D . 26.65 -1.29 -17.01
C11 SIA D . 27.93 -0.78 -16.43
N5 SIA D . 25.53 -0.81 -16.48
O1A SIA D . 22.04 1.08 -13.87
O1B SIA D . 21.39 -0.90 -13.87
O4 SIA D . 22.81 0.20 -18.67
O6 SIA D . 21.94 -1.19 -16.48
O7 SIA D . 23.23 -3.34 -17.96
O8 SIA D . 21.77 -3.39 -14.64
O9 SIA D . 20.68 -5.85 -15.61
O10 SIA D . 26.63 -2.09 -17.94
C1 GLC E . -30.11 -26.71 -27.13
C2 GLC E . -29.78 -25.27 -27.42
C3 GLC E . -28.34 -24.97 -27.12
C4 GLC E . -27.96 -25.41 -25.73
C5 GLC E . -28.36 -26.87 -25.49
C6 GLC E . -28.18 -27.32 -24.06
O1 GLC E . -29.40 -27.52 -28.00
O2 GLC E . -30.07 -24.98 -28.79
O3 GLC E . -28.10 -23.56 -27.25
O4 GLC E . -26.55 -25.27 -25.60
O5 GLC E . -29.76 -27.02 -25.78
O6 GLC E . -26.90 -27.90 -23.86
C1 GAL E . -26.07 -24.69 -24.44
C2 GAL E . -24.60 -24.89 -24.31
C3 GAL E . -24.16 -24.41 -22.95
C4 GAL E . -24.60 -22.97 -22.73
C5 GAL E . -26.09 -22.88 -22.91
C6 GAL E . -26.63 -21.48 -22.76
O2 GAL E . -24.28 -26.26 -24.48
O3 GAL E . -22.74 -24.56 -22.79
O4 GAL E . -23.95 -22.12 -23.66
O5 GAL E . -26.42 -23.32 -24.24
O6 GAL E . -27.25 -21.32 -21.48
C1 SIA E . -22.22 -24.13 -20.54
C2 SIA E . -22.16 -25.19 -21.63
C3 SIA E . -20.75 -25.57 -22.01
C4 SIA E . -20.07 -26.38 -20.92
C5 SIA E . -20.98 -27.49 -20.43
C6 SIA E . -22.35 -26.95 -20.06
C7 SIA E . -23.32 -28.05 -19.65
C8 SIA E . -24.76 -27.56 -19.63
C9 SIA E . -25.65 -28.36 -18.70
C10 SIA E . -20.08 -29.45 -19.28
C11 SIA E . -19.01 -29.88 -18.33
N5 SIA E . -20.38 -28.16 -19.28
O1A SIA E . -23.17 -24.07 -19.80
O1B SIA E . -21.34 -23.33 -20.46
O4 SIA E . -18.84 -26.92 -21.40
O6 SIA E . -22.92 -26.33 -21.23
O7 SIA E . -23.21 -29.14 -20.57
O8 SIA E . -24.76 -26.20 -19.20
O9 SIA E . -27.00 -27.92 -18.78
O10 SIA E . -20.66 -30.25 -20.00
#